data_5O96
#
_entry.id   5O96
#
_cell.length_a   104.482
_cell.length_b   98.740
_cell.length_c   225.783
_cell.angle_alpha   90.00
_cell.angle_beta   91.76
_cell.angle_gamma   90.00
#
_symmetry.space_group_name_H-M   'I 1 2 1'
#
loop_
_entity.id
_entity.type
_entity.pdbx_description
1 polymer 'Ribosomal RNA small subunit methyltransferase E'
2 non-polymer S-ADENOSYLMETHIONINE
3 water water
#
_entity_poly.entity_id   1
_entity_poly.type   'polypeptide(L)'
_entity_poly.pdbx_seq_one_letter_code
;GPAVRTIRIYQPGEYQPGQLLELSPEAGQHVGVVLRMEQGEQLTLFNGDNKEFTASIERVKKKQVFVRIASVLEVNRESP
LKIHLAQAISKGERMEMVMQKSAELGVACITPLITERCQVKIDKEKMAKKMHQWLNIIIGACEQCGRNQIPELRQPVYLD
QFVREAKEHLKLILHPAFSKTWRDYPVQPPDVALIIGPEGGFSDEEIRLTSGHGFLPLSLGPRVLRTETAAITALSVLQA
AGGDL
;
_entity_poly.pdbx_strand_id   A,B,C,D,E,F,G,H
#
# COMPACT_ATOMS: atom_id res chain seq x y z
N VAL A 4 -1.29 -13.66 18.57
CA VAL A 4 -2.20 -14.44 19.40
C VAL A 4 -3.63 -14.35 18.90
N ARG A 5 -4.32 -15.48 18.91
CA ARG A 5 -5.70 -15.61 18.46
C ARG A 5 -6.66 -15.21 19.59
N THR A 6 -7.91 -14.96 19.20
CA THR A 6 -8.93 -14.56 20.15
C THR A 6 -9.54 -15.78 20.85
N ILE A 7 -9.90 -15.59 22.11
CA ILE A 7 -10.53 -16.64 22.89
C ILE A 7 -11.98 -16.77 22.47
N ARG A 8 -12.43 -18.01 22.27
CA ARG A 8 -13.81 -18.32 21.94
C ARG A 8 -14.45 -19.02 23.13
N ILE A 9 -15.68 -18.63 23.46
CA ILE A 9 -16.38 -19.16 24.62
C ILE A 9 -17.77 -19.60 24.18
N TYR A 10 -18.14 -20.83 24.52
CA TYR A 10 -19.49 -21.31 24.27
C TYR A 10 -20.43 -20.64 25.24
N GLN A 11 -21.47 -19.99 24.71
CA GLN A 11 -22.47 -19.30 25.53
C GLN A 11 -23.78 -19.35 24.76
N PRO A 12 -24.57 -20.40 24.94
CA PRO A 12 -25.81 -20.52 24.16
C PRO A 12 -26.80 -19.46 24.58
N GLY A 13 -27.87 -19.35 23.80
CA GLY A 13 -28.90 -18.36 24.04
C GLY A 13 -28.76 -17.17 23.11
N GLU A 14 -29.85 -16.41 23.01
CA GLU A 14 -29.91 -15.26 22.11
C GLU A 14 -29.64 -13.97 22.88
N TYR A 15 -28.84 -13.11 22.27
CA TYR A 15 -28.52 -11.78 22.78
C TYR A 15 -28.03 -10.94 21.60
N GLN A 16 -27.93 -9.64 21.80
CA GLN A 16 -27.66 -8.71 20.73
C GLN A 16 -26.54 -7.74 21.09
N PRO A 17 -25.95 -7.08 20.09
CA PRO A 17 -24.83 -6.17 20.37
C PRO A 17 -25.25 -4.99 21.25
N GLY A 18 -24.25 -4.41 21.90
CA GLY A 18 -24.46 -3.39 22.91
C GLY A 18 -24.94 -3.91 24.25
N GLN A 19 -25.37 -5.17 24.31
CA GLN A 19 -25.97 -5.74 25.51
C GLN A 19 -24.91 -6.27 26.46
N LEU A 20 -25.05 -5.94 27.75
CA LEU A 20 -24.22 -6.55 28.78
C LEU A 20 -24.76 -7.92 29.10
N LEU A 21 -23.89 -8.93 29.02
CA LEU A 21 -24.24 -10.32 29.26
C LEU A 21 -23.50 -10.83 30.49
N GLU A 22 -24.22 -11.49 31.38
CA GLU A 22 -23.59 -12.21 32.50
C GLU A 22 -23.28 -13.61 32.01
N LEU A 23 -22.00 -13.94 31.94
CA LEU A 23 -21.61 -15.26 31.45
C LEU A 23 -22.15 -16.34 32.37
N SER A 24 -22.50 -17.47 31.78
CA SER A 24 -22.96 -18.65 32.50
C SER A 24 -21.95 -19.06 33.57
N PRO A 25 -22.35 -19.86 34.56
CA PRO A 25 -21.40 -20.38 35.53
C PRO A 25 -20.12 -20.92 34.89
N GLU A 26 -20.25 -21.90 33.99
CA GLU A 26 -19.07 -22.52 33.42
C GLU A 26 -18.31 -21.54 32.52
N ALA A 27 -19.03 -20.79 31.70
CA ALA A 27 -18.37 -19.79 30.86
C ALA A 27 -17.59 -18.79 31.71
N GLY A 28 -18.26 -18.14 32.67
CA GLY A 28 -17.58 -17.16 33.51
C GLY A 28 -16.47 -17.76 34.34
N GLN A 29 -16.67 -18.98 34.84
CA GLN A 29 -15.61 -19.68 35.55
C GLN A 29 -14.46 -20.05 34.62
N HIS A 30 -14.75 -20.33 33.34
CA HIS A 30 -13.68 -20.53 32.37
C HIS A 30 -12.87 -19.25 32.19
N VAL A 31 -13.57 -18.13 31.90
CA VAL A 31 -12.94 -16.86 31.55
C VAL A 31 -12.20 -16.24 32.72
N GLY A 32 -12.94 -15.81 33.74
CA GLY A 32 -12.34 -15.01 34.79
C GLY A 32 -11.40 -15.81 35.68
N VAL A 33 -11.72 -17.08 35.91
CA VAL A 33 -10.99 -17.89 36.87
C VAL A 33 -9.90 -18.71 36.17
N VAL A 34 -10.28 -19.52 35.19
CA VAL A 34 -9.31 -20.42 34.57
C VAL A 34 -8.36 -19.65 33.66
N LEU A 35 -8.91 -18.76 32.83
CA LEU A 35 -8.10 -17.95 31.92
C LEU A 35 -7.56 -16.68 32.55
N ARG A 36 -8.10 -16.25 33.70
CA ARG A 36 -7.57 -15.14 34.48
C ARG A 36 -7.68 -13.81 33.73
N MET A 37 -8.71 -13.64 32.90
CA MET A 37 -8.77 -12.47 32.04
C MET A 37 -9.29 -11.26 32.81
N GLU A 38 -8.99 -10.07 32.27
CA GLU A 38 -9.23 -8.82 32.97
C GLU A 38 -10.16 -7.92 32.16
N GLN A 39 -10.57 -6.82 32.80
CA GLN A 39 -11.45 -5.85 32.15
C GLN A 39 -10.78 -5.23 30.94
N GLY A 40 -11.49 -5.25 29.81
CA GLY A 40 -11.00 -4.69 28.58
C GLY A 40 -10.43 -5.71 27.62
N GLU A 41 -10.12 -6.91 28.10
CA GLU A 41 -9.71 -8.01 27.24
C GLU A 41 -10.86 -8.40 26.30
N GLN A 42 -10.52 -9.07 25.22
CA GLN A 42 -11.49 -9.38 24.19
C GLN A 42 -11.82 -10.86 24.13
N LEU A 43 -13.00 -11.14 23.59
CA LEU A 43 -13.61 -12.47 23.56
C LEU A 43 -14.52 -12.56 22.34
N THR A 44 -14.62 -13.77 21.79
CA THR A 44 -15.68 -14.12 20.85
C THR A 44 -16.59 -15.15 21.50
N LEU A 45 -17.88 -14.86 21.54
CA LEU A 45 -18.86 -15.82 22.02
C LEU A 45 -19.59 -16.45 20.84
N PHE A 46 -19.93 -17.73 20.98
CA PHE A 46 -20.80 -18.40 20.03
C PHE A 46 -21.90 -19.13 20.79
N ASN A 47 -23.07 -19.25 20.15
CA ASN A 47 -24.30 -19.67 20.81
C ASN A 47 -24.75 -21.06 20.41
N GLY A 48 -23.92 -21.80 19.67
CA GLY A 48 -24.36 -23.08 19.17
C GLY A 48 -25.26 -23.02 17.94
N ASP A 49 -25.64 -21.82 17.48
CA ASP A 49 -26.53 -21.66 16.33
C ASP A 49 -25.81 -21.08 15.10
N ASN A 50 -24.47 -21.13 15.07
CA ASN A 50 -23.68 -20.63 13.95
C ASN A 50 -23.68 -19.10 13.87
N LYS A 51 -23.63 -18.46 15.02
CA LYS A 51 -23.41 -17.03 15.14
C LYS A 51 -22.24 -16.80 16.10
N GLU A 52 -21.43 -15.77 15.80
CA GLU A 52 -20.38 -15.33 16.70
C GLU A 52 -20.65 -13.91 17.15
N PHE A 53 -20.31 -13.64 18.41
CA PHE A 53 -20.52 -12.36 19.04
C PHE A 53 -19.18 -11.85 19.54
N THR A 54 -18.75 -10.69 19.06
CA THR A 54 -17.54 -10.04 19.56
C THR A 54 -17.85 -9.36 20.89
N ALA A 55 -16.91 -9.43 21.82
CA ALA A 55 -17.17 -8.90 23.15
C ALA A 55 -15.87 -8.53 23.84
N SER A 56 -16.03 -7.76 24.92
CA SER A 56 -14.97 -7.35 25.80
C SER A 56 -15.44 -7.55 27.24
N ILE A 57 -14.49 -7.74 28.14
CA ILE A 57 -14.81 -7.89 29.55
C ILE A 57 -14.92 -6.51 30.15
N GLU A 58 -15.98 -6.29 30.92
CA GLU A 58 -16.20 -5.01 31.59
C GLU A 58 -16.10 -5.13 33.10
N ARG A 59 -16.84 -6.05 33.71
CA ARG A 59 -16.84 -6.21 35.16
C ARG A 59 -16.57 -7.66 35.52
N VAL A 60 -15.56 -7.88 36.36
CA VAL A 60 -15.30 -9.16 36.99
C VAL A 60 -15.71 -9.04 38.46
N LYS A 61 -16.83 -9.66 38.82
CA LYS A 61 -17.34 -9.71 40.18
C LYS A 61 -17.35 -11.17 40.63
N LYS A 62 -16.35 -11.55 41.43
CA LYS A 62 -16.22 -12.91 41.98
C LYS A 62 -16.11 -13.88 40.81
N LYS A 63 -16.83 -14.99 40.79
CA LYS A 63 -16.83 -15.93 39.66
C LYS A 63 -17.70 -15.45 38.51
N GLN A 64 -18.63 -14.53 38.77
CA GLN A 64 -19.45 -13.94 37.71
C GLN A 64 -18.62 -13.02 36.82
N VAL A 65 -18.88 -13.08 35.51
CA VAL A 65 -18.20 -12.24 34.53
C VAL A 65 -19.26 -11.56 33.68
N PHE A 66 -19.12 -10.24 33.51
CA PHE A 66 -19.99 -9.46 32.65
C PHE A 66 -19.21 -9.05 31.42
N VAL A 67 -19.82 -9.21 30.25
CA VAL A 67 -19.17 -8.93 28.98
C VAL A 67 -20.05 -8.02 28.13
N ARG A 68 -19.42 -7.12 27.38
CA ARG A 68 -20.12 -6.19 26.50
C ARG A 68 -20.05 -6.71 25.08
N ILE A 69 -21.21 -6.98 24.47
CA ILE A 69 -21.25 -7.47 23.10
C ILE A 69 -20.95 -6.32 22.13
N ALA A 70 -20.07 -6.57 21.17
CA ALA A 70 -19.72 -5.58 20.17
C ALA A 70 -20.46 -5.79 18.86
N SER A 71 -20.47 -7.02 18.34
CA SER A 71 -21.13 -7.29 17.06
C SER A 71 -21.43 -8.78 16.95
N VAL A 72 -22.43 -9.09 16.13
CA VAL A 72 -22.84 -10.45 15.80
C VAL A 72 -22.44 -10.73 14.37
N LEU A 73 -22.09 -11.98 14.09
CA LEU A 73 -21.79 -12.38 12.73
C LEU A 73 -22.14 -13.84 12.56
N GLU A 74 -22.68 -14.18 11.39
CA GLU A 74 -23.08 -15.55 11.09
C GLU A 74 -21.91 -16.27 10.44
N VAL A 75 -21.37 -17.26 11.13
CA VAL A 75 -20.15 -17.95 10.75
C VAL A 75 -20.41 -19.44 10.95
N ASN A 76 -20.43 -20.19 9.85
CA ASN A 76 -20.69 -21.63 9.91
C ASN A 76 -19.45 -22.39 9.45
N ARG A 77 -18.96 -23.29 10.30
CA ARG A 77 -17.81 -24.11 9.95
C ARG A 77 -18.16 -25.59 9.94
N GLU A 78 -19.42 -25.91 9.68
CA GLU A 78 -19.86 -27.29 9.61
C GLU A 78 -19.48 -27.92 8.27
N SER A 79 -19.18 -29.23 8.29
CA SER A 79 -18.99 -29.88 7.00
C SER A 79 -20.34 -30.16 6.34
N PRO A 80 -20.42 -30.05 5.02
CA PRO A 80 -21.61 -30.54 4.33
C PRO A 80 -21.81 -32.04 4.42
N LEU A 81 -20.77 -32.81 4.74
CA LEU A 81 -20.90 -34.26 4.88
C LEU A 81 -21.12 -34.56 6.35
N LYS A 82 -22.34 -34.97 6.70
CA LYS A 82 -22.71 -35.22 8.09
C LYS A 82 -22.38 -36.67 8.41
N ILE A 83 -21.39 -36.89 9.27
CA ILE A 83 -20.99 -38.21 9.68
C ILE A 83 -21.54 -38.47 11.08
N HIS A 84 -22.19 -39.61 11.25
CA HIS A 84 -22.63 -40.10 12.55
C HIS A 84 -21.63 -41.17 12.98
N LEU A 85 -20.75 -40.82 13.91
CA LEU A 85 -19.77 -41.76 14.44
C LEU A 85 -20.43 -42.64 15.49
N ALA A 86 -20.32 -43.94 15.31
CA ALA A 86 -20.67 -44.87 16.37
C ALA A 86 -19.35 -45.48 16.85
N GLN A 87 -18.89 -45.07 18.03
CA GLN A 87 -17.56 -45.41 18.53
C GLN A 87 -17.70 -46.40 19.67
N ALA A 88 -17.13 -47.59 19.50
CA ALA A 88 -17.03 -48.55 20.61
C ALA A 88 -16.42 -47.88 21.83
N ILE A 89 -17.02 -48.12 23.00
CA ILE A 89 -16.54 -47.48 24.24
C ILE A 89 -15.20 -48.09 24.67
N SER A 90 -14.20 -47.24 24.86
CA SER A 90 -12.92 -47.61 25.42
C SER A 90 -12.80 -46.94 26.79
N LYS A 91 -11.96 -47.51 27.64
CA LYS A 91 -11.79 -46.95 28.97
C LYS A 91 -10.92 -45.69 28.90
N GLY A 92 -11.27 -44.70 29.73
CA GLY A 92 -10.40 -43.60 30.03
C GLY A 92 -10.09 -42.58 28.95
N GLU A 93 -8.80 -42.45 28.65
CA GLU A 93 -8.30 -41.27 27.95
C GLU A 93 -8.47 -41.40 26.45
N ARG A 94 -8.44 -42.63 25.92
CA ARG A 94 -8.63 -42.81 24.49
C ARG A 94 -10.02 -42.35 24.06
N MET A 95 -11.05 -42.61 24.86
CA MET A 95 -12.38 -42.17 24.49
C MET A 95 -12.47 -40.65 24.49
N GLU A 96 -11.85 -40.00 25.48
CA GLU A 96 -11.81 -38.55 25.51
C GLU A 96 -11.06 -38.00 24.30
N MET A 97 -10.02 -38.70 23.89
CA MET A 97 -9.30 -38.31 22.69
C MET A 97 -10.23 -38.31 21.49
N VAL A 98 -11.01 -39.40 21.32
CA VAL A 98 -11.96 -39.49 20.22
C VAL A 98 -13.00 -38.38 20.32
N MET A 99 -13.51 -38.11 21.53
CA MET A 99 -14.50 -37.05 21.66
C MET A 99 -13.94 -35.71 21.17
N GLN A 100 -12.71 -35.40 21.53
CA GLN A 100 -12.14 -34.10 21.21
C GLN A 100 -11.88 -33.95 19.71
N LYS A 101 -11.27 -34.95 19.10
CA LYS A 101 -10.76 -34.87 17.76
C LYS A 101 -11.81 -35.17 16.70
N SER A 102 -12.81 -35.95 17.03
CA SER A 102 -13.88 -36.17 16.09
C SER A 102 -14.70 -34.89 15.91
N ALA A 103 -14.89 -34.14 17.00
CA ALA A 103 -15.49 -32.81 16.86
C ALA A 103 -14.59 -31.90 16.05
N GLU A 104 -13.27 -31.98 16.26
CA GLU A 104 -12.38 -31.18 15.42
C GLU A 104 -12.57 -31.54 13.95
N LEU A 105 -12.90 -32.80 13.67
CA LEU A 105 -12.97 -33.23 12.29
C LEU A 105 -14.39 -33.14 11.73
N GLY A 106 -15.22 -32.30 12.31
CA GLY A 106 -16.51 -32.01 11.75
C GLY A 106 -17.62 -32.99 12.06
N VAL A 107 -17.38 -34.00 12.91
CA VAL A 107 -18.36 -35.05 13.13
C VAL A 107 -19.70 -34.42 13.47
N ALA A 108 -20.79 -34.93 12.85
CA ALA A 108 -22.10 -34.33 13.10
C ALA A 108 -22.73 -34.85 14.39
N CYS A 109 -22.48 -36.11 14.72
CA CYS A 109 -23.26 -36.77 15.75
C CYS A 109 -22.44 -37.97 16.21
N ILE A 110 -22.47 -38.25 17.51
CA ILE A 110 -21.66 -39.32 18.09
C ILE A 110 -22.52 -40.23 18.95
N THR A 111 -22.50 -41.53 18.66
CA THR A 111 -23.13 -42.51 19.53
C THR A 111 -22.08 -43.41 20.15
N PRO A 112 -21.87 -43.39 21.48
CA PRO A 112 -21.04 -44.43 22.09
C PRO A 112 -21.72 -45.78 21.95
N LEU A 113 -20.91 -46.79 21.69
CA LEU A 113 -21.38 -48.08 21.23
C LEU A 113 -20.86 -49.12 22.19
N ILE A 114 -21.74 -49.99 22.66
CA ILE A 114 -21.36 -51.15 23.47
C ILE A 114 -21.37 -52.38 22.55
N THR A 115 -20.20 -52.98 22.35
CA THR A 115 -20.05 -54.13 21.48
C THR A 115 -19.48 -55.30 22.27
N GLU A 116 -19.54 -56.49 21.66
CA GLU A 116 -19.23 -57.72 22.38
C GLU A 116 -17.89 -57.64 23.08
N ARG A 117 -16.87 -57.15 22.39
CA ARG A 117 -15.51 -57.22 22.89
C ARG A 117 -15.06 -55.92 23.53
N CYS A 118 -16.00 -55.04 23.88
CA CYS A 118 -15.66 -53.90 24.70
C CYS A 118 -15.29 -54.38 26.10
N GLN A 119 -14.28 -53.74 26.67
CA GLN A 119 -13.81 -54.07 28.01
C GLN A 119 -14.12 -52.89 28.94
N VAL A 120 -15.40 -52.77 29.29
CA VAL A 120 -15.87 -51.66 30.10
C VAL A 120 -16.99 -52.17 31.00
N LYS A 121 -17.06 -51.61 32.21
CA LYS A 121 -18.15 -51.89 33.13
C LYS A 121 -19.26 -50.88 32.93
N ILE A 122 -20.48 -51.37 32.68
CA ILE A 122 -21.61 -50.52 32.27
C ILE A 122 -22.44 -50.27 33.52
N ASP A 123 -22.11 -49.20 34.23
CA ASP A 123 -22.81 -48.79 35.43
C ASP A 123 -23.60 -47.53 35.09
N LYS A 124 -24.89 -47.51 35.47
CA LYS A 124 -25.72 -46.35 35.13
C LYS A 124 -25.12 -45.06 35.68
N GLU A 125 -24.78 -45.06 36.97
CA GLU A 125 -24.12 -43.90 37.57
C GLU A 125 -22.85 -43.55 36.81
N LYS A 126 -21.99 -44.55 36.55
CA LYS A 126 -20.72 -44.29 35.88
C LYS A 126 -20.93 -43.76 34.47
N MET A 127 -21.86 -44.37 33.73
CA MET A 127 -22.11 -43.98 32.35
C MET A 127 -22.51 -42.52 32.27
N ALA A 128 -23.31 -42.07 33.24
CA ALA A 128 -23.79 -40.70 33.25
C ALA A 128 -22.64 -39.73 33.42
N LYS A 129 -21.74 -40.03 34.37
CA LYS A 129 -20.58 -39.18 34.55
C LYS A 129 -19.77 -39.13 33.27
N LYS A 130 -19.57 -40.29 32.62
CA LYS A 130 -18.79 -40.31 31.37
C LYS A 130 -19.45 -39.41 30.31
N MET A 131 -20.77 -39.53 30.16
CA MET A 131 -21.51 -38.73 29.20
C MET A 131 -21.33 -37.24 29.47
N HIS A 132 -21.45 -36.84 30.73
CA HIS A 132 -21.25 -35.45 31.11
C HIS A 132 -19.83 -34.99 30.74
N GLN A 133 -18.82 -35.78 31.11
CA GLN A 133 -17.44 -35.40 30.85
C GLN A 133 -17.17 -35.33 29.35
N TRP A 134 -17.70 -36.30 28.61
CA TRP A 134 -17.55 -36.31 27.17
C TRP A 134 -18.15 -35.05 26.53
N LEU A 135 -19.30 -34.59 27.03
CA LEU A 135 -19.92 -33.44 26.38
C LEU A 135 -19.09 -32.18 26.60
N ASN A 136 -18.46 -32.05 27.77
CA ASN A 136 -17.66 -30.85 28.01
C ASN A 136 -16.42 -30.83 27.14
N ILE A 137 -15.80 -32.00 26.93
CA ILE A 137 -14.67 -32.14 26.01
C ILE A 137 -15.05 -31.73 24.60
N ILE A 138 -16.25 -32.14 24.17
CA ILE A 138 -16.78 -31.75 22.85
C ILE A 138 -16.90 -30.22 22.78
N ILE A 139 -17.55 -29.61 23.77
CA ILE A 139 -17.69 -28.17 23.77
C ILE A 139 -16.31 -27.50 23.80
N GLY A 140 -15.38 -28.04 24.58
CA GLY A 140 -14.03 -27.50 24.58
C GLY A 140 -13.37 -27.54 23.21
N ALA A 141 -13.52 -28.67 22.49
CA ALA A 141 -12.97 -28.78 21.15
C ALA A 141 -13.64 -27.81 20.18
N CYS A 142 -14.93 -27.50 20.39
CA CYS A 142 -15.62 -26.56 19.51
C CYS A 142 -15.15 -25.12 19.75
N GLU A 143 -14.96 -24.73 21.01
CA GLU A 143 -14.26 -23.49 21.29
C GLU A 143 -12.90 -23.45 20.62
N GLN A 144 -12.21 -24.60 20.58
CA GLN A 144 -10.84 -24.65 20.04
C GLN A 144 -10.83 -24.54 18.53
N CYS A 145 -11.63 -25.35 17.84
CA CYS A 145 -11.46 -25.51 16.40
C CYS A 145 -12.31 -24.55 15.56
N GLY A 146 -13.21 -23.79 16.17
CA GLY A 146 -14.00 -22.80 15.46
C GLY A 146 -15.43 -23.18 15.12
N ARG A 147 -15.89 -24.41 15.44
CA ARG A 147 -17.27 -24.78 15.14
C ARG A 147 -18.23 -24.01 16.04
N ASN A 148 -19.28 -23.47 15.44
CA ASN A 148 -20.21 -22.65 16.19
C ASN A 148 -21.53 -23.37 16.42
N GLN A 149 -21.51 -24.69 16.27
CA GLN A 149 -22.61 -25.61 16.49
C GLN A 149 -22.04 -26.82 17.19
N ILE A 150 -22.64 -27.25 18.29
CA ILE A 150 -22.15 -28.43 19.01
C ILE A 150 -22.69 -29.70 18.37
N PRO A 151 -21.86 -30.72 18.11
CA PRO A 151 -22.38 -32.00 17.62
C PRO A 151 -23.22 -32.66 18.69
N GLU A 152 -24.19 -33.45 18.24
CA GLU A 152 -25.05 -34.18 19.17
C GLU A 152 -24.30 -35.36 19.76
N LEU A 153 -24.33 -35.52 21.07
CA LEU A 153 -23.78 -36.71 21.70
C LEU A 153 -24.96 -37.52 22.24
N ARG A 154 -25.26 -38.64 21.59
CA ARG A 154 -26.41 -39.45 21.92
C ARG A 154 -26.07 -40.49 22.98
N GLN A 155 -27.11 -40.97 23.68
CA GLN A 155 -26.93 -41.95 24.74
C GLN A 155 -26.33 -43.23 24.16
N PRO A 156 -25.54 -43.96 24.96
CA PRO A 156 -24.95 -45.21 24.45
C PRO A 156 -26.01 -46.25 24.15
N VAL A 157 -25.76 -47.03 23.10
CA VAL A 157 -26.64 -48.11 22.69
C VAL A 157 -25.76 -49.29 22.31
N TYR A 158 -26.36 -50.47 22.36
CA TYR A 158 -25.70 -51.68 21.89
C TYR A 158 -25.67 -51.70 20.37
N LEU A 159 -24.77 -52.53 19.84
CA LEU A 159 -24.61 -52.64 18.39
C LEU A 159 -25.93 -52.93 17.71
N ASP A 160 -26.72 -53.84 18.28
CA ASP A 160 -27.98 -54.22 17.63
C ASP A 160 -28.86 -53.01 17.41
N GLN A 161 -29.06 -52.20 18.45
CA GLN A 161 -29.97 -51.07 18.34
C GLN A 161 -29.51 -50.11 17.26
N PHE A 162 -28.23 -49.72 17.31
CA PHE A 162 -27.71 -48.68 16.43
C PHE A 162 -27.84 -49.07 14.97
N VAL A 163 -27.47 -50.30 14.67
CA VAL A 163 -27.53 -50.81 13.32
C VAL A 163 -28.98 -50.92 12.84
N ARG A 164 -29.93 -51.19 13.75
CA ARG A 164 -31.34 -51.23 13.36
C ARG A 164 -31.86 -49.84 13.02
N GLU A 165 -31.52 -48.84 13.83
CA GLU A 165 -32.07 -47.51 13.68
C GLU A 165 -31.31 -46.66 12.67
N ALA A 166 -30.12 -47.10 12.26
CA ALA A 166 -29.29 -46.34 11.33
C ALA A 166 -30.03 -46.06 10.02
N LYS A 167 -30.16 -44.77 9.68
CA LYS A 167 -30.84 -44.40 8.45
C LYS A 167 -29.98 -43.59 7.47
N GLU A 168 -28.70 -43.35 7.78
CA GLU A 168 -27.84 -42.56 6.91
C GLU A 168 -27.74 -43.19 5.52
N HIS A 169 -27.42 -42.36 4.55
CA HIS A 169 -27.43 -42.82 3.18
C HIS A 169 -26.22 -43.67 2.85
N LEU A 170 -25.08 -43.45 3.49
CA LEU A 170 -23.95 -44.36 3.39
C LEU A 170 -23.66 -44.94 4.76
N LYS A 171 -23.36 -46.24 4.80
CA LYS A 171 -23.19 -46.92 6.07
C LYS A 171 -21.95 -47.80 6.00
N LEU A 172 -20.95 -47.47 6.82
CA LEU A 172 -19.64 -48.08 6.73
C LEU A 172 -19.22 -48.61 8.10
N ILE A 173 -18.58 -49.78 8.11
CA ILE A 173 -17.95 -50.29 9.32
C ILE A 173 -16.48 -50.53 9.04
N LEU A 174 -15.62 -50.08 9.95
CA LEU A 174 -14.19 -50.31 9.83
C LEU A 174 -13.91 -51.76 10.24
N HIS A 175 -13.58 -52.59 9.24
CA HIS A 175 -13.39 -54.03 9.43
C HIS A 175 -12.68 -54.60 8.20
N PRO A 176 -11.66 -55.43 8.41
CA PRO A 176 -10.80 -55.86 7.30
C PRO A 176 -11.48 -56.78 6.28
N ALA A 177 -12.39 -57.64 6.72
CA ALA A 177 -12.84 -58.78 5.91
C ALA A 177 -13.68 -58.26 4.76
N PHE A 178 -13.29 -58.58 3.52
CA PHE A 178 -14.00 -58.13 2.33
C PHE A 178 -14.05 -56.61 2.23
N SER A 179 -13.09 -55.93 2.84
CA SER A 179 -13.12 -54.47 2.89
C SER A 179 -12.70 -53.83 1.57
N LYS A 180 -13.16 -52.61 1.36
CA LYS A 180 -12.75 -51.82 0.22
C LYS A 180 -12.33 -50.45 0.72
N THR A 181 -11.53 -49.75 -0.09
CA THR A 181 -11.06 -48.43 0.30
C THR A 181 -12.13 -47.40 0.04
N TRP A 182 -11.88 -46.18 0.51
CA TRP A 182 -12.82 -45.10 0.33
C TRP A 182 -13.16 -44.84 -1.13
N ARG A 183 -12.27 -45.23 -2.05
CA ARG A 183 -12.54 -44.97 -3.47
C ARG A 183 -13.63 -45.88 -4.01
N ASP A 184 -13.92 -46.99 -3.33
CA ASP A 184 -14.93 -47.92 -3.80
C ASP A 184 -16.35 -47.57 -3.32
N TYR A 185 -16.53 -46.48 -2.56
CA TYR A 185 -17.83 -46.17 -2.01
C TYR A 185 -18.27 -44.78 -2.44
N PRO A 186 -19.55 -44.51 -2.47
CA PRO A 186 -19.94 -43.18 -2.91
C PRO A 186 -19.92 -42.22 -1.72
N VAL A 187 -18.74 -41.68 -1.40
CA VAL A 187 -18.61 -40.79 -0.26
C VAL A 187 -18.97 -39.38 -0.71
N GLN A 188 -20.08 -38.88 -0.20
CA GLN A 188 -20.65 -37.61 -0.63
C GLN A 188 -21.84 -37.32 0.29
N PRO A 189 -22.23 -36.06 0.40
CA PRO A 189 -23.42 -35.72 1.19
C PRO A 189 -24.63 -36.46 0.64
N PRO A 190 -25.69 -36.62 1.46
CA PRO A 190 -25.87 -35.99 2.76
C PRO A 190 -25.06 -36.57 3.92
N ASP A 191 -25.09 -37.88 4.14
CA ASP A 191 -24.64 -38.35 5.45
C ASP A 191 -24.05 -39.75 5.38
N VAL A 192 -23.30 -40.08 6.43
CA VAL A 192 -22.60 -41.36 6.59
C VAL A 192 -22.79 -41.84 8.01
N ALA A 193 -23.06 -43.13 8.17
CA ALA A 193 -22.93 -43.78 9.47
C ALA A 193 -21.63 -44.59 9.46
N LEU A 194 -20.80 -44.39 10.49
CA LEU A 194 -19.47 -44.99 10.57
C LEU A 194 -19.32 -45.71 11.90
N ILE A 195 -19.14 -47.04 11.85
CA ILE A 195 -18.92 -47.85 13.04
C ILE A 195 -17.42 -48.13 13.19
N ILE A 196 -16.87 -47.83 14.36
CA ILE A 196 -15.49 -48.17 14.71
C ILE A 196 -15.52 -48.96 16.00
N GLY A 197 -14.88 -50.13 15.98
CA GLY A 197 -15.04 -51.09 17.03
C GLY A 197 -13.92 -51.00 18.04
N PRO A 198 -13.99 -51.84 19.05
CA PRO A 198 -13.08 -51.75 20.18
C PRO A 198 -11.79 -52.47 19.81
N GLU A 199 -10.83 -52.46 20.74
CA GLU A 199 -9.52 -53.02 20.45
C GLU A 199 -9.62 -54.45 19.92
N GLY A 200 -10.41 -55.29 20.57
CA GLY A 200 -10.50 -56.65 20.08
C GLY A 200 -11.23 -56.82 18.76
N GLY A 201 -11.75 -55.75 18.15
CA GLY A 201 -12.56 -55.95 16.96
C GLY A 201 -13.97 -56.47 17.20
N PHE A 202 -14.51 -57.16 16.18
CA PHE A 202 -15.89 -57.62 16.13
C PHE A 202 -15.97 -59.13 15.96
N SER A 203 -17.01 -59.72 16.55
CA SER A 203 -17.29 -61.14 16.36
C SER A 203 -17.95 -61.38 15.00
N ASP A 204 -17.81 -62.61 14.52
CA ASP A 204 -18.41 -62.95 13.22
C ASP A 204 -19.92 -62.78 13.26
N GLU A 205 -20.53 -63.04 14.41
CA GLU A 205 -21.96 -62.81 14.56
C GLU A 205 -22.31 -61.33 14.43
N GLU A 206 -21.50 -60.44 15.04
CA GLU A 206 -21.72 -59.01 14.93
C GLU A 206 -21.58 -58.53 13.49
N ILE A 207 -20.58 -59.06 12.78
CA ILE A 207 -20.43 -58.74 11.36
C ILE A 207 -21.63 -59.23 10.57
N ARG A 208 -22.15 -60.42 10.90
CA ARG A 208 -23.34 -60.90 10.21
C ARG A 208 -24.52 -59.96 10.44
N LEU A 209 -24.64 -59.42 11.66
CA LEU A 209 -25.74 -58.49 11.95
C LEU A 209 -25.53 -57.12 11.28
N THR A 210 -24.31 -56.56 11.31
CA THR A 210 -24.10 -55.25 10.69
C THR A 210 -24.21 -55.35 9.17
N SER A 211 -23.64 -56.41 8.60
CA SER A 211 -23.76 -56.66 7.18
C SER A 211 -25.21 -56.92 6.76
N GLY A 212 -26.03 -57.44 7.67
CA GLY A 212 -27.43 -57.62 7.37
C GLY A 212 -28.19 -56.30 7.27
N HIS A 213 -27.69 -55.26 7.92
CA HIS A 213 -28.37 -53.96 7.88
C HIS A 213 -27.65 -52.93 7.02
N GLY A 214 -26.89 -53.38 6.01
CA GLY A 214 -26.38 -52.49 4.99
C GLY A 214 -25.03 -51.86 5.28
N PHE A 215 -24.37 -52.19 6.40
CA PHE A 215 -23.05 -51.65 6.69
C PHE A 215 -21.99 -52.36 5.86
N LEU A 216 -21.25 -51.59 5.09
CA LEU A 216 -20.22 -52.09 4.19
C LEU A 216 -18.82 -51.94 4.81
N PRO A 217 -17.91 -52.87 4.53
CA PRO A 217 -16.58 -52.88 5.18
C PRO A 217 -15.58 -51.94 4.51
N LEU A 218 -15.06 -51.02 5.31
CA LEU A 218 -14.08 -50.02 4.89
C LEU A 218 -12.71 -50.35 5.48
N SER A 219 -11.66 -50.34 4.66
CA SER A 219 -10.28 -50.46 5.14
C SER A 219 -9.61 -49.09 5.24
N LEU A 220 -8.56 -49.04 6.07
CA LEU A 220 -7.72 -47.85 6.21
C LEU A 220 -6.25 -48.26 6.18
N GLY A 221 -5.85 -48.95 5.11
CA GLY A 221 -4.48 -49.35 4.92
C GLY A 221 -4.17 -50.69 5.56
N PRO A 222 -2.96 -51.20 5.32
CA PRO A 222 -2.59 -52.54 5.76
C PRO A 222 -2.06 -52.61 7.18
N ARG A 223 -2.06 -51.50 7.90
CA ARG A 223 -1.48 -51.46 9.24
C ARG A 223 -2.61 -51.39 10.26
N VAL A 224 -2.48 -52.15 11.35
CA VAL A 224 -3.51 -52.12 12.36
C VAL A 224 -3.48 -50.80 13.12
N LEU A 225 -4.55 -50.04 13.01
CA LEU A 225 -4.64 -48.77 13.72
C LEU A 225 -5.23 -48.97 15.11
N ARG A 226 -4.75 -48.18 16.08
CA ARG A 226 -5.44 -48.16 17.35
C ARG A 226 -6.88 -47.68 17.18
N THR A 227 -7.70 -47.97 18.19
CA THR A 227 -9.12 -47.67 18.13
C THR A 227 -9.36 -46.18 18.02
N GLU A 228 -8.66 -45.38 18.82
CA GLU A 228 -8.81 -43.94 18.76
C GLU A 228 -8.13 -43.36 17.52
N THR A 229 -7.03 -43.95 17.06
CA THR A 229 -6.47 -43.51 15.78
C THR A 229 -7.49 -43.71 14.69
N ALA A 230 -8.18 -44.86 14.72
CA ALA A 230 -8.99 -45.23 13.59
C ALA A 230 -10.15 -44.28 13.38
N ALA A 231 -10.75 -43.78 14.48
CA ALA A 231 -11.80 -42.78 14.37
C ALA A 231 -11.32 -41.56 13.60
N ILE A 232 -10.16 -41.01 13.99
CA ILE A 232 -9.74 -39.72 13.44
C ILE A 232 -9.29 -39.88 12.00
N THR A 233 -8.53 -40.94 11.73
CA THR A 233 -8.18 -41.30 10.35
C THR A 233 -9.43 -41.47 9.49
N ALA A 234 -10.41 -42.22 9.98
CA ALA A 234 -11.59 -42.49 9.15
C ALA A 234 -12.35 -41.20 8.84
N LEU A 235 -12.50 -40.35 9.85
CA LEU A 235 -13.14 -39.06 9.63
C LEU A 235 -12.31 -38.18 8.69
N SER A 236 -10.98 -38.17 8.85
CA SER A 236 -10.11 -37.41 7.95
C SER A 236 -10.32 -37.82 6.50
N VAL A 237 -10.24 -39.13 6.23
CA VAL A 237 -10.38 -39.69 4.89
C VAL A 237 -11.79 -39.44 4.32
N LEU A 238 -12.82 -39.54 5.15
CA LEU A 238 -14.16 -39.34 4.59
C LEU A 238 -14.42 -37.86 4.30
N GLN A 239 -13.94 -36.97 5.16
CA GLN A 239 -14.09 -35.54 4.88
C GLN A 239 -13.26 -35.12 3.69
N ALA A 240 -12.10 -35.72 3.51
CA ALA A 240 -11.26 -35.38 2.37
C ALA A 240 -11.83 -35.91 1.07
N ALA A 241 -12.65 -36.94 1.14
CA ALA A 241 -13.23 -37.57 -0.04
C ALA A 241 -14.49 -36.84 -0.49
N GLY A 242 -15.43 -36.62 0.44
CA GLY A 242 -16.75 -36.13 0.14
C GLY A 242 -17.22 -34.99 1.02
N GLY A 243 -16.33 -34.47 1.86
CA GLY A 243 -16.65 -33.31 2.68
C GLY A 243 -15.88 -32.06 2.30
N ASP A 244 -15.41 -31.32 3.32
CA ASP A 244 -14.80 -30.02 3.13
C ASP A 244 -13.31 -30.03 3.43
N LEU A 245 -12.68 -31.19 3.31
CA LEU A 245 -11.23 -31.27 3.37
C LEU A 245 -10.61 -31.40 1.99
N VAL B 4 -4.95 -63.33 20.49
CA VAL B 4 -5.12 -63.86 19.14
C VAL B 4 -3.77 -63.93 18.44
N ARG B 5 -3.36 -62.81 17.84
CA ARG B 5 -2.09 -62.74 17.14
C ARG B 5 -0.91 -62.61 18.10
N THR B 6 0.21 -63.22 17.70
CA THR B 6 1.41 -63.29 18.53
C THR B 6 1.97 -61.89 18.82
N ILE B 7 2.52 -61.75 20.04
CA ILE B 7 3.21 -60.54 20.47
C ILE B 7 4.37 -60.18 19.53
N ARG B 8 4.38 -58.95 19.05
CA ARG B 8 5.43 -58.42 18.18
C ARG B 8 6.45 -57.64 19.00
N ILE B 9 7.74 -57.94 18.79
CA ILE B 9 8.84 -57.26 19.49
C ILE B 9 9.89 -56.83 18.47
N TYR B 10 10.22 -55.55 18.46
CA TYR B 10 11.34 -55.03 17.69
C TYR B 10 12.66 -55.52 18.26
N GLN B 11 13.47 -56.16 17.41
CA GLN B 11 14.78 -56.66 17.82
C GLN B 11 15.73 -56.48 16.64
N PRO B 12 16.47 -55.37 16.61
CA PRO B 12 17.36 -55.12 15.48
C PRO B 12 18.52 -56.08 15.48
N GLY B 13 19.19 -56.13 14.34
CA GLY B 13 20.36 -56.97 14.20
C GLY B 13 20.11 -58.04 13.15
N GLU B 14 21.13 -58.86 12.96
CA GLU B 14 21.09 -59.99 12.03
C GLU B 14 21.06 -61.27 12.84
N TYR B 15 20.20 -62.21 12.44
CA TYR B 15 20.05 -63.52 13.07
C TYR B 15 19.15 -64.37 12.18
N GLN B 16 19.20 -65.69 12.37
CA GLN B 16 18.73 -66.64 11.37
C GLN B 16 17.96 -67.78 12.03
N PRO B 17 17.10 -68.47 11.29
CA PRO B 17 16.39 -69.61 11.88
C PRO B 17 17.34 -70.62 12.48
N GLY B 18 16.95 -71.16 13.62
CA GLY B 18 17.79 -72.09 14.35
C GLY B 18 18.76 -71.45 15.32
N GLN B 19 18.92 -70.14 15.31
CA GLN B 19 19.82 -69.48 16.26
C GLN B 19 19.23 -69.41 17.66
N LEU B 20 20.11 -69.48 18.65
CA LEU B 20 19.77 -69.09 20.00
C LEU B 20 20.14 -67.62 20.17
N LEU B 21 19.20 -66.80 20.65
CA LEU B 21 19.41 -65.34 20.61
C LEU B 21 19.06 -64.71 21.95
N GLU B 22 19.98 -63.91 22.49
CA GLU B 22 19.68 -63.09 23.66
C GLU B 22 19.08 -61.75 23.21
N LEU B 23 17.89 -61.44 23.72
CA LEU B 23 17.22 -60.19 23.36
C LEU B 23 17.97 -58.98 23.90
N SER B 24 17.84 -57.86 23.19
CA SER B 24 18.30 -56.55 23.65
C SER B 24 17.77 -56.28 25.05
N PRO B 25 18.44 -55.44 25.84
CA PRO B 25 17.95 -55.15 27.20
C PRO B 25 16.53 -54.61 27.24
N GLU B 26 16.19 -53.66 26.36
N GLU B 26 16.19 -53.66 26.36
CA GLU B 26 14.84 -53.11 26.36
CA GLU B 26 14.84 -53.12 26.36
C GLU B 26 13.82 -54.16 25.96
C GLU B 26 13.83 -54.18 25.97
N ALA B 27 14.18 -55.04 25.01
CA ALA B 27 13.29 -56.10 24.59
C ALA B 27 13.09 -57.11 25.73
N GLY B 28 14.18 -57.52 26.37
CA GLY B 28 14.06 -58.41 27.53
C GLY B 28 13.25 -57.81 28.66
N GLN B 29 13.49 -56.52 28.94
CA GLN B 29 12.68 -55.81 29.93
C GLN B 29 11.21 -55.89 29.55
N HIS B 30 10.91 -55.64 28.29
CA HIS B 30 9.53 -55.62 27.83
C HIS B 30 8.92 -57.01 27.91
N VAL B 31 9.62 -58.02 27.40
CA VAL B 31 9.11 -59.38 27.38
C VAL B 31 9.14 -59.99 28.77
N GLY B 32 10.26 -59.87 29.46
CA GLY B 32 10.48 -60.57 30.72
C GLY B 32 9.79 -59.96 31.91
N VAL B 33 9.77 -58.63 31.99
CA VAL B 33 9.30 -57.98 33.21
C VAL B 33 7.91 -57.39 33.00
N VAL B 34 7.77 -56.52 32.00
CA VAL B 34 6.49 -55.85 31.76
C VAL B 34 5.39 -56.86 31.46
N LEU B 35 5.59 -57.69 30.44
CA LEU B 35 4.60 -58.65 30.00
C LEU B 35 4.61 -59.97 30.76
N ARG B 36 5.61 -60.20 31.60
CA ARG B 36 5.76 -61.44 32.37
C ARG B 36 5.61 -62.70 31.52
N MET B 37 6.21 -62.70 30.32
CA MET B 37 6.05 -63.85 29.44
C MET B 37 6.84 -65.06 29.97
N GLU B 38 6.30 -66.25 29.73
CA GLU B 38 6.82 -67.50 30.27
C GLU B 38 7.62 -68.23 29.21
N GLN B 39 8.58 -69.02 29.65
CA GLN B 39 9.31 -69.87 28.73
C GLN B 39 8.32 -70.73 27.95
N GLY B 40 8.55 -70.86 26.65
CA GLY B 40 7.70 -71.61 25.77
C GLY B 40 6.70 -70.77 24.99
N GLU B 41 6.33 -69.60 25.49
CA GLU B 41 5.45 -68.74 24.73
C GLU B 41 6.15 -68.23 23.45
N GLN B 42 5.36 -67.76 22.51
CA GLN B 42 5.89 -67.41 21.20
C GLN B 42 6.00 -65.91 21.05
N LEU B 43 6.98 -65.50 20.26
CA LEU B 43 7.22 -64.10 19.94
C LEU B 43 7.31 -63.98 18.43
N THR B 44 6.85 -62.84 17.90
CA THR B 44 7.20 -62.43 16.56
C THR B 44 8.20 -61.30 16.71
N LEU B 45 9.46 -61.57 16.37
CA LEU B 45 10.48 -60.55 16.32
C LEU B 45 10.51 -59.95 14.92
N PHE B 46 10.74 -58.64 14.83
CA PHE B 46 11.08 -58.03 13.56
C PHE B 46 12.34 -57.16 13.74
N ASN B 47 13.24 -57.19 12.76
CA ASN B 47 14.57 -56.57 12.88
C ASN B 47 14.67 -55.22 12.22
N GLY B 48 13.60 -54.71 11.59
CA GLY B 48 13.65 -53.45 10.89
C GLY B 48 13.82 -53.56 9.38
N ASP B 49 14.00 -54.77 8.86
CA ASP B 49 14.23 -54.98 7.44
C ASP B 49 13.09 -55.79 6.80
N ASN B 50 11.85 -55.52 7.23
CA ASN B 50 10.65 -56.15 6.67
C ASN B 50 10.73 -57.69 6.72
N LYS B 51 11.17 -58.18 7.88
CA LYS B 51 11.24 -59.59 8.21
C LYS B 51 10.59 -59.83 9.58
N GLU B 52 9.78 -60.87 9.66
CA GLU B 52 9.14 -61.32 10.90
C GLU B 52 9.74 -62.68 11.23
N PHE B 53 10.34 -62.79 12.41
CA PHE B 53 10.95 -64.03 12.86
C PHE B 53 10.06 -64.63 13.93
N THR B 54 9.58 -65.84 13.71
CA THR B 54 8.90 -66.54 14.77
C THR B 54 9.95 -67.18 15.67
N ALA B 55 9.81 -66.97 16.97
CA ALA B 55 10.77 -67.45 17.93
C ALA B 55 10.03 -67.86 19.19
N SER B 56 10.61 -68.78 19.94
CA SER B 56 10.08 -69.16 21.24
C SER B 56 11.03 -68.74 22.34
N ILE B 57 10.44 -68.33 23.46
CA ILE B 57 11.15 -67.90 24.66
C ILE B 57 11.74 -69.12 25.35
N GLU B 58 13.06 -69.21 25.41
CA GLU B 58 13.70 -70.41 25.93
C GLU B 58 14.12 -70.28 27.39
N ARG B 59 14.53 -69.09 27.81
CA ARG B 59 14.88 -68.81 29.21
C ARG B 59 14.56 -67.35 29.52
N VAL B 60 13.90 -67.11 30.66
CA VAL B 60 13.68 -65.77 31.18
C VAL B 60 14.33 -65.73 32.57
N LYS B 61 15.23 -64.76 32.75
CA LYS B 61 15.91 -64.51 34.02
C LYS B 61 15.81 -63.01 34.24
N LYS B 62 14.78 -62.57 34.95
CA LYS B 62 14.53 -61.14 35.17
C LYS B 62 14.36 -60.43 33.83
N LYS B 63 15.36 -59.67 33.37
CA LYS B 63 15.24 -59.01 32.08
C LYS B 63 16.20 -59.56 31.04
N GLN B 64 16.93 -60.64 31.34
CA GLN B 64 17.59 -61.40 30.29
C GLN B 64 16.59 -62.39 29.71
N VAL B 65 16.49 -62.41 28.39
CA VAL B 65 15.55 -63.28 27.70
C VAL B 65 16.27 -63.90 26.52
N PHE B 66 16.28 -65.23 26.47
CA PHE B 66 16.88 -65.95 25.36
C PHE B 66 15.75 -66.58 24.57
N VAL B 67 15.80 -66.42 23.24
CA VAL B 67 14.81 -67.02 22.37
C VAL B 67 15.52 -67.94 21.39
N ARG B 68 14.77 -68.93 20.89
CA ARG B 68 15.23 -69.76 19.79
C ARG B 68 14.44 -69.40 18.52
N ILE B 69 15.15 -68.96 17.46
CA ILE B 69 14.47 -68.57 16.23
C ILE B 69 13.98 -69.80 15.48
N ALA B 70 12.70 -69.81 15.12
CA ALA B 70 12.16 -70.94 14.38
C ALA B 70 12.12 -70.71 12.87
N SER B 71 11.62 -69.57 12.42
CA SER B 71 11.37 -69.34 11.01
C SER B 71 11.40 -67.84 10.73
N VAL B 72 11.62 -67.48 9.46
CA VAL B 72 11.65 -66.09 9.02
C VAL B 72 10.69 -65.94 7.84
N LEU B 73 9.97 -64.82 7.82
CA LEU B 73 8.98 -64.54 6.80
C LEU B 73 9.09 -63.08 6.38
N GLU B 74 9.17 -62.84 5.07
CA GLU B 74 9.29 -61.47 4.55
C GLU B 74 7.92 -60.82 4.48
N VAL B 75 7.75 -59.71 5.18
CA VAL B 75 6.45 -59.09 5.31
C VAL B 75 6.65 -57.59 5.37
N ASN B 76 6.08 -56.87 4.42
CA ASN B 76 6.30 -55.45 4.25
C ASN B 76 4.95 -54.75 4.36
N ARG B 77 4.81 -53.87 5.34
CA ARG B 77 3.59 -53.06 5.50
C ARG B 77 3.91 -51.58 5.39
N GLU B 78 4.81 -51.23 4.47
CA GLU B 78 5.17 -49.84 4.25
C GLU B 78 4.33 -49.23 3.13
N SER B 79 4.04 -47.94 3.29
CA SER B 79 3.30 -47.26 2.26
C SER B 79 4.21 -47.02 1.06
N PRO B 80 3.67 -47.07 -0.15
CA PRO B 80 4.50 -46.79 -1.33
C PRO B 80 4.76 -45.32 -1.50
N LEU B 81 4.00 -44.48 -0.80
CA LEU B 81 4.27 -43.06 -0.69
C LEU B 81 5.13 -42.82 0.55
N LYS B 82 6.33 -42.26 0.34
CA LYS B 82 7.27 -41.97 1.43
C LYS B 82 7.02 -40.56 1.92
N ILE B 83 6.37 -40.41 3.08
CA ILE B 83 6.01 -39.09 3.58
C ILE B 83 7.06 -38.61 4.58
N HIS B 84 7.53 -37.38 4.40
CA HIS B 84 8.44 -36.75 5.35
C HIS B 84 7.66 -35.71 6.15
N LEU B 85 7.35 -36.03 7.40
CA LEU B 85 6.67 -35.09 8.29
C LEU B 85 7.74 -34.25 9.00
N ALA B 86 7.64 -32.94 8.86
CA ALA B 86 8.42 -32.01 9.67
C ALA B 86 7.43 -31.32 10.61
N GLN B 87 7.47 -31.72 11.89
CA GLN B 87 6.47 -31.36 12.89
C GLN B 87 7.07 -30.37 13.87
N ALA B 88 6.48 -29.20 13.98
CA ALA B 88 6.96 -28.24 14.96
C ALA B 88 6.80 -28.81 16.37
N ILE B 89 7.77 -28.54 17.23
CA ILE B 89 7.85 -29.21 18.51
C ILE B 89 6.86 -28.58 19.47
N SER B 90 6.03 -29.40 20.08
CA SER B 90 5.04 -28.93 21.02
C SER B 90 5.30 -29.54 22.39
N LYS B 91 4.64 -28.98 23.40
CA LYS B 91 4.87 -29.41 24.79
C LYS B 91 4.43 -30.84 25.03
N GLY B 92 5.35 -31.64 25.58
CA GLY B 92 5.03 -32.91 26.23
C GLY B 92 4.21 -33.95 25.50
N GLU B 93 2.98 -34.19 25.98
CA GLU B 93 2.25 -35.33 25.47
C GLU B 93 1.73 -35.10 24.04
N ARG B 94 1.63 -33.85 23.58
CA ARG B 94 1.21 -33.62 22.20
C ARG B 94 2.22 -34.21 21.22
N MET B 95 3.52 -33.99 21.47
CA MET B 95 4.53 -34.49 20.56
C MET B 95 4.62 -36.01 20.61
N GLU B 96 4.41 -36.60 21.79
CA GLU B 96 4.32 -38.04 21.90
C GLU B 96 3.19 -38.59 21.05
N MET B 97 2.05 -37.91 20.99
CA MET B 97 0.98 -38.41 20.15
C MET B 97 1.38 -38.40 18.67
N VAL B 98 2.01 -37.31 18.21
CA VAL B 98 2.48 -37.23 16.82
C VAL B 98 3.40 -38.39 16.49
N MET B 99 4.42 -38.64 17.34
CA MET B 99 5.34 -39.76 17.10
C MET B 99 4.59 -41.07 16.96
N GLN B 100 3.64 -41.36 17.85
CA GLN B 100 2.91 -42.62 17.78
C GLN B 100 2.01 -42.67 16.55
N LYS B 101 1.11 -41.69 16.39
CA LYS B 101 0.13 -41.76 15.32
C LYS B 101 0.80 -41.74 13.96
N SER B 102 1.85 -40.95 13.81
CA SER B 102 2.47 -40.85 12.50
C SER B 102 3.13 -42.17 12.12
N ALA B 103 3.71 -42.91 13.09
CA ALA B 103 4.22 -44.23 12.77
C ALA B 103 3.07 -45.20 12.43
N GLU B 104 1.96 -45.16 13.20
CA GLU B 104 0.80 -45.96 12.82
C GLU B 104 0.34 -45.67 11.41
N LEU B 105 0.49 -44.42 10.95
CA LEU B 105 0.03 -43.99 9.65
C LEU B 105 1.08 -44.12 8.54
N GLY B 106 2.18 -44.82 8.79
CA GLY B 106 3.08 -45.20 7.72
C GLY B 106 4.11 -44.16 7.34
N VAL B 107 4.25 -43.09 8.13
CA VAL B 107 5.24 -42.05 7.85
C VAL B 107 6.61 -42.70 7.64
N ALA B 108 7.36 -42.18 6.66
CA ALA B 108 8.68 -42.71 6.33
C ALA B 108 9.78 -42.07 7.17
N CYS B 109 9.64 -40.78 7.46
CA CYS B 109 10.70 -39.97 8.02
C CYS B 109 10.04 -38.84 8.79
N ILE B 110 10.57 -38.57 9.99
CA ILE B 110 10.09 -37.50 10.86
C ILE B 110 11.25 -36.57 11.21
N THR B 111 11.05 -35.26 11.00
CA THR B 111 11.99 -34.23 11.46
C THR B 111 11.32 -33.35 12.51
N PRO B 112 11.78 -33.33 13.77
CA PRO B 112 11.26 -32.32 14.71
C PRO B 112 11.77 -30.94 14.33
N LEU B 113 10.87 -29.97 14.37
CA LEU B 113 11.08 -28.70 13.69
C LEU B 113 11.00 -27.58 14.72
N ILE B 114 11.93 -26.65 14.66
CA ILE B 114 11.89 -25.50 15.54
C ILE B 114 11.42 -24.32 14.70
N THR B 115 10.24 -23.81 15.04
CA THR B 115 9.68 -22.64 14.39
C THR B 115 9.65 -21.48 15.38
N GLU B 116 9.26 -20.33 14.84
CA GLU B 116 9.35 -19.08 15.57
C GLU B 116 8.53 -19.12 16.87
N ARG B 117 7.37 -19.75 16.84
CA ARG B 117 6.45 -19.71 17.96
C ARG B 117 6.55 -20.94 18.84
N CYS B 118 7.48 -21.85 18.57
CA CYS B 118 7.72 -22.95 19.47
C CYS B 118 8.18 -22.42 20.81
N GLN B 119 7.72 -23.06 21.87
CA GLN B 119 8.02 -22.63 23.22
C GLN B 119 8.66 -23.81 23.95
N VAL B 120 9.83 -24.20 23.47
CA VAL B 120 10.62 -25.28 24.05
C VAL B 120 12.00 -24.73 24.40
N LYS B 121 12.48 -25.07 25.59
CA LYS B 121 13.86 -24.77 25.94
C LYS B 121 14.79 -25.63 25.10
N ILE B 122 15.71 -24.98 24.39
CA ILE B 122 16.69 -25.68 23.56
C ILE B 122 17.83 -26.08 24.49
N ASP B 123 17.77 -27.31 24.99
CA ASP B 123 18.74 -27.85 25.93
C ASP B 123 19.21 -29.20 25.39
N LYS B 124 20.52 -29.33 25.18
CA LYS B 124 21.06 -30.53 24.54
C LYS B 124 20.87 -31.78 25.39
N GLU B 125 20.90 -31.63 26.71
CA GLU B 125 20.57 -32.76 27.58
C GLU B 125 19.11 -33.16 27.43
N LYS B 126 18.19 -32.19 27.62
CA LYS B 126 16.78 -32.46 27.39
C LYS B 126 16.54 -33.06 26.02
N MET B 127 17.22 -32.55 24.99
CA MET B 127 16.84 -32.88 23.62
C MET B 127 17.33 -34.26 23.22
N ALA B 128 18.54 -34.64 23.63
CA ALA B 128 18.97 -36.01 23.36
C ALA B 128 18.10 -37.00 24.10
N LYS B 129 17.64 -36.63 25.29
CA LYS B 129 16.73 -37.50 26.03
C LYS B 129 15.38 -37.58 25.32
N LYS B 130 14.80 -36.43 24.98
CA LYS B 130 13.53 -36.39 24.27
C LYS B 130 13.58 -37.21 22.98
N MET B 131 14.68 -37.11 22.23
CA MET B 131 14.82 -37.90 21.02
C MET B 131 14.79 -39.39 21.34
N HIS B 132 15.30 -39.79 22.49
CA HIS B 132 15.23 -41.20 22.86
C HIS B 132 13.79 -41.62 23.18
N GLN B 133 13.04 -40.77 23.89
CA GLN B 133 11.66 -41.10 24.24
C GLN B 133 10.78 -41.15 23.00
N TRP B 134 10.96 -40.22 22.07
CA TRP B 134 10.22 -40.26 20.81
C TRP B 134 10.52 -41.53 20.03
N LEU B 135 11.80 -41.91 19.94
CA LEU B 135 12.17 -43.16 19.27
C LEU B 135 11.41 -44.36 19.86
N ASN B 136 11.25 -44.40 21.17
CA ASN B 136 10.70 -45.61 21.75
C ASN B 136 9.20 -45.69 21.51
N ILE B 137 8.53 -44.52 21.56
CA ILE B 137 7.14 -44.42 21.19
C ILE B 137 6.93 -44.88 19.76
N ILE B 138 7.85 -44.51 18.87
CA ILE B 138 7.80 -44.94 17.49
C ILE B 138 7.90 -46.47 17.40
N ILE B 139 8.90 -47.03 18.10
CA ILE B 139 9.14 -48.46 18.05
C ILE B 139 7.93 -49.20 18.60
N GLY B 140 7.41 -48.75 19.74
CA GLY B 140 6.16 -49.30 20.24
C GLY B 140 5.05 -49.29 19.21
N ALA B 141 4.96 -48.20 18.41
CA ALA B 141 3.90 -48.09 17.41
C ALA B 141 4.07 -49.13 16.31
N CYS B 142 5.30 -49.35 15.86
CA CYS B 142 5.51 -50.37 14.85
C CYS B 142 5.17 -51.76 15.40
N GLU B 143 5.47 -52.01 16.68
CA GLU B 143 5.08 -53.28 17.29
C GLU B 143 3.56 -53.44 17.26
N GLN B 144 2.84 -52.40 17.71
CA GLN B 144 1.38 -52.48 17.71
C GLN B 144 0.80 -52.59 16.31
N CYS B 145 1.26 -51.77 15.37
CA CYS B 145 0.51 -51.64 14.11
C CYS B 145 0.96 -52.60 13.01
N GLY B 146 2.14 -53.22 13.14
CA GLY B 146 2.57 -54.25 12.21
C GLY B 146 3.63 -53.82 11.20
N ARG B 147 4.14 -52.58 11.28
CA ARG B 147 5.29 -52.18 10.45
C ARG B 147 6.53 -52.93 10.89
N ASN B 148 7.21 -53.56 9.94
CA ASN B 148 8.45 -54.28 10.21
C ASN B 148 9.66 -53.45 9.80
N GLN B 149 9.47 -52.13 9.72
CA GLN B 149 10.52 -51.18 9.36
C GLN B 149 10.21 -49.93 10.16
N ILE B 150 11.23 -49.42 10.85
CA ILE B 150 11.15 -48.25 11.71
C ILE B 150 11.25 -46.99 10.86
N PRO B 151 10.34 -46.02 10.98
CA PRO B 151 10.56 -44.75 10.28
C PRO B 151 11.86 -44.10 10.75
N GLU B 152 12.48 -43.34 9.84
CA GLU B 152 13.67 -42.58 10.23
C GLU B 152 13.27 -41.36 11.05
N LEU B 153 13.90 -41.21 12.20
CA LEU B 153 13.73 -40.06 13.07
C LEU B 153 15.00 -39.21 12.93
N ARG B 154 14.86 -38.01 12.38
N ARG B 154 14.85 -38.00 12.40
CA ARG B 154 15.98 -37.11 12.17
CA ARG B 154 15.99 -37.12 12.19
C ARG B 154 16.14 -36.15 13.36
C ARG B 154 16.14 -36.15 13.36
N GLN B 155 17.25 -35.41 13.36
CA GLN B 155 17.53 -34.49 14.46
C GLN B 155 16.68 -33.22 14.32
N PRO B 156 16.41 -32.51 15.41
CA PRO B 156 15.72 -31.22 15.29
C PRO B 156 16.50 -30.25 14.41
N VAL B 157 15.78 -29.55 13.53
CA VAL B 157 16.38 -28.50 12.73
C VAL B 157 15.42 -27.33 12.70
N TYR B 158 15.99 -26.14 12.48
CA TYR B 158 15.20 -24.93 12.37
C TYR B 158 14.50 -24.87 11.04
N LEU B 159 13.32 -24.22 11.03
CA LEU B 159 12.53 -24.10 9.82
C LEU B 159 13.38 -23.60 8.66
N ASP B 160 14.18 -22.58 8.91
CA ASP B 160 15.00 -21.97 7.87
C ASP B 160 15.85 -23.01 7.14
N GLN B 161 16.56 -23.85 7.90
CA GLN B 161 17.40 -24.86 7.28
C GLN B 161 16.58 -25.95 6.60
N PHE B 162 15.54 -26.46 7.27
CA PHE B 162 14.73 -27.54 6.69
C PHE B 162 14.20 -27.15 5.32
N VAL B 163 13.62 -25.96 5.21
CA VAL B 163 13.01 -25.54 3.95
C VAL B 163 14.09 -25.35 2.87
N ARG B 164 15.29 -24.92 3.27
N ARG B 164 15.30 -24.96 3.25
CA ARG B 164 16.40 -24.79 2.32
CA ARG B 164 16.35 -24.79 2.26
C ARG B 164 16.82 -26.15 1.78
C ARG B 164 16.95 -26.12 1.80
N GLU B 165 16.92 -27.15 2.65
CA GLU B 165 17.51 -28.44 2.29
C GLU B 165 16.54 -29.46 1.73
N ALA B 166 15.23 -29.22 1.78
CA ALA B 166 14.27 -30.24 1.37
C ALA B 166 14.41 -30.60 -0.10
N LYS B 167 14.38 -31.90 -0.39
CA LYS B 167 14.54 -32.38 -1.76
C LYS B 167 13.38 -33.26 -2.24
N GLU B 168 12.32 -33.42 -1.45
CA GLU B 168 11.20 -34.25 -1.86
C GLU B 168 10.53 -33.68 -3.11
N HIS B 169 9.99 -34.58 -3.93
CA HIS B 169 9.39 -34.23 -5.20
C HIS B 169 8.08 -33.44 -5.06
N LEU B 170 7.50 -33.38 -3.87
CA LEU B 170 6.30 -32.59 -3.60
C LEU B 170 6.44 -32.05 -2.19
N LYS B 171 6.23 -30.76 -2.03
CA LYS B 171 6.51 -30.07 -0.77
C LYS B 171 5.29 -29.27 -0.35
N LEU B 172 4.86 -29.42 0.90
CA LEU B 172 3.58 -28.87 1.33
C LEU B 172 3.70 -28.20 2.68
N ILE B 173 3.06 -27.04 2.86
CA ILE B 173 3.06 -26.31 4.12
C ILE B 173 1.61 -26.10 4.53
N LEU B 174 1.28 -26.48 5.76
CA LEU B 174 -0.12 -26.62 6.20
C LEU B 174 -0.48 -25.42 7.05
N HIS B 175 -1.54 -24.71 6.68
CA HIS B 175 -1.83 -23.43 7.34
C HIS B 175 -3.33 -23.21 7.21
N PRO B 176 -4.03 -22.88 8.29
CA PRO B 176 -5.50 -22.74 8.22
C PRO B 176 -5.97 -21.67 7.26
N ALA B 177 -5.15 -20.64 6.99
CA ALA B 177 -5.56 -19.57 6.09
C ALA B 177 -5.22 -19.88 4.64
N PHE B 178 -5.32 -21.14 4.26
CA PHE B 178 -5.14 -21.56 2.88
C PHE B 178 -6.44 -22.13 2.35
N SER B 179 -6.50 -22.31 1.03
CA SER B 179 -7.73 -22.78 0.43
C SER B 179 -7.50 -24.00 -0.46
N LYS B 180 -6.30 -24.13 -1.02
CA LYS B 180 -5.94 -25.29 -1.82
C LYS B 180 -6.07 -26.57 -1.00
N THR B 181 -6.64 -27.62 -1.62
CA THR B 181 -6.81 -28.91 -0.98
C THR B 181 -5.92 -29.95 -1.64
N TRP B 182 -5.91 -31.17 -1.07
CA TRP B 182 -5.08 -32.25 -1.60
C TRP B 182 -5.39 -32.56 -3.04
N ARG B 183 -6.62 -32.25 -3.50
CA ARG B 183 -6.98 -32.53 -4.87
C ARG B 183 -6.28 -31.63 -5.88
N ASP B 184 -5.63 -30.56 -5.42
CA ASP B 184 -4.93 -29.63 -6.30
C ASP B 184 -3.48 -30.03 -6.53
N TYR B 185 -3.07 -31.22 -6.08
CA TYR B 185 -1.66 -31.57 -6.12
C TYR B 185 -1.49 -33.01 -6.57
N PRO B 186 -0.39 -33.31 -7.22
CA PRO B 186 -0.07 -34.69 -7.62
C PRO B 186 0.50 -35.48 -6.45
N VAL B 187 -0.38 -35.96 -5.55
CA VAL B 187 0.07 -36.70 -4.37
C VAL B 187 0.30 -38.15 -4.79
N GLN B 188 1.54 -38.49 -5.10
CA GLN B 188 1.90 -39.77 -5.68
C GLN B 188 3.35 -40.05 -5.31
N PRO B 189 3.79 -41.30 -5.40
CA PRO B 189 5.21 -41.63 -5.23
C PRO B 189 6.08 -40.75 -6.12
N PRO B 190 7.36 -40.54 -5.74
CA PRO B 190 8.06 -41.24 -4.65
C PRO B 190 7.82 -40.69 -3.24
N ASP B 191 7.78 -39.37 -3.06
CA ASP B 191 7.84 -38.85 -1.71
C ASP B 191 7.23 -37.46 -1.63
N VAL B 192 6.99 -37.02 -0.39
CA VAL B 192 6.32 -35.77 -0.07
C VAL B 192 6.90 -35.24 1.21
N ALA B 193 7.18 -33.94 1.28
CA ALA B 193 7.52 -33.29 2.54
C ALA B 193 6.36 -32.41 2.97
N LEU B 194 6.11 -32.39 4.28
CA LEU B 194 4.93 -31.77 4.86
C LEU B 194 5.38 -31.02 6.10
N ILE B 195 4.95 -29.77 6.25
CA ILE B 195 5.36 -28.93 7.38
C ILE B 195 4.13 -28.54 8.16
N ILE B 196 4.13 -28.79 9.48
CA ILE B 196 2.99 -28.50 10.36
C ILE B 196 3.47 -27.64 11.53
N GLY B 197 2.70 -26.63 11.89
CA GLY B 197 3.13 -25.67 12.88
C GLY B 197 2.80 -26.02 14.31
N PRO B 198 3.32 -25.23 15.26
CA PRO B 198 3.06 -25.50 16.68
C PRO B 198 1.68 -25.04 17.10
N GLU B 199 1.41 -25.07 18.40
CA GLU B 199 0.10 -24.63 18.90
C GLU B 199 -0.22 -23.21 18.45
N GLY B 200 0.81 -22.37 18.29
CA GLY B 200 0.60 -20.99 17.89
C GLY B 200 0.66 -20.75 16.39
N GLY B 201 0.99 -21.77 15.61
CA GLY B 201 0.96 -21.63 14.18
C GLY B 201 2.19 -20.98 13.61
N PHE B 202 2.11 -20.68 12.33
CA PHE B 202 3.19 -20.00 11.63
C PHE B 202 2.94 -18.50 11.57
N SER B 203 4.01 -17.72 11.68
CA SER B 203 3.97 -16.28 11.46
C SER B 203 3.92 -15.97 9.97
N ASP B 204 3.51 -14.74 9.66
CA ASP B 204 3.52 -14.31 8.27
C ASP B 204 4.91 -14.44 7.67
N GLU B 205 5.94 -14.18 8.47
CA GLU B 205 7.31 -14.36 8.01
C GLU B 205 7.57 -15.80 7.61
N GLU B 206 7.10 -16.75 8.42
CA GLU B 206 7.34 -18.14 8.09
C GLU B 206 6.57 -18.57 6.85
N ILE B 207 5.33 -18.08 6.70
CA ILE B 207 4.60 -18.37 5.48
C ILE B 207 5.33 -17.79 4.28
N ARG B 208 5.84 -16.56 4.42
CA ARG B 208 6.66 -15.94 3.38
C ARG B 208 7.83 -16.85 3.03
N LEU B 209 8.56 -17.28 4.06
CA LEU B 209 9.80 -18.01 3.85
C LEU B 209 9.55 -19.35 3.16
N THR B 210 8.55 -20.12 3.63
CA THR B 210 8.36 -21.47 3.10
C THR B 210 7.81 -21.43 1.67
N SER B 211 6.87 -20.51 1.39
CA SER B 211 6.37 -20.34 0.03
C SER B 211 7.50 -20.00 -0.94
N GLY B 212 8.47 -19.19 -0.50
CA GLY B 212 9.58 -18.83 -1.38
C GLY B 212 10.50 -20.00 -1.71
N HIS B 213 10.54 -21.02 -0.87
CA HIS B 213 11.38 -22.18 -1.15
C HIS B 213 10.60 -23.34 -1.72
N GLY B 214 9.40 -23.09 -2.23
CA GLY B 214 8.67 -24.05 -3.01
C GLY B 214 7.72 -24.94 -2.25
N PHE B 215 7.40 -24.61 -0.99
CA PHE B 215 6.38 -25.38 -0.29
C PHE B 215 5.01 -24.84 -0.66
N LEU B 216 4.24 -25.64 -1.18
CA LEU B 216 2.96 -25.20 -1.70
C LEU B 216 1.87 -25.29 -0.62
N PRO B 217 0.87 -24.39 -0.69
CA PRO B 217 -0.09 -24.26 0.41
C PRO B 217 -1.13 -25.37 0.42
N LEU B 218 -1.37 -25.93 1.60
CA LEU B 218 -2.35 -26.99 1.79
C LEU B 218 -3.26 -26.64 2.95
N SER B 219 -4.57 -26.73 2.71
CA SER B 219 -5.54 -26.62 3.79
C SER B 219 -6.15 -27.98 4.06
N LEU B 220 -6.66 -28.12 5.27
CA LEU B 220 -7.33 -29.30 5.78
C LEU B 220 -8.68 -28.93 6.32
N GLY B 221 -9.41 -28.13 5.53
CA GLY B 221 -10.76 -27.76 5.87
C GLY B 221 -10.79 -26.50 6.67
N PRO B 222 -12.01 -26.02 6.97
CA PRO B 222 -12.18 -24.70 7.57
C PRO B 222 -12.07 -24.68 9.09
N ARG B 223 -11.94 -25.82 9.74
CA ARG B 223 -11.80 -25.84 11.19
C ARG B 223 -10.33 -25.88 11.55
N VAL B 224 -9.99 -25.28 12.67
CA VAL B 224 -8.60 -25.23 13.13
C VAL B 224 -8.29 -26.48 13.96
N LEU B 225 -7.39 -27.32 13.46
CA LEU B 225 -7.02 -28.56 14.11
C LEU B 225 -5.87 -28.32 15.09
N ARG B 226 -5.90 -29.04 16.20
CA ARG B 226 -4.73 -29.01 17.06
C ARG B 226 -3.53 -29.52 16.30
N THR B 227 -2.36 -29.00 16.69
CA THR B 227 -1.11 -29.37 16.02
C THR B 227 -0.97 -30.88 15.84
N GLU B 228 -1.32 -31.66 16.87
CA GLU B 228 -1.17 -33.10 16.77
C GLU B 228 -2.33 -33.73 15.98
N THR B 229 -3.54 -33.16 16.05
CA THR B 229 -4.63 -33.60 15.18
C THR B 229 -4.27 -33.40 13.72
N ALA B 230 -3.64 -32.25 13.40
CA ALA B 230 -3.29 -31.94 12.01
C ALA B 230 -2.31 -32.95 11.44
N ALA B 231 -1.37 -33.42 12.28
CA ALA B 231 -0.49 -34.47 11.79
C ALA B 231 -1.26 -35.74 11.47
N ILE B 232 -2.19 -36.13 12.34
CA ILE B 232 -2.98 -37.33 12.07
C ILE B 232 -3.78 -37.16 10.79
N THR B 233 -4.54 -36.06 10.70
CA THR B 233 -5.38 -35.83 9.53
C THR B 233 -4.54 -35.73 8.26
N ALA B 234 -3.42 -34.97 8.30
CA ALA B 234 -2.65 -34.75 7.08
C ALA B 234 -2.07 -36.04 6.54
N LEU B 235 -1.56 -36.89 7.42
CA LEU B 235 -1.03 -38.18 7.00
C LEU B 235 -2.14 -39.09 6.50
N SER B 236 -3.27 -39.13 7.19
CA SER B 236 -4.40 -39.91 6.71
C SER B 236 -4.79 -39.47 5.30
N VAL B 237 -4.94 -38.16 5.10
CA VAL B 237 -5.37 -37.68 3.78
C VAL B 237 -4.33 -38.00 2.72
N LEU B 238 -3.04 -37.77 3.03
CA LEU B 238 -1.99 -38.03 2.04
C LEU B 238 -1.84 -39.52 1.74
N GLN B 239 -1.99 -40.40 2.73
CA GLN B 239 -1.95 -41.82 2.41
C GLN B 239 -3.19 -42.24 1.62
N ALA B 240 -4.35 -41.66 1.94
CA ALA B 240 -5.57 -41.97 1.21
C ALA B 240 -5.48 -41.54 -0.24
N ALA B 241 -4.78 -40.42 -0.50
CA ALA B 241 -4.71 -39.85 -1.83
C ALA B 241 -3.69 -40.56 -2.70
N GLY B 242 -2.48 -40.78 -2.16
CA GLY B 242 -1.41 -41.36 -2.95
C GLY B 242 -0.64 -42.50 -2.32
N GLY B 243 -1.05 -42.97 -1.14
CA GLY B 243 -0.37 -44.06 -0.45
C GLY B 243 -1.17 -45.36 -0.47
N ASP B 244 -1.36 -45.99 0.69
CA ASP B 244 -2.03 -47.29 0.73
C ASP B 244 -3.30 -47.29 1.57
N LEU B 245 -3.87 -46.10 1.83
CA LEU B 245 -5.13 -46.00 2.57
C LEU B 245 -6.31 -45.99 1.63
N VAL C 4 -0.52 5.90 -14.21
CA VAL C 4 -1.81 5.37 -14.61
C VAL C 4 -1.66 4.00 -15.28
N ARG C 5 -0.71 3.20 -14.81
CA ARG C 5 -0.39 1.90 -15.40
C ARG C 5 -0.89 0.79 -14.51
N THR C 6 -1.62 -0.16 -15.11
CA THR C 6 -2.12 -1.29 -14.36
C THR C 6 -0.96 -2.06 -13.73
N ILE C 7 -1.14 -2.41 -12.45
CA ILE C 7 -0.17 -3.21 -11.71
C ILE C 7 0.14 -4.51 -12.44
N ARG C 8 1.42 -4.86 -12.50
CA ARG C 8 1.87 -6.09 -13.13
C ARG C 8 2.31 -7.07 -12.05
N ILE C 9 1.86 -8.33 -12.16
CA ILE C 9 2.16 -9.32 -11.13
C ILE C 9 2.65 -10.59 -11.81
N TYR C 10 3.83 -11.06 -11.43
CA TYR C 10 4.29 -12.37 -11.87
C TYR C 10 3.53 -13.47 -11.14
N GLN C 11 3.10 -14.46 -11.89
CA GLN C 11 2.29 -15.56 -11.37
C GLN C 11 2.44 -16.72 -12.36
N PRO C 12 3.41 -17.60 -12.15
CA PRO C 12 3.62 -18.71 -13.08
C PRO C 12 2.46 -19.70 -13.00
N GLY C 13 2.36 -20.52 -14.03
CA GLY C 13 1.24 -21.44 -14.17
C GLY C 13 0.53 -21.29 -15.50
N GLU C 14 -0.40 -22.22 -15.73
CA GLU C 14 -1.29 -22.23 -16.89
C GLU C 14 -2.69 -21.96 -16.38
N TYR C 15 -3.23 -20.80 -16.75
CA TYR C 15 -4.59 -20.42 -16.40
C TYR C 15 -5.18 -19.69 -17.59
N GLN C 16 -6.49 -19.56 -17.63
CA GLN C 16 -7.14 -19.17 -18.88
C GLN C 16 -8.34 -18.32 -18.56
N PRO C 17 -8.83 -17.54 -19.55
CA PRO C 17 -10.01 -16.68 -19.31
C PRO C 17 -11.19 -17.48 -18.80
N GLY C 18 -11.91 -16.88 -17.83
CA GLY C 18 -12.99 -17.52 -17.14
C GLY C 18 -12.61 -18.13 -15.80
N GLN C 19 -11.34 -18.28 -15.55
CA GLN C 19 -10.87 -19.05 -14.42
C GLN C 19 -10.78 -18.19 -13.14
N LEU C 20 -11.14 -18.78 -12.01
CA LEU C 20 -10.91 -18.16 -10.71
C LEU C 20 -9.56 -18.61 -10.21
N LEU C 21 -8.64 -17.66 -10.02
CA LEU C 21 -7.27 -17.95 -9.61
C LEU C 21 -6.98 -17.34 -8.24
N GLU C 22 -6.45 -18.15 -7.34
CA GLU C 22 -5.90 -17.61 -6.12
C GLU C 22 -4.45 -17.22 -6.37
N LEU C 23 -4.10 -16.00 -6.00
CA LEU C 23 -2.71 -15.60 -6.10
C LEU C 23 -1.85 -16.39 -5.13
N SER C 24 -0.60 -16.55 -5.50
CA SER C 24 0.46 -17.05 -4.66
C SER C 24 0.48 -16.26 -3.35
N PRO C 25 1.02 -16.85 -2.28
CA PRO C 25 1.08 -16.13 -1.00
C PRO C 25 1.80 -14.78 -1.05
N GLU C 26 2.91 -14.66 -1.81
CA GLU C 26 3.59 -13.36 -1.91
C GLU C 26 2.80 -12.36 -2.76
N ALA C 27 2.21 -12.82 -3.86
CA ALA C 27 1.39 -11.92 -4.66
C ALA C 27 0.12 -11.56 -3.89
N GLY C 28 -0.45 -12.54 -3.18
CA GLY C 28 -1.58 -12.27 -2.32
C GLY C 28 -1.31 -11.15 -1.34
N GLN C 29 -0.23 -11.32 -0.56
CA GLN C 29 0.13 -10.32 0.47
C GLN C 29 0.38 -8.95 -0.15
N HIS C 30 1.05 -8.91 -1.31
CA HIS C 30 1.38 -7.64 -1.93
C HIS C 30 0.14 -6.94 -2.51
N VAL C 31 -0.74 -7.67 -3.19
CA VAL C 31 -1.91 -7.03 -3.79
C VAL C 31 -2.91 -6.61 -2.71
N GLY C 32 -3.28 -7.52 -1.82
CA GLY C 32 -4.35 -7.28 -0.87
C GLY C 32 -3.99 -6.60 0.43
N VAL C 33 -2.72 -6.57 0.79
CA VAL C 33 -2.29 -5.99 2.05
C VAL C 33 -1.41 -4.76 1.84
N VAL C 34 -0.42 -4.86 0.94
CA VAL C 34 0.47 -3.71 0.71
C VAL C 34 -0.25 -2.65 -0.13
N LEU C 35 -0.68 -3.01 -1.34
CA LEU C 35 -1.43 -2.10 -2.22
C LEU C 35 -2.88 -1.91 -1.79
N ARG C 36 -3.38 -2.71 -0.84
CA ARG C 36 -4.74 -2.58 -0.33
C ARG C 36 -5.77 -2.55 -1.46
N MET C 37 -5.58 -3.44 -2.44
CA MET C 37 -6.49 -3.49 -3.56
C MET C 37 -7.71 -4.31 -3.22
N GLU C 38 -8.85 -3.91 -3.77
CA GLU C 38 -10.12 -4.44 -3.32
C GLU C 38 -10.85 -5.04 -4.50
N GLN C 39 -11.96 -5.71 -4.22
CA GLN C 39 -12.74 -6.37 -5.26
C GLN C 39 -13.10 -5.36 -6.36
N GLY C 40 -13.07 -5.82 -7.61
CA GLY C 40 -13.35 -4.94 -8.71
C GLY C 40 -12.12 -4.38 -9.39
N GLU C 41 -11.06 -4.08 -8.63
CA GLU C 41 -9.86 -3.53 -9.23
C GLU C 41 -9.14 -4.57 -10.09
N GLN C 42 -8.37 -4.08 -11.06
CA GLN C 42 -7.79 -4.91 -12.09
C GLN C 42 -6.28 -5.04 -11.97
N LEU C 43 -5.79 -6.15 -12.52
CA LEU C 43 -4.39 -6.55 -12.44
C LEU C 43 -3.98 -7.09 -13.80
N THR C 44 -2.67 -7.09 -14.03
CA THR C 44 -2.08 -7.75 -15.19
C THR C 44 -1.20 -8.84 -14.62
N LEU C 45 -1.63 -10.08 -14.77
CA LEU C 45 -0.74 -11.18 -14.45
C LEU C 45 0.04 -11.56 -15.69
N PHE C 46 1.23 -12.09 -15.47
CA PHE C 46 2.01 -12.63 -16.57
C PHE C 46 2.72 -13.84 -16.01
N ASN C 47 2.77 -14.92 -16.80
CA ASN C 47 3.17 -16.22 -16.29
C ASN C 47 4.55 -16.61 -16.76
N GLY C 48 5.25 -15.71 -17.44
CA GLY C 48 6.58 -16.00 -17.96
C GLY C 48 6.61 -16.59 -19.35
N ASP C 49 5.45 -16.74 -20.00
CA ASP C 49 5.34 -17.27 -21.35
C ASP C 49 4.92 -16.18 -22.33
N ASN C 50 5.40 -14.97 -22.09
CA ASN C 50 5.20 -13.82 -22.97
C ASN C 50 3.71 -13.51 -23.14
N LYS C 51 2.93 -13.78 -22.10
CA LYS C 51 1.49 -13.51 -22.06
C LYS C 51 1.17 -12.53 -20.94
N GLU C 52 0.16 -11.70 -21.18
CA GLU C 52 -0.41 -10.79 -20.19
C GLU C 52 -1.88 -11.14 -20.04
N PHE C 53 -2.28 -11.41 -18.81
CA PHE C 53 -3.64 -11.78 -18.45
C PHE C 53 -4.31 -10.63 -17.72
N THR C 54 -5.35 -10.06 -18.31
CA THR C 54 -6.09 -9.05 -17.56
C THR C 54 -7.04 -9.79 -16.62
N ALA C 55 -7.00 -9.41 -15.34
CA ALA C 55 -7.73 -10.09 -14.30
C ALA C 55 -8.36 -9.04 -13.38
N SER C 56 -9.52 -9.38 -12.81
CA SER C 56 -10.18 -8.57 -11.80
C SER C 56 -10.06 -9.29 -10.46
N ILE C 57 -9.91 -8.50 -9.40
CA ILE C 57 -9.95 -9.07 -8.05
C ILE C 57 -11.39 -9.40 -7.73
N GLU C 58 -11.66 -10.67 -7.43
CA GLU C 58 -12.99 -11.13 -7.10
C GLU C 58 -13.25 -11.18 -5.60
N ARG C 59 -12.25 -11.57 -4.81
N ARG C 59 -12.26 -11.57 -4.81
CA ARG C 59 -12.45 -11.73 -3.38
CA ARG C 59 -12.47 -11.69 -3.38
C ARG C 59 -11.12 -11.55 -2.65
C ARG C 59 -11.13 -11.55 -2.66
N VAL C 60 -11.09 -10.65 -1.68
CA VAL C 60 -9.98 -10.56 -0.75
C VAL C 60 -10.44 -11.13 0.57
N LYS C 61 -9.70 -12.11 1.09
CA LYS C 61 -9.96 -12.74 2.39
C LYS C 61 -8.64 -12.68 3.15
N LYS C 62 -8.48 -11.64 3.97
CA LYS C 62 -7.20 -11.27 4.58
C LYS C 62 -6.08 -11.31 3.55
N LYS C 63 -5.08 -12.19 3.75
CA LYS C 63 -3.93 -12.24 2.86
C LYS C 63 -4.17 -13.07 1.61
N GLN C 64 -5.34 -13.70 1.50
CA GLN C 64 -5.68 -14.44 0.30
C GLN C 64 -6.41 -13.55 -0.68
N VAL C 65 -6.01 -13.62 -1.94
CA VAL C 65 -6.58 -12.80 -3.00
C VAL C 65 -6.96 -13.73 -4.14
N PHE C 66 -8.24 -13.69 -4.54
CA PHE C 66 -8.77 -14.50 -5.63
C PHE C 66 -9.11 -13.59 -6.79
N VAL C 67 -8.56 -13.91 -7.96
CA VAL C 67 -8.76 -13.09 -9.15
C VAL C 67 -9.40 -13.94 -10.24
N ARG C 68 -10.16 -13.25 -11.11
CA ARG C 68 -10.88 -13.80 -12.24
C ARG C 68 -10.16 -13.36 -13.51
N ILE C 69 -9.73 -14.33 -14.31
CA ILE C 69 -9.03 -13.99 -15.55
C ILE C 69 -10.06 -13.53 -16.57
N ALA C 70 -9.85 -12.35 -17.13
CA ALA C 70 -10.79 -11.75 -18.06
C ALA C 70 -10.39 -11.99 -19.50
N SER C 71 -9.09 -11.84 -19.81
CA SER C 71 -8.60 -12.05 -21.16
C SER C 71 -7.11 -12.31 -21.13
N VAL C 72 -6.59 -12.80 -22.25
CA VAL C 72 -5.15 -12.98 -22.40
C VAL C 72 -4.71 -12.29 -23.69
N LEU C 73 -3.49 -11.76 -23.65
CA LEU C 73 -2.85 -11.10 -24.79
C LEU C 73 -1.37 -11.41 -24.77
N GLU C 74 -0.84 -11.94 -25.87
CA GLU C 74 0.60 -12.07 -25.99
C GLU C 74 1.26 -10.71 -26.25
N VAL C 75 2.26 -10.38 -25.43
CA VAL C 75 3.00 -9.12 -25.55
C VAL C 75 4.49 -9.42 -25.37
N ASN C 76 5.29 -9.06 -26.36
CA ASN C 76 6.71 -9.41 -26.39
C ASN C 76 7.59 -8.18 -26.24
N ARG C 77 8.32 -8.10 -25.12
CA ARG C 77 9.30 -7.04 -24.93
C ARG C 77 10.70 -7.59 -24.69
N GLU C 78 10.98 -8.77 -25.25
CA GLU C 78 12.30 -9.35 -25.23
C GLU C 78 13.10 -8.86 -26.42
N SER C 79 14.42 -8.80 -26.24
CA SER C 79 15.34 -8.45 -27.30
C SER C 79 15.63 -9.66 -28.19
N PRO C 80 15.75 -9.47 -29.51
CA PRO C 80 16.32 -10.53 -30.35
C PRO C 80 17.74 -10.92 -29.96
N LEU C 81 18.48 -10.06 -29.27
CA LEU C 81 19.85 -10.37 -28.89
C LEU C 81 19.81 -11.05 -27.52
N LYS C 82 20.16 -12.33 -27.48
CA LYS C 82 20.17 -13.10 -26.24
C LYS C 82 21.55 -12.95 -25.62
N ILE C 83 21.63 -12.15 -24.56
CA ILE C 83 22.90 -11.87 -23.90
C ILE C 83 22.97 -12.71 -22.64
N HIS C 84 23.97 -13.56 -22.58
CA HIS C 84 24.26 -14.34 -21.39
C HIS C 84 25.36 -13.59 -20.64
N LEU C 85 24.99 -12.99 -19.51
CA LEU C 85 25.91 -12.19 -18.70
C LEU C 85 26.47 -13.07 -17.59
N ALA C 86 27.80 -13.19 -17.53
CA ALA C 86 28.51 -13.86 -16.45
C ALA C 86 29.17 -12.78 -15.61
N GLN C 87 28.54 -12.44 -14.49
CA GLN C 87 28.95 -11.32 -13.65
C GLN C 87 29.74 -11.85 -12.47
N ALA C 88 30.96 -11.35 -12.28
CA ALA C 88 31.72 -11.73 -11.11
C ALA C 88 30.97 -11.28 -9.86
N ILE C 89 30.94 -12.16 -8.86
CA ILE C 89 30.14 -11.92 -7.66
C ILE C 89 30.79 -10.82 -6.84
N SER C 90 30.04 -9.74 -6.60
CA SER C 90 30.52 -8.59 -5.85
C SER C 90 29.62 -8.38 -4.64
N LYS C 91 30.06 -7.53 -3.73
CA LYS C 91 29.45 -7.47 -2.41
C LYS C 91 28.16 -6.64 -2.40
N GLY C 92 27.20 -7.09 -1.60
CA GLY C 92 26.14 -6.21 -1.14
C GLY C 92 25.28 -5.65 -2.25
N GLU C 93 25.05 -4.34 -2.19
CA GLU C 93 24.15 -3.67 -3.11
C GLU C 93 24.56 -3.80 -4.58
N ARG C 94 25.81 -4.17 -4.86
CA ARG C 94 26.29 -4.16 -6.24
C ARG C 94 25.70 -5.31 -7.04
N MET C 95 25.80 -6.52 -6.51
CA MET C 95 25.24 -7.68 -7.21
C MET C 95 23.72 -7.54 -7.37
N GLU C 96 23.07 -7.02 -6.33
CA GLU C 96 21.64 -6.75 -6.39
C GLU C 96 21.30 -5.70 -7.46
N MET C 97 22.16 -4.70 -7.64
CA MET C 97 21.99 -3.75 -8.74
C MET C 97 22.10 -4.44 -10.09
N VAL C 98 23.13 -5.26 -10.28
CA VAL C 98 23.30 -5.94 -11.55
C VAL C 98 22.07 -6.76 -11.88
N MET C 99 21.52 -7.49 -10.88
CA MET C 99 20.35 -8.32 -11.13
C MET C 99 19.18 -7.48 -11.62
N GLN C 100 18.90 -6.37 -10.93
CA GLN C 100 17.78 -5.52 -11.34
C GLN C 100 18.01 -4.89 -12.72
N LYS C 101 19.14 -4.20 -12.91
CA LYS C 101 19.31 -3.42 -14.15
C LYS C 101 19.51 -4.32 -15.35
N SER C 102 20.22 -5.44 -15.18
CA SER C 102 20.42 -6.32 -16.31
C SER C 102 19.07 -6.91 -16.80
N ALA C 103 18.16 -7.21 -15.87
CA ALA C 103 16.80 -7.58 -16.26
C ALA C 103 16.10 -6.43 -16.99
N GLU C 104 16.27 -5.20 -16.50
CA GLU C 104 15.70 -4.07 -17.20
C GLU C 104 16.28 -3.93 -18.62
N LEU C 105 17.54 -4.29 -18.80
CA LEU C 105 18.21 -4.14 -20.08
C LEU C 105 18.06 -5.38 -20.94
N GLY C 106 17.14 -6.28 -20.57
CA GLY C 106 16.76 -7.38 -21.44
C GLY C 106 17.69 -8.56 -21.40
N VAL C 107 18.51 -8.70 -20.36
CA VAL C 107 19.43 -9.82 -20.30
C VAL C 107 18.67 -11.14 -20.40
N ALA C 108 19.21 -12.07 -21.19
CA ALA C 108 18.55 -13.36 -21.39
C ALA C 108 18.93 -14.37 -20.33
N CYS C 109 20.17 -14.33 -19.84
CA CYS C 109 20.70 -15.33 -18.92
C CYS C 109 21.81 -14.70 -18.08
N ILE C 110 21.82 -15.02 -16.78
CA ILE C 110 22.81 -14.53 -15.82
C ILE C 110 23.46 -15.71 -15.11
N THR C 111 24.79 -15.80 -15.19
CA THR C 111 25.55 -16.82 -14.47
C THR C 111 26.49 -16.15 -13.48
N PRO C 112 26.22 -16.19 -12.18
CA PRO C 112 27.17 -15.62 -11.21
C PRO C 112 28.53 -16.32 -11.30
N LEU C 113 29.58 -15.52 -11.34
CA LEU C 113 30.94 -15.95 -11.63
C LEU C 113 31.81 -15.73 -10.41
N ILE C 114 32.55 -16.74 -10.01
CA ILE C 114 33.51 -16.62 -8.92
C ILE C 114 34.90 -16.53 -9.54
N THR C 115 35.64 -15.49 -9.17
CA THR C 115 36.89 -15.14 -9.83
C THR C 115 38.03 -15.02 -8.81
N GLU C 116 39.25 -15.08 -9.33
CA GLU C 116 40.44 -15.06 -8.49
C GLU C 116 40.41 -13.87 -7.52
N ARG C 117 40.15 -12.68 -8.05
CA ARG C 117 40.07 -11.46 -7.23
C ARG C 117 38.67 -11.21 -6.68
N CYS C 118 37.86 -12.24 -6.46
CA CYS C 118 36.54 -12.05 -5.89
C CYS C 118 36.60 -11.96 -4.36
N GLN C 119 35.61 -11.24 -3.81
CA GLN C 119 35.54 -10.95 -2.37
C GLN C 119 34.14 -11.26 -1.86
N VAL C 120 33.76 -12.54 -1.89
CA VAL C 120 32.42 -12.93 -1.46
C VAL C 120 32.50 -14.24 -0.67
N LYS C 121 31.81 -14.27 0.46
CA LYS C 121 31.58 -15.50 1.18
C LYS C 121 30.86 -16.53 0.31
N ILE C 122 31.46 -17.71 0.19
CA ILE C 122 30.89 -18.81 -0.59
C ILE C 122 29.99 -19.70 0.27
N ASP C 123 29.59 -19.21 1.45
CA ASP C 123 28.71 -19.94 2.34
C ASP C 123 27.45 -20.39 1.62
N LYS C 124 27.28 -21.71 1.42
CA LYS C 124 26.12 -22.20 0.67
C LYS C 124 24.81 -21.86 1.39
N GLU C 125 24.81 -21.89 2.72
CA GLU C 125 23.66 -21.38 3.46
C GLU C 125 23.32 -19.95 3.05
N LYS C 126 24.34 -19.15 2.72
CA LYS C 126 24.15 -17.79 2.25
C LYS C 126 24.27 -17.66 0.72
N MET C 127 24.95 -18.59 0.04
CA MET C 127 24.97 -18.60 -1.41
C MET C 127 23.60 -18.96 -1.97
N ALA C 128 23.03 -20.07 -1.50
CA ALA C 128 21.65 -20.38 -1.84
C ALA C 128 20.73 -19.24 -1.41
N LYS C 129 21.04 -18.59 -0.29
CA LYS C 129 20.21 -17.46 0.10
C LYS C 129 20.37 -16.30 -0.88
N LYS C 130 21.55 -16.14 -1.48
CA LYS C 130 21.74 -15.03 -2.41
C LYS C 130 21.07 -15.31 -3.75
N MET C 131 21.38 -16.44 -4.39
CA MET C 131 20.69 -16.87 -5.61
C MET C 131 19.18 -16.74 -5.45
N HIS C 132 18.67 -17.04 -4.25
CA HIS C 132 17.24 -16.93 -4.02
C HIS C 132 16.77 -15.48 -4.07
N GLN C 133 17.53 -14.58 -3.42
CA GLN C 133 17.23 -13.16 -3.42
C GLN C 133 17.42 -12.53 -4.79
N TRP C 134 18.40 -13.03 -5.56
CA TRP C 134 18.65 -12.45 -6.87
C TRP C 134 17.55 -12.81 -7.85
N LEU C 135 16.96 -14.00 -7.71
CA LEU C 135 15.83 -14.35 -8.57
C LEU C 135 14.63 -13.46 -8.25
N ASN C 136 14.40 -13.16 -6.97
CA ASN C 136 13.28 -12.29 -6.63
C ASN C 136 13.48 -10.89 -7.18
N ILE C 137 14.73 -10.42 -7.16
CA ILE C 137 15.06 -9.09 -7.68
C ILE C 137 14.79 -9.02 -9.18
N ILE C 138 15.21 -10.07 -9.91
CA ILE C 138 14.95 -10.19 -11.33
C ILE C 138 13.45 -10.17 -11.63
N ILE C 139 12.67 -10.86 -10.78
CA ILE C 139 11.22 -10.93 -11.02
C ILE C 139 10.60 -9.57 -10.80
N GLY C 140 10.99 -8.90 -9.72
CA GLY C 140 10.53 -7.54 -9.49
C GLY C 140 10.84 -6.60 -10.65
N ALA C 141 12.01 -6.77 -11.28
CA ALA C 141 12.35 -5.88 -12.39
C ALA C 141 11.49 -6.16 -13.62
N CYS C 142 11.20 -7.44 -13.87
CA CYS C 142 10.33 -7.81 -14.99
C CYS C 142 8.90 -7.32 -14.79
N GLU C 143 8.43 -7.26 -13.56
CA GLU C 143 7.14 -6.64 -13.29
C GLU C 143 7.21 -5.14 -13.55
N GLN C 144 8.34 -4.52 -13.17
CA GLN C 144 8.49 -3.08 -13.32
C GLN C 144 8.60 -2.68 -14.80
N CYS C 145 9.49 -3.34 -15.54
CA CYS C 145 9.90 -2.87 -16.88
C CYS C 145 9.04 -3.45 -18.00
N GLY C 146 8.14 -4.39 -17.71
CA GLY C 146 7.23 -4.90 -18.71
C GLY C 146 7.64 -6.18 -19.38
N ARG C 147 8.75 -6.79 -18.99
CA ARG C 147 9.09 -8.07 -19.58
C ARG C 147 8.10 -9.14 -19.13
N ASN C 148 7.61 -9.94 -20.08
CA ASN C 148 6.67 -11.02 -19.78
C ASN C 148 7.34 -12.38 -19.88
N GLN C 149 8.65 -12.37 -19.79
CA GLN C 149 9.50 -13.54 -19.78
C GLN C 149 10.57 -13.26 -18.74
N ILE C 150 10.99 -14.28 -18.00
CA ILE C 150 11.98 -14.15 -16.93
C ILE C 150 13.31 -14.69 -17.43
N PRO C 151 14.41 -13.96 -17.25
CA PRO C 151 15.71 -14.51 -17.64
C PRO C 151 16.13 -15.64 -16.72
N GLU C 152 16.83 -16.61 -17.31
CA GLU C 152 17.41 -17.70 -16.54
C GLU C 152 18.53 -17.19 -15.65
N LEU C 153 18.55 -17.64 -14.39
CA LEU C 153 19.63 -17.36 -13.44
C LEU C 153 20.38 -18.66 -13.18
N ARG C 154 21.49 -18.88 -13.89
CA ARG C 154 22.20 -20.14 -13.73
C ARG C 154 22.94 -20.20 -12.39
N GLN C 155 23.24 -21.43 -11.96
CA GLN C 155 23.96 -21.62 -10.72
C GLN C 155 25.40 -21.11 -10.86
N PRO C 156 26.01 -20.65 -9.77
CA PRO C 156 27.35 -20.04 -9.85
C PRO C 156 28.42 -21.02 -10.27
N VAL C 157 29.27 -20.60 -11.20
CA VAL C 157 30.38 -21.44 -11.65
C VAL C 157 31.70 -20.70 -11.48
N TYR C 158 32.78 -21.44 -11.67
CA TYR C 158 34.12 -20.88 -11.70
C TYR C 158 34.45 -20.45 -13.12
N LEU C 159 35.35 -19.48 -13.22
CA LEU C 159 35.74 -18.96 -14.53
C LEU C 159 36.13 -20.07 -15.49
N ASP C 160 36.91 -21.05 -15.01
CA ASP C 160 37.28 -22.17 -15.85
C ASP C 160 36.05 -22.98 -16.29
N GLN C 161 35.09 -23.17 -15.41
CA GLN C 161 33.88 -23.88 -15.81
C GLN C 161 33.15 -23.10 -16.90
N PHE C 162 32.89 -21.81 -16.65
CA PHE C 162 32.17 -21.00 -17.63
C PHE C 162 32.89 -20.97 -18.97
N VAL C 163 34.22 -20.85 -18.95
CA VAL C 163 34.95 -20.63 -20.19
C VAL C 163 34.95 -21.86 -21.09
N ARG C 164 34.76 -23.06 -20.53
CA ARG C 164 34.72 -24.27 -21.35
C ARG C 164 33.32 -24.60 -21.84
N GLU C 165 32.31 -24.40 -20.99
CA GLU C 165 30.93 -24.73 -21.31
C GLU C 165 30.23 -23.65 -22.13
N ALA C 166 30.84 -22.49 -22.32
CA ALA C 166 30.18 -21.41 -23.05
C ALA C 166 30.09 -21.74 -24.54
N LYS C 167 28.87 -21.67 -25.06
CA LYS C 167 28.58 -22.04 -26.44
C LYS C 167 28.05 -20.87 -27.26
N GLU C 168 28.07 -19.65 -26.73
CA GLU C 168 27.47 -18.55 -27.45
C GLU C 168 28.29 -18.19 -28.69
N HIS C 169 27.58 -17.66 -29.69
CA HIS C 169 28.17 -17.40 -30.99
C HIS C 169 29.22 -16.29 -30.93
N LEU C 170 29.04 -15.33 -30.03
CA LEU C 170 30.01 -14.29 -29.77
C LEU C 170 30.37 -14.30 -28.29
N LYS C 171 31.67 -14.37 -28.00
CA LYS C 171 32.18 -14.46 -26.64
C LYS C 171 33.09 -13.27 -26.37
N LEU C 172 32.79 -12.53 -25.30
CA LEU C 172 33.42 -11.25 -25.02
C LEU C 172 33.80 -11.20 -23.54
N ILE C 173 34.92 -10.55 -23.26
CA ILE C 173 35.37 -10.31 -21.89
C ILE C 173 35.80 -8.85 -21.77
N LEU C 174 35.29 -8.16 -20.75
CA LEU C 174 35.66 -6.76 -20.50
C LEU C 174 37.04 -6.64 -19.86
N HIS C 175 37.95 -5.92 -20.53
CA HIS C 175 39.34 -5.75 -20.09
C HIS C 175 40.04 -4.77 -21.03
N PRO C 176 40.91 -3.89 -20.53
CA PRO C 176 41.57 -2.89 -21.40
C PRO C 176 42.84 -3.36 -22.08
N ALA C 177 43.21 -4.65 -22.01
CA ALA C 177 44.54 -5.07 -22.45
C ALA C 177 44.65 -5.11 -23.97
N PHE C 178 43.74 -5.81 -24.64
CA PHE C 178 43.73 -5.90 -26.09
C PHE C 178 42.46 -5.21 -26.60
N SER C 179 42.26 -3.96 -26.18
CA SER C 179 40.92 -3.39 -26.10
C SER C 179 40.39 -2.94 -27.46
N LYS C 180 39.65 -3.83 -28.11
CA LYS C 180 38.81 -3.43 -29.22
C LYS C 180 37.46 -2.97 -28.69
N THR C 181 36.79 -2.10 -29.44
CA THR C 181 35.47 -1.64 -29.02
C THR C 181 34.36 -2.43 -29.71
N TRP C 182 33.13 -2.11 -29.33
CA TRP C 182 31.96 -2.74 -29.93
C TRP C 182 31.96 -2.61 -31.44
N ARG C 183 32.62 -1.60 -32.01
CA ARG C 183 32.62 -1.47 -33.46
C ARG C 183 33.41 -2.56 -34.16
N ASP C 184 34.34 -3.24 -33.47
CA ASP C 184 35.18 -4.28 -34.06
C ASP C 184 34.59 -5.69 -33.95
N TYR C 185 33.39 -5.85 -33.39
CA TYR C 185 32.85 -7.18 -33.22
C TYR C 185 31.48 -7.28 -33.87
N PRO C 186 31.14 -8.47 -34.42
CA PRO C 186 29.79 -8.70 -35.02
C PRO C 186 28.71 -8.91 -33.97
N VAL C 187 28.33 -7.81 -33.32
CA VAL C 187 27.26 -7.82 -32.33
C VAL C 187 25.93 -7.90 -33.08
N GLN C 188 25.30 -9.07 -33.03
CA GLN C 188 24.01 -9.32 -33.68
C GLN C 188 23.44 -10.61 -33.12
N PRO C 189 22.17 -10.92 -33.39
CA PRO C 189 21.63 -12.20 -32.95
C PRO C 189 22.40 -13.35 -33.58
N PRO C 190 22.37 -14.55 -32.96
CA PRO C 190 21.47 -14.96 -31.88
C PRO C 190 21.90 -14.56 -30.49
N ASP C 191 23.10 -14.94 -30.03
CA ASP C 191 23.46 -14.77 -28.62
C ASP C 191 24.89 -14.27 -28.45
N VAL C 192 25.16 -13.80 -27.23
CA VAL C 192 26.43 -13.23 -26.80
C VAL C 192 26.68 -13.67 -25.37
N ALA C 193 27.89 -14.19 -25.12
CA ALA C 193 28.38 -14.43 -23.76
C ALA C 193 29.30 -13.29 -23.34
N LEU C 194 29.11 -12.80 -22.11
CA LEU C 194 29.80 -11.59 -21.63
C LEU C 194 30.31 -11.80 -20.21
N ILE C 195 31.60 -11.59 -19.99
CA ILE C 195 32.22 -11.75 -18.67
C ILE C 195 32.66 -10.39 -18.14
N ILE C 196 32.21 -10.07 -16.92
CA ILE C 196 32.54 -8.80 -16.27
C ILE C 196 33.18 -9.12 -14.93
N GLY C 197 34.42 -8.65 -14.75
CA GLY C 197 35.23 -9.06 -13.62
C GLY C 197 34.88 -8.33 -12.34
N PRO C 198 35.43 -8.82 -11.23
CA PRO C 198 35.17 -8.19 -9.92
C PRO C 198 35.86 -6.84 -9.81
N GLU C 199 35.60 -6.17 -8.68
CA GLU C 199 36.26 -4.91 -8.33
C GLU C 199 37.75 -4.86 -8.67
N GLY C 200 38.45 -6.00 -8.48
CA GLY C 200 39.89 -6.07 -8.69
C GLY C 200 40.35 -6.50 -10.05
N GLY C 201 39.44 -6.88 -10.95
CA GLY C 201 39.82 -7.25 -12.30
C GLY C 201 40.27 -8.70 -12.39
N PHE C 202 41.02 -8.97 -13.46
CA PHE C 202 41.45 -10.31 -13.80
C PHE C 202 42.96 -10.40 -13.74
N SER C 203 43.47 -11.54 -13.28
CA SER C 203 44.90 -11.76 -13.32
C SER C 203 45.34 -12.12 -14.73
N ASP C 204 46.63 -12.42 -14.88
CA ASP C 204 47.18 -12.76 -16.18
C ASP C 204 46.67 -14.12 -16.65
N GLU C 205 46.70 -15.13 -15.78
CA GLU C 205 46.24 -16.46 -16.18
C GLU C 205 44.75 -16.45 -16.50
N GLU C 206 43.96 -15.67 -15.74
CA GLU C 206 42.53 -15.59 -16.03
C GLU C 206 42.29 -15.07 -17.43
N ILE C 207 43.10 -14.11 -17.89
CA ILE C 207 42.98 -13.65 -19.27
C ILE C 207 43.48 -14.71 -20.25
N ARG C 208 44.58 -15.39 -19.91
CA ARG C 208 45.08 -16.46 -20.78
C ARG C 208 44.14 -17.65 -20.79
N LEU C 209 43.44 -17.90 -19.69
CA LEU C 209 42.37 -18.89 -19.71
C LEU C 209 41.28 -18.47 -20.69
N THR C 210 40.80 -17.23 -20.56
CA THR C 210 39.63 -16.78 -21.32
C THR C 210 39.96 -16.55 -22.79
N SER C 211 41.09 -15.93 -23.09
CA SER C 211 41.47 -15.78 -24.49
C SER C 211 41.69 -17.12 -25.17
N GLY C 212 42.00 -18.17 -24.39
CA GLY C 212 42.24 -19.49 -24.95
C GLY C 212 40.97 -20.24 -25.33
N HIS C 213 39.85 -19.89 -24.70
CA HIS C 213 38.54 -20.44 -25.07
C HIS C 213 37.70 -19.42 -25.83
N GLY C 214 38.35 -18.61 -26.67
CA GLY C 214 37.67 -17.77 -27.63
C GLY C 214 37.08 -16.47 -27.14
N PHE C 215 37.26 -16.11 -25.87
CA PHE C 215 36.72 -14.84 -25.38
C PHE C 215 37.61 -13.70 -25.88
N LEU C 216 37.00 -12.78 -26.62
CA LEU C 216 37.63 -11.62 -27.27
C LEU C 216 37.50 -10.39 -26.39
N PRO C 217 38.58 -9.61 -26.31
CA PRO C 217 38.66 -8.53 -25.31
C PRO C 217 37.90 -7.28 -25.75
N LEU C 218 37.14 -6.70 -24.80
CA LEU C 218 36.29 -5.54 -25.04
C LEU C 218 36.62 -4.42 -24.06
N SER C 219 36.65 -3.19 -24.55
CA SER C 219 36.76 -2.01 -23.71
C SER C 219 35.48 -1.19 -23.78
N LEU C 220 35.31 -0.32 -22.80
CA LEU C 220 34.15 0.58 -22.76
C LEU C 220 34.62 1.99 -22.43
N GLY C 221 35.55 2.51 -23.23
CA GLY C 221 36.07 3.85 -23.05
C GLY C 221 37.24 3.93 -22.09
N PRO C 222 37.77 5.13 -21.89
CA PRO C 222 39.03 5.29 -21.14
C PRO C 222 38.87 5.32 -19.63
N ARG C 223 37.65 5.43 -19.11
CA ARG C 223 37.41 5.56 -17.68
C ARG C 223 37.10 4.21 -17.05
N VAL C 224 37.60 3.98 -15.84
CA VAL C 224 37.42 2.68 -15.18
C VAL C 224 36.03 2.66 -14.56
N LEU C 225 35.15 1.80 -15.08
CA LEU C 225 33.80 1.68 -14.55
C LEU C 225 33.77 0.74 -13.35
N ARG C 226 32.92 1.08 -12.37
CA ARG C 226 32.62 0.12 -11.31
C ARG C 226 32.05 -1.17 -11.89
N THR C 227 32.21 -2.26 -11.14
CA THR C 227 31.72 -3.56 -11.57
C THR C 227 30.24 -3.51 -11.96
N GLU C 228 29.41 -2.92 -11.10
CA GLU C 228 27.98 -2.82 -11.41
C GLU C 228 27.71 -1.80 -12.49
N THR C 229 28.53 -0.74 -12.60
CA THR C 229 28.39 0.18 -13.72
C THR C 229 28.66 -0.53 -15.04
N ALA C 230 29.72 -1.36 -15.08
CA ALA C 230 30.13 -1.99 -16.33
C ALA C 230 29.05 -2.93 -16.86
N ALA C 231 28.28 -3.58 -15.97
CA ALA C 231 27.20 -4.43 -16.44
C ALA C 231 26.14 -3.61 -17.17
N ILE C 232 25.60 -2.59 -16.50
CA ILE C 232 24.63 -1.69 -17.14
C ILE C 232 25.15 -1.21 -18.49
N THR C 233 26.39 -0.70 -18.49
CA THR C 233 26.96 -0.07 -19.68
C THR C 233 27.13 -1.08 -20.81
N ALA C 234 27.73 -2.23 -20.50
CA ALA C 234 27.95 -3.24 -21.53
C ALA C 234 26.64 -3.74 -22.12
N LEU C 235 25.65 -4.02 -21.27
CA LEU C 235 24.34 -4.45 -21.79
C LEU C 235 23.72 -3.37 -22.68
N SER C 236 23.80 -2.10 -22.25
CA SER C 236 23.20 -1.01 -23.00
C SER C 236 23.85 -0.84 -24.37
N VAL C 237 25.17 -0.94 -24.42
CA VAL C 237 25.91 -0.84 -25.67
C VAL C 237 25.62 -2.04 -26.56
N LEU C 238 25.67 -3.25 -25.99
CA LEU C 238 25.42 -4.42 -26.83
C LEU C 238 24.01 -4.39 -27.41
N GLN C 239 23.02 -3.97 -26.61
CA GLN C 239 21.64 -3.92 -27.11
C GLN C 239 21.47 -2.83 -28.17
N ALA C 240 22.09 -1.67 -27.97
CA ALA C 240 22.08 -0.64 -29.00
C ALA C 240 22.76 -1.12 -30.29
N ALA C 241 23.70 -2.07 -30.18
CA ALA C 241 24.47 -2.48 -31.35
C ALA C 241 23.79 -3.59 -32.13
N GLY C 242 23.40 -4.68 -31.44
CA GLY C 242 22.78 -5.81 -32.07
C GLY C 242 21.46 -6.24 -31.46
N GLY C 243 20.89 -5.41 -30.59
CA GLY C 243 19.63 -5.76 -29.96
C GLY C 243 18.51 -4.86 -30.39
N ASP C 244 17.72 -4.37 -29.42
CA ASP C 244 16.53 -3.60 -29.75
C ASP C 244 16.56 -2.19 -29.15
N LEU C 245 17.74 -1.68 -28.80
CA LEU C 245 17.86 -0.30 -28.34
C LEU C 245 18.18 0.64 -29.50
N ALA D 3 48.42 -6.25 -9.70
CA ALA D 3 49.44 -5.41 -10.30
C ALA D 3 49.73 -4.16 -9.47
N VAL D 4 49.96 -3.03 -10.13
CA VAL D 4 50.21 -1.75 -9.48
C VAL D 4 48.90 -0.98 -9.45
N ARG D 5 48.53 -0.49 -8.27
CA ARG D 5 47.30 0.26 -8.04
C ARG D 5 47.66 1.49 -7.23
N THR D 6 47.15 2.66 -7.62
CA THR D 6 47.55 3.91 -6.98
C THR D 6 46.33 4.75 -6.57
N ILE D 7 46.32 5.17 -5.31
CA ILE D 7 45.24 6.01 -4.79
C ILE D 7 45.21 7.34 -5.53
N ARG D 8 44.03 7.71 -6.01
CA ARG D 8 43.79 9.03 -6.57
C ARG D 8 43.09 9.93 -5.55
N ILE D 9 43.56 11.17 -5.41
CA ILE D 9 42.97 12.13 -4.47
C ILE D 9 42.71 13.43 -5.19
N TYR D 10 41.44 13.84 -5.23
CA TYR D 10 41.09 15.15 -5.73
C TYR D 10 41.61 16.19 -4.77
N GLN D 11 42.34 17.16 -5.31
CA GLN D 11 42.99 18.17 -4.48
C GLN D 11 43.10 19.43 -5.33
N PRO D 12 42.04 20.22 -5.38
CA PRO D 12 42.06 21.44 -6.18
C PRO D 12 43.14 22.39 -5.67
N GLY D 13 43.48 23.38 -6.48
CA GLY D 13 44.53 24.33 -6.17
C GLY D 13 45.61 24.39 -7.24
N GLU D 14 46.51 25.37 -7.07
CA GLU D 14 47.66 25.56 -7.95
C GLU D 14 48.92 25.19 -7.17
N TYR D 15 49.54 24.07 -7.53
CA TYR D 15 50.77 23.65 -6.89
C TYR D 15 51.68 23.09 -7.96
N GLN D 16 52.96 22.95 -7.64
CA GLN D 16 53.97 22.64 -8.64
C GLN D 16 54.99 21.66 -8.09
N PRO D 17 55.74 20.98 -8.96
CA PRO D 17 56.77 20.04 -8.51
C PRO D 17 57.76 20.65 -7.51
N GLY D 18 58.09 19.85 -6.48
CA GLY D 18 58.98 20.28 -5.41
C GLY D 18 58.27 21.01 -4.30
N GLN D 19 57.00 21.35 -4.47
CA GLN D 19 56.19 21.90 -3.39
C GLN D 19 55.93 20.82 -2.33
N LEU D 20 56.01 21.22 -1.06
CA LEU D 20 55.47 20.45 0.05
C LEU D 20 54.06 20.96 0.29
N LEU D 21 53.07 20.15 -0.05
CA LEU D 21 51.67 20.57 0.00
C LEU D 21 50.98 19.88 1.17
N GLU D 22 50.31 20.66 2.02
CA GLU D 22 49.42 20.09 3.03
C GLU D 22 48.09 19.72 2.38
N LEU D 23 47.73 18.44 2.42
CA LEU D 23 46.42 18.03 1.87
C LEU D 23 45.30 18.75 2.60
N SER D 24 44.17 18.97 1.89
CA SER D 24 42.98 19.52 2.52
C SER D 24 42.61 18.68 3.75
N PRO D 25 41.94 19.26 4.75
CA PRO D 25 41.66 18.48 5.97
C PRO D 25 41.03 17.13 5.71
N GLU D 26 40.11 17.08 4.73
CA GLU D 26 39.35 15.87 4.44
C GLU D 26 40.20 14.85 3.70
N ALA D 27 41.00 15.31 2.73
CA ALA D 27 41.86 14.42 1.98
C ALA D 27 42.97 13.86 2.86
N GLY D 28 43.49 14.69 3.77
CA GLY D 28 44.48 14.21 4.72
C GLY D 28 43.86 13.27 5.74
N GLN D 29 42.65 13.56 6.18
CA GLN D 29 41.95 12.60 7.02
C GLN D 29 41.78 11.27 6.30
N HIS D 30 41.41 11.32 5.01
CA HIS D 30 41.28 10.09 4.24
C HIS D 30 42.59 9.33 4.20
N VAL D 31 43.64 9.99 3.73
CA VAL D 31 44.97 9.39 3.62
C VAL D 31 45.49 8.98 5.00
N GLY D 32 45.42 9.89 5.98
CA GLY D 32 46.09 9.68 7.24
C GLY D 32 45.39 8.76 8.21
N VAL D 33 44.07 8.88 8.32
CA VAL D 33 43.29 8.16 9.32
C VAL D 33 42.51 7.01 8.71
N VAL D 34 41.75 7.27 7.66
CA VAL D 34 40.90 6.24 7.05
C VAL D 34 41.76 5.16 6.40
N LEU D 35 42.69 5.57 5.51
CA LEU D 35 43.57 4.65 4.82
C LEU D 35 44.79 4.24 5.63
N ARG D 36 45.16 5.00 6.67
CA ARG D 36 46.33 4.70 7.50
C ARG D 36 47.60 4.57 6.65
N MET D 37 47.75 5.43 5.65
CA MET D 37 48.97 5.43 4.85
C MET D 37 50.13 6.06 5.60
N GLU D 38 51.34 5.59 5.29
CA GLU D 38 52.56 5.94 6.01
C GLU D 38 53.51 6.74 5.13
N GLN D 39 54.46 7.40 5.79
CA GLN D 39 55.49 8.15 5.10
C GLN D 39 56.18 7.29 4.05
N GLY D 40 56.43 7.86 2.89
CA GLY D 40 57.06 7.16 1.80
C GLY D 40 56.10 6.71 0.72
N GLU D 41 54.83 6.50 1.05
CA GLU D 41 53.96 5.96 0.03
C GLU D 41 53.64 7.00 -1.03
N GLN D 42 53.15 6.53 -2.16
CA GLN D 42 52.86 7.37 -3.31
C GLN D 42 51.37 7.72 -3.39
N LEU D 43 51.10 8.89 -3.98
CA LEU D 43 49.74 9.34 -4.19
C LEU D 43 49.65 9.96 -5.58
N THR D 44 48.48 9.88 -6.19
CA THR D 44 48.22 10.60 -7.44
C THR D 44 47.22 11.69 -7.10
N LEU D 45 47.68 12.93 -7.04
CA LEU D 45 46.74 14.03 -6.91
C LEU D 45 46.21 14.45 -8.28
N PHE D 46 45.01 15.00 -8.28
CA PHE D 46 44.54 15.72 -9.44
C PHE D 46 43.73 16.91 -8.95
N ASN D 47 43.81 17.99 -9.71
CA ASN D 47 43.34 19.29 -9.28
C ASN D 47 42.11 19.74 -10.05
N GLY D 48 41.60 18.92 -10.95
CA GLY D 48 40.41 19.24 -11.69
C GLY D 48 40.68 19.84 -13.03
N ASP D 49 41.95 19.94 -13.42
CA ASP D 49 42.36 20.63 -14.64
C ASP D 49 43.05 19.68 -15.62
N ASN D 50 42.65 18.41 -15.62
CA ASN D 50 43.19 17.39 -16.52
C ASN D 50 44.69 17.17 -16.31
N LYS D 51 45.13 17.40 -15.07
CA LYS D 51 46.50 17.16 -14.62
C LYS D 51 46.54 16.10 -13.53
N GLU D 52 47.55 15.24 -13.59
CA GLU D 52 47.86 14.27 -12.55
C GLU D 52 49.22 14.60 -11.96
N PHE D 53 49.32 14.59 -10.63
CA PHE D 53 50.55 14.87 -9.90
C PHE D 53 50.95 13.64 -9.10
N THR D 54 52.11 13.08 -9.42
CA THR D 54 52.70 12.12 -8.50
C THR D 54 53.20 12.84 -7.27
N ALA D 55 52.91 12.29 -6.10
CA ALA D 55 53.40 12.84 -4.85
C ALA D 55 53.80 11.70 -3.91
N SER D 56 54.77 11.98 -3.07
CA SER D 56 55.14 11.09 -1.98
C SER D 56 54.74 11.71 -0.66
N ILE D 57 54.35 10.87 0.28
CA ILE D 57 53.98 11.34 1.61
C ILE D 57 55.24 11.60 2.42
N GLU D 58 55.43 12.83 2.86
CA GLU D 58 56.60 13.16 3.68
C GLU D 58 56.35 13.12 5.18
N ARG D 59 55.16 13.51 5.64
CA ARG D 59 54.86 13.51 7.06
C ARG D 59 53.39 13.25 7.26
N VAL D 60 53.07 12.38 8.22
CA VAL D 60 51.71 12.01 8.58
C VAL D 60 51.55 12.21 10.07
N LYS D 61 50.58 13.00 10.45
CA LYS D 61 50.25 13.19 11.86
C LYS D 61 48.71 13.14 11.89
N LYS D 62 48.17 11.91 11.87
CA LYS D 62 46.73 11.68 11.75
C LYS D 62 46.14 12.44 10.56
N LYS D 63 45.24 13.41 10.77
CA LYS D 63 44.62 14.09 9.62
C LYS D 63 45.54 15.04 8.87
N GLN D 64 46.66 15.48 9.48
CA GLN D 64 47.58 16.43 8.85
C GLN D 64 48.58 15.66 7.99
N VAL D 65 48.50 15.81 6.68
CA VAL D 65 49.38 15.08 5.77
C VAL D 65 50.09 16.06 4.84
N PHE D 66 51.40 15.90 4.72
CA PHE D 66 52.25 16.70 3.84
C PHE D 66 52.82 15.79 2.77
N VAL D 67 52.77 16.26 1.53
CA VAL D 67 53.23 15.46 0.41
C VAL D 67 54.10 16.33 -0.46
N ARG D 68 55.13 15.71 -1.03
CA ARG D 68 56.07 16.37 -1.93
C ARG D 68 55.65 16.09 -3.36
N ILE D 69 55.30 17.15 -4.10
CA ILE D 69 54.96 16.98 -5.50
C ILE D 69 56.18 16.52 -6.27
N ALA D 70 56.00 15.51 -7.11
CA ALA D 70 57.09 14.88 -7.85
C ALA D 70 57.00 15.08 -9.34
N SER D 71 55.80 15.16 -9.91
CA SER D 71 55.64 15.37 -11.36
C SER D 71 54.31 16.06 -11.59
N VAL D 72 54.15 16.59 -12.79
CA VAL D 72 52.85 16.98 -13.30
C VAL D 72 52.75 16.52 -14.74
N LEU D 73 51.57 16.09 -15.13
CA LEU D 73 51.31 15.56 -16.46
C LEU D 73 49.91 15.94 -16.87
N GLU D 74 49.72 16.11 -18.16
CA GLU D 74 48.37 16.18 -18.69
C GLU D 74 47.86 14.76 -18.89
N VAL D 75 46.77 14.43 -18.21
CA VAL D 75 46.13 13.13 -18.36
C VAL D 75 44.65 13.39 -18.55
N ASN D 76 44.16 13.23 -19.77
CA ASN D 76 42.79 13.58 -20.08
C ASN D 76 42.03 12.30 -20.37
N ARG D 77 40.99 12.05 -19.56
CA ARG D 77 40.10 10.90 -19.78
C ARG D 77 38.66 11.37 -20.02
N GLU D 78 38.48 12.60 -20.46
CA GLU D 78 37.18 13.13 -20.79
C GLU D 78 36.75 12.67 -22.17
N SER D 79 35.44 12.65 -22.37
CA SER D 79 34.89 12.27 -23.66
C SER D 79 34.83 13.50 -24.57
N PRO D 80 35.15 13.35 -25.86
CA PRO D 80 34.99 14.48 -26.78
C PRO D 80 33.54 14.83 -27.02
N LEU D 81 32.63 13.91 -26.74
CA LEU D 81 31.20 14.15 -26.77
C LEU D 81 30.78 14.66 -25.40
N LYS D 82 30.33 15.90 -25.32
CA LYS D 82 30.02 16.53 -24.05
C LYS D 82 28.51 16.49 -23.85
N ILE D 83 28.07 15.84 -22.79
CA ILE D 83 26.65 15.61 -22.57
C ILE D 83 26.21 16.39 -21.35
N HIS D 84 25.10 17.10 -21.47
CA HIS D 84 24.48 17.85 -20.38
C HIS D 84 23.21 17.10 -19.99
N LEU D 85 23.28 16.38 -18.86
CA LEU D 85 22.17 15.56 -18.37
C LEU D 85 21.24 16.40 -17.50
N ALA D 86 20.01 16.62 -17.97
CA ALA D 86 18.94 17.19 -17.15
C ALA D 86 18.13 16.05 -16.53
N GLN D 87 18.42 15.73 -15.28
CA GLN D 87 17.81 14.58 -14.62
C GLN D 87 16.72 15.05 -13.66
N ALA D 88 15.48 14.63 -13.92
CA ALA D 88 14.39 14.93 -13.01
C ALA D 88 14.65 14.34 -11.62
N ILE D 89 14.47 15.15 -10.57
CA ILE D 89 14.88 14.78 -9.23
C ILE D 89 13.98 13.68 -8.68
N SER D 90 14.58 12.65 -8.11
CA SER D 90 13.85 11.51 -7.58
C SER D 90 14.36 11.18 -6.18
N LYS D 91 13.64 10.27 -5.53
CA LYS D 91 13.80 10.03 -4.10
C LYS D 91 15.13 9.36 -3.76
N GLY D 92 15.88 9.98 -2.86
CA GLY D 92 16.89 9.26 -2.12
C GLY D 92 18.06 8.78 -2.95
N GLU D 93 18.40 7.50 -2.79
CA GLU D 93 19.62 6.92 -3.35
C GLU D 93 19.60 6.84 -4.86
N ARG D 94 18.45 7.04 -5.51
CA ARG D 94 18.45 7.02 -6.96
C ARG D 94 19.21 8.21 -7.51
N MET D 95 18.95 9.41 -7.00
CA MET D 95 19.70 10.56 -7.47
C MET D 95 21.19 10.41 -7.18
N GLU D 96 21.53 9.80 -6.04
CA GLU D 96 22.93 9.53 -5.74
C GLU D 96 23.52 8.57 -6.76
N MET D 97 22.73 7.57 -7.17
CA MET D 97 23.11 6.69 -8.26
C MET D 97 23.47 7.47 -9.52
N VAL D 98 22.58 8.38 -9.93
CA VAL D 98 22.76 9.10 -11.20
C VAL D 98 24.02 9.94 -11.13
N MET D 99 24.14 10.76 -10.09
CA MET D 99 25.36 11.50 -9.81
C MET D 99 26.61 10.64 -9.98
N GLN D 100 26.66 9.50 -9.29
CA GLN D 100 27.86 8.69 -9.35
C GLN D 100 28.10 8.15 -10.75
N LYS D 101 27.11 7.41 -11.29
CA LYS D 101 27.31 6.67 -12.52
C LYS D 101 27.37 7.57 -13.74
N SER D 102 26.68 8.71 -13.74
CA SER D 102 26.85 9.60 -14.87
C SER D 102 28.27 10.20 -14.91
N ALA D 103 28.92 10.32 -13.75
CA ALA D 103 30.30 10.82 -13.75
C ALA D 103 31.25 9.77 -14.29
N GLU D 104 31.07 8.49 -13.89
CA GLU D 104 31.81 7.41 -14.51
C GLU D 104 31.62 7.38 -16.01
N LEU D 105 30.42 7.72 -16.48
CA LEU D 105 30.12 7.63 -17.90
C LEU D 105 30.42 8.91 -18.65
N GLY D 106 31.27 9.77 -18.08
CA GLY D 106 31.82 10.92 -18.76
C GLY D 106 30.91 12.12 -18.91
N VAL D 107 29.83 12.20 -18.12
CA VAL D 107 28.92 13.34 -18.24
C VAL D 107 29.69 14.65 -18.03
N ALA D 108 29.37 15.65 -18.84
CA ALA D 108 30.03 16.95 -18.75
C ALA D 108 29.33 17.88 -17.76
N CYS D 109 28.01 17.94 -17.82
CA CYS D 109 27.23 18.86 -17.00
C CYS D 109 25.96 18.16 -16.52
N ILE D 110 25.54 18.45 -15.29
CA ILE D 110 24.32 17.87 -14.72
C ILE D 110 23.45 18.98 -14.16
N THR D 111 22.18 19.00 -14.54
CA THR D 111 21.18 19.94 -14.01
C THR D 111 20.07 19.15 -13.33
N PRO D 112 19.91 19.26 -12.01
CA PRO D 112 18.70 18.72 -11.38
C PRO D 112 17.46 19.40 -11.94
N LEU D 113 16.39 18.61 -12.12
CA LEU D 113 15.22 19.08 -12.85
C LEU D 113 13.96 18.94 -12.01
N ILE D 114 13.14 19.98 -11.98
CA ILE D 114 11.86 19.95 -11.32
C ILE D 114 10.79 19.88 -12.41
N THR D 115 10.18 18.71 -12.57
CA THR D 115 9.13 18.49 -13.55
C THR D 115 7.78 18.28 -12.85
N GLU D 116 6.71 18.21 -13.63
CA GLU D 116 5.37 18.21 -13.05
C GLU D 116 5.18 17.04 -12.10
N ARG D 117 5.60 15.84 -12.50
CA ARG D 117 5.39 14.65 -11.68
C ARG D 117 6.49 14.43 -10.66
N CYS D 118 7.32 15.44 -10.39
CA CYS D 118 8.33 15.33 -9.36
C CYS D 118 7.69 15.37 -7.98
N GLN D 119 8.04 14.42 -7.13
CA GLN D 119 7.46 14.32 -5.79
C GLN D 119 8.40 14.92 -4.76
N VAL D 120 8.65 16.21 -4.91
CA VAL D 120 9.49 16.97 -4.00
C VAL D 120 8.98 18.40 -3.94
N LYS D 121 8.97 18.96 -2.74
CA LYS D 121 8.75 20.38 -2.54
C LYS D 121 10.09 21.04 -2.28
N ILE D 122 10.26 22.26 -2.79
CA ILE D 122 11.54 22.93 -2.64
C ILE D 122 11.78 23.26 -1.18
N ASP D 123 12.96 22.93 -0.69
CA ASP D 123 13.41 23.31 0.65
C ASP D 123 14.83 23.78 0.45
N LYS D 124 15.03 25.09 0.43
CA LYS D 124 16.35 25.64 0.15
C LYS D 124 17.40 25.06 1.08
N GLU D 125 17.02 24.79 2.34
CA GLU D 125 17.97 24.22 3.29
C GLU D 125 18.21 22.73 3.01
N LYS D 126 17.15 21.98 2.70
CA LYS D 126 17.33 20.58 2.34
C LYS D 126 18.03 20.45 0.99
N MET D 127 17.70 21.32 0.04
CA MET D 127 18.27 21.23 -1.30
C MET D 127 19.73 21.66 -1.31
N ALA D 128 20.09 22.63 -0.49
CA ALA D 128 21.50 23.03 -0.41
C ALA D 128 22.37 21.88 0.08
N LYS D 129 21.84 21.07 1.01
CA LYS D 129 22.62 19.94 1.49
C LYS D 129 22.68 18.84 0.44
N LYS D 130 21.56 18.60 -0.24
CA LYS D 130 21.53 17.66 -1.37
C LYS D 130 22.52 18.07 -2.45
N MET D 131 22.45 19.34 -2.90
CA MET D 131 23.40 19.84 -3.88
C MET D 131 24.83 19.63 -3.41
N HIS D 132 25.08 19.78 -2.11
CA HIS D 132 26.41 19.55 -1.56
C HIS D 132 26.76 18.06 -1.61
N GLN D 133 25.86 17.21 -1.11
CA GLN D 133 26.11 15.77 -1.12
C GLN D 133 26.40 15.25 -2.52
N TRP D 134 25.69 15.76 -3.52
CA TRP D 134 25.85 15.27 -4.88
C TRP D 134 27.21 15.63 -5.47
N LEU D 135 27.73 16.83 -5.18
CA LEU D 135 29.05 17.18 -5.72
C LEU D 135 30.15 16.30 -5.14
N ASN D 136 30.01 15.91 -3.87
CA ASN D 136 31.00 15.02 -3.28
C ASN D 136 30.91 13.62 -3.87
N ILE D 137 29.68 13.16 -4.19
CA ILE D 137 29.53 11.90 -4.92
C ILE D 137 30.22 11.98 -6.27
N ILE D 138 30.04 13.11 -6.97
CA ILE D 138 30.64 13.26 -8.29
C ILE D 138 32.15 13.27 -8.21
N ILE D 139 32.70 13.91 -7.17
CA ILE D 139 34.15 13.98 -7.01
C ILE D 139 34.72 12.60 -6.69
N GLY D 140 34.07 11.87 -5.78
CA GLY D 140 34.51 10.51 -5.50
C GLY D 140 34.48 9.62 -6.72
N ALA D 141 33.43 9.76 -7.54
CA ALA D 141 33.37 9.03 -8.80
C ALA D 141 34.58 9.35 -9.69
N CYS D 142 34.94 10.63 -9.79
CA CYS D 142 36.11 10.98 -10.60
C CYS D 142 37.39 10.41 -10.04
N GLU D 143 37.51 10.32 -8.70
CA GLU D 143 38.70 9.70 -8.13
C GLU D 143 38.73 8.21 -8.45
N GLN D 144 37.56 7.57 -8.51
CA GLN D 144 37.49 6.15 -8.81
C GLN D 144 37.75 5.88 -10.27
N CYS D 145 37.05 6.59 -11.17
CA CYS D 145 37.08 6.19 -12.58
C CYS D 145 38.23 6.80 -13.38
N GLY D 146 38.96 7.77 -12.81
CA GLY D 146 40.15 8.31 -13.46
C GLY D 146 39.99 9.65 -14.14
N ARG D 147 38.79 10.23 -14.11
CA ARG D 147 38.62 11.56 -14.68
C ARG D 147 39.40 12.59 -13.89
N ASN D 148 40.14 13.43 -14.61
CA ASN D 148 40.94 14.47 -13.97
C ASN D 148 40.31 15.84 -14.14
N GLN D 149 39.03 15.86 -14.50
CA GLN D 149 38.21 17.05 -14.57
C GLN D 149 36.87 16.69 -13.96
N ILE D 150 36.25 17.65 -13.28
CA ILE D 150 35.05 17.40 -12.47
C ILE D 150 33.83 17.89 -13.24
N PRO D 151 32.77 17.09 -13.36
CA PRO D 151 31.51 17.58 -13.93
C PRO D 151 30.99 18.82 -13.19
N GLU D 152 30.37 19.72 -13.95
CA GLU D 152 29.72 20.89 -13.37
C GLU D 152 28.30 20.51 -12.97
N LEU D 153 27.92 20.86 -11.74
CA LEU D 153 26.61 20.55 -11.18
C LEU D 153 25.88 21.86 -10.93
N ARG D 154 24.90 22.15 -11.79
CA ARG D 154 24.21 23.43 -11.78
C ARG D 154 23.04 23.40 -10.83
N GLN D 155 22.57 24.60 -10.46
CA GLN D 155 21.49 24.69 -9.50
C GLN D 155 20.23 24.09 -10.10
N PRO D 156 19.37 23.47 -9.28
CA PRO D 156 18.16 22.89 -9.83
C PRO D 156 17.27 23.97 -10.44
N VAL D 157 16.66 23.65 -11.58
CA VAL D 157 15.81 24.58 -12.29
C VAL D 157 14.49 23.91 -12.60
N TYR D 158 13.52 24.73 -12.99
CA TYR D 158 12.25 24.20 -13.45
C TYR D 158 12.35 23.81 -14.92
N LEU D 159 11.50 22.87 -15.32
CA LEU D 159 11.57 22.33 -16.67
C LEU D 159 11.48 23.44 -17.72
N ASP D 160 10.58 24.41 -17.50
CA ASP D 160 10.50 25.55 -18.40
C ASP D 160 11.87 26.21 -18.57
N GLN D 161 12.52 26.56 -17.44
CA GLN D 161 13.75 27.34 -17.52
C GLN D 161 14.87 26.59 -18.21
N PHE D 162 15.06 25.31 -17.87
CA PHE D 162 16.08 24.51 -18.56
C PHE D 162 15.83 24.52 -20.06
N VAL D 163 14.58 24.27 -20.44
CA VAL D 163 14.22 24.12 -21.85
C VAL D 163 14.54 25.40 -22.62
N ARG D 164 14.16 26.56 -22.06
CA ARG D 164 14.55 27.83 -22.66
C ARG D 164 16.07 27.97 -22.70
N GLU D 165 16.72 27.85 -21.53
CA GLU D 165 18.10 28.29 -21.40
C GLU D 165 19.08 27.40 -22.15
N ALA D 166 18.73 26.12 -22.35
CA ALA D 166 19.67 25.19 -22.96
C ALA D 166 19.99 25.60 -24.40
N LYS D 167 21.27 25.47 -24.78
CA LYS D 167 21.75 25.88 -26.09
C LYS D 167 22.50 24.78 -26.83
N GLU D 168 22.56 23.57 -26.27
CA GLU D 168 23.41 22.51 -26.81
C GLU D 168 23.00 22.17 -28.24
N HIS D 169 23.98 21.71 -29.01
CA HIS D 169 23.84 21.36 -30.42
C HIS D 169 22.63 20.46 -30.65
N LEU D 170 22.67 19.23 -30.15
CA LEU D 170 21.58 18.27 -30.29
C LEU D 170 20.81 18.18 -28.99
N LYS D 171 19.48 18.21 -29.07
CA LYS D 171 18.65 18.24 -27.86
C LYS D 171 17.66 17.08 -27.90
N LEU D 172 17.76 16.18 -26.92
CA LEU D 172 16.99 14.93 -26.87
C LEU D 172 16.25 14.80 -25.55
N ILE D 173 15.05 14.23 -25.61
CA ILE D 173 14.28 13.92 -24.41
C ILE D 173 13.78 12.48 -24.50
N LEU D 174 13.84 11.76 -23.38
CA LEU D 174 13.44 10.35 -23.34
C LEU D 174 11.94 10.23 -23.13
N HIS D 175 11.25 9.63 -24.08
CA HIS D 175 9.81 9.42 -24.03
C HIS D 175 9.40 8.56 -25.23
N PRO D 176 8.46 7.62 -25.06
CA PRO D 176 8.08 6.73 -26.17
C PRO D 176 7.42 7.41 -27.37
N ALA D 177 6.60 8.45 -27.18
CA ALA D 177 5.79 8.99 -28.27
C ALA D 177 6.67 9.57 -29.38
N PHE D 178 6.37 9.20 -30.63
CA PHE D 178 7.11 9.62 -31.83
C PHE D 178 8.58 9.24 -31.77
N SER D 179 8.92 8.16 -31.07
CA SER D 179 10.30 7.90 -30.70
C SER D 179 11.10 7.33 -31.87
N LYS D 180 12.19 8.00 -32.21
CA LYS D 180 13.28 7.43 -33.00
C LYS D 180 14.38 6.95 -32.06
N THR D 181 15.30 6.15 -32.61
CA THR D 181 16.41 5.63 -31.83
C THR D 181 17.68 6.48 -32.01
N TRP D 182 18.75 6.09 -31.30
CA TRP D 182 20.04 6.75 -31.42
C TRP D 182 20.56 6.78 -32.85
N ARG D 183 20.24 5.75 -33.66
CA ARG D 183 20.70 5.71 -35.04
C ARG D 183 20.15 6.86 -35.86
N ASP D 184 19.01 7.41 -35.48
CA ASP D 184 18.32 8.41 -36.27
C ASP D 184 18.76 9.84 -35.96
N TYR D 185 19.71 10.04 -35.07
CA TYR D 185 20.14 11.40 -34.75
C TYR D 185 21.63 11.55 -34.97
N PRO D 186 22.09 12.75 -35.28
CA PRO D 186 23.54 12.97 -35.39
C PRO D 186 24.20 13.05 -34.02
N VAL D 187 24.57 11.89 -33.46
CA VAL D 187 25.15 11.84 -32.14
C VAL D 187 26.66 12.05 -32.30
N GLN D 188 27.13 13.25 -31.98
CA GLN D 188 28.49 13.64 -32.32
C GLN D 188 28.88 14.89 -31.54
N PRO D 189 30.17 15.11 -31.32
CA PRO D 189 30.62 16.39 -30.76
C PRO D 189 30.03 17.56 -31.53
N PRO D 190 29.85 18.71 -30.89
CA PRO D 190 30.38 19.01 -29.56
C PRO D 190 29.55 18.47 -28.39
N ASP D 191 28.26 18.78 -28.33
CA ASP D 191 27.51 18.57 -27.11
C ASP D 191 26.11 18.03 -27.38
N VAL D 192 25.51 17.51 -26.30
CA VAL D 192 24.16 16.96 -26.28
C VAL D 192 23.48 17.41 -25.00
N ALA D 193 22.25 17.90 -25.11
CA ALA D 193 21.39 18.07 -23.94
C ALA D 193 20.46 16.87 -23.84
N LEU D 194 20.27 16.37 -22.61
CA LEU D 194 19.57 15.11 -22.38
C LEU D 194 18.62 15.27 -21.20
N ILE D 195 17.33 15.06 -21.45
CA ILE D 195 16.29 15.22 -20.44
C ILE D 195 15.67 13.86 -20.13
N ILE D 196 15.72 13.47 -18.85
CA ILE D 196 15.16 12.23 -18.34
C ILE D 196 14.14 12.58 -17.25
N GLY D 197 13.10 11.75 -17.14
CA GLY D 197 11.97 12.08 -16.32
C GLY D 197 11.93 11.36 -14.99
N PRO D 198 10.98 11.77 -14.13
CA PRO D 198 10.79 11.05 -12.87
C PRO D 198 10.09 9.73 -13.14
N GLU D 199 9.81 8.92 -12.13
CA GLU D 199 9.03 7.72 -12.39
C GLU D 199 7.69 8.06 -13.01
N GLY D 200 7.18 9.28 -12.75
CA GLY D 200 5.88 9.64 -13.28
C GLY D 200 5.87 9.74 -14.80
N GLY D 201 6.86 10.41 -15.37
CA GLY D 201 6.90 10.71 -16.79
C GLY D 201 6.69 12.19 -17.05
N PHE D 202 6.01 12.53 -18.13
CA PHE D 202 5.93 13.92 -18.55
C PHE D 202 4.51 14.35 -18.86
N SER D 203 4.18 15.57 -18.44
CA SER D 203 2.95 16.23 -18.86
C SER D 203 3.08 16.66 -20.31
N ASP D 204 1.95 16.70 -21.00
CA ASP D 204 1.99 17.01 -22.42
C ASP D 204 2.22 18.49 -22.69
N GLU D 205 2.04 19.34 -21.69
CA GLU D 205 2.60 20.69 -21.76
C GLU D 205 4.12 20.63 -21.72
N GLU D 206 4.65 19.78 -20.84
CA GLU D 206 6.10 19.57 -20.79
C GLU D 206 6.59 18.97 -22.10
N ILE D 207 5.84 18.02 -22.66
CA ILE D 207 6.21 17.42 -23.94
C ILE D 207 6.05 18.43 -25.08
N ARG D 208 5.01 19.27 -25.03
CA ARG D 208 4.87 20.33 -26.03
C ARG D 208 6.00 21.35 -25.91
N LEU D 209 6.35 21.71 -24.67
CA LEU D 209 7.44 22.67 -24.48
C LEU D 209 8.73 22.14 -25.06
N THR D 210 9.10 20.90 -24.71
CA THR D 210 10.34 20.31 -25.19
C THR D 210 10.35 20.20 -26.71
N SER D 211 9.29 19.63 -27.29
CA SER D 211 9.21 19.55 -28.74
C SER D 211 9.17 20.94 -29.37
N GLY D 212 8.57 21.91 -28.68
CA GLY D 212 8.55 23.26 -29.20
C GLY D 212 9.91 23.94 -29.21
N HIS D 213 10.76 23.61 -28.25
CA HIS D 213 12.07 24.23 -28.13
C HIS D 213 13.20 23.36 -28.70
N GLY D 214 12.87 22.46 -29.62
CA GLY D 214 13.89 21.71 -30.33
C GLY D 214 14.36 20.44 -29.66
N PHE D 215 13.53 19.82 -28.82
CA PHE D 215 13.93 18.60 -28.12
C PHE D 215 13.31 17.40 -28.83
N LEU D 216 14.15 16.64 -29.48
CA LEU D 216 13.72 15.50 -30.26
C LEU D 216 13.55 14.28 -29.37
N PRO D 217 12.56 13.45 -29.66
CA PRO D 217 12.25 12.31 -28.77
C PRO D 217 13.22 11.16 -28.98
N LEU D 218 13.68 10.57 -27.89
CA LEU D 218 14.57 9.43 -27.98
C LEU D 218 13.96 8.26 -27.21
N SER D 219 14.02 7.07 -27.81
CA SER D 219 13.62 5.83 -27.16
C SER D 219 14.86 4.99 -26.87
N LEU D 220 14.73 4.13 -25.86
CA LEU D 220 15.79 3.19 -25.49
C LEU D 220 15.18 1.78 -25.38
N GLY D 221 14.49 1.37 -26.43
CA GLY D 221 13.93 0.03 -26.48
C GLY D 221 12.54 -0.08 -25.87
N PRO D 222 11.97 -1.28 -25.93
CA PRO D 222 10.55 -1.46 -25.53
C PRO D 222 10.31 -1.64 -24.04
N ARG D 223 11.34 -1.87 -23.25
CA ARG D 223 11.15 -2.04 -21.81
C ARG D 223 11.23 -0.70 -21.10
N VAL D 224 10.40 -0.54 -20.08
CA VAL D 224 10.36 0.67 -19.27
C VAL D 224 11.51 0.63 -18.28
N LEU D 225 12.49 1.51 -18.47
CA LEU D 225 13.61 1.59 -17.54
C LEU D 225 13.25 2.47 -16.35
N ARG D 226 13.74 2.09 -15.18
CA ARG D 226 13.67 3.00 -14.05
C ARG D 226 14.43 4.31 -14.36
N THR D 227 13.97 5.36 -13.70
CA THR D 227 14.50 6.70 -13.91
C THR D 227 16.01 6.75 -13.73
N GLU D 228 16.56 6.06 -12.73
CA GLU D 228 18.03 6.06 -12.59
C GLU D 228 18.68 5.12 -13.59
N THR D 229 17.96 4.08 -14.04
CA THR D 229 18.52 3.23 -15.09
C THR D 229 18.63 4.00 -16.41
N ALA D 230 17.58 4.78 -16.74
CA ALA D 230 17.50 5.45 -18.02
C ALA D 230 18.65 6.42 -18.22
N ALA D 231 19.13 7.03 -17.12
CA ALA D 231 20.28 7.94 -17.21
C ALA D 231 21.52 7.18 -17.65
N ILE D 232 21.81 6.05 -16.98
CA ILE D 232 23.04 5.33 -17.26
C ILE D 232 22.99 4.74 -18.66
N THR D 233 21.82 4.18 -19.01
CA THR D 233 21.64 3.60 -20.33
C THR D 233 21.77 4.64 -21.43
N ALA D 234 21.16 5.82 -21.23
CA ALA D 234 21.21 6.84 -22.27
C ALA D 234 22.63 7.37 -22.48
N LEU D 235 23.36 7.60 -21.40
CA LEU D 235 24.76 8.04 -21.54
C LEU D 235 25.60 6.95 -22.18
N SER D 236 25.46 5.71 -21.70
CA SER D 236 26.20 4.61 -22.31
C SER D 236 25.95 4.54 -23.81
N VAL D 237 24.69 4.69 -24.22
CA VAL D 237 24.36 4.57 -25.63
C VAL D 237 24.93 5.75 -26.41
N LEU D 238 24.66 6.97 -25.95
CA LEU D 238 25.16 8.17 -26.63
C LEU D 238 26.69 8.15 -26.73
N GLN D 239 27.38 7.70 -25.67
CA GLN D 239 28.85 7.62 -25.69
C GLN D 239 29.37 6.53 -26.63
N ALA D 240 28.61 5.44 -26.82
CA ALA D 240 28.96 4.43 -27.82
C ALA D 240 28.69 4.93 -29.24
N ALA D 241 27.75 5.86 -29.39
CA ALA D 241 27.40 6.37 -30.72
C ALA D 241 28.39 7.44 -31.16
N GLY D 242 28.61 8.46 -30.34
CA GLY D 242 29.37 9.62 -30.76
C GLY D 242 30.50 10.05 -29.86
N GLY D 243 30.74 9.32 -28.77
CA GLY D 243 31.81 9.63 -27.83
C GLY D 243 33.00 8.67 -27.87
N ASP D 244 33.47 8.21 -26.71
CA ASP D 244 34.68 7.40 -26.65
C ASP D 244 34.44 5.96 -26.21
N LEU D 245 33.19 5.52 -26.19
CA LEU D 245 32.92 4.11 -25.87
C LEU D 245 32.92 3.26 -27.13
N VAL E 4 -13.50 9.11 -20.64
CA VAL E 4 -14.35 8.16 -21.34
C VAL E 4 -14.95 7.14 -20.38
N ARG E 5 -16.22 7.34 -20.02
CA ARG E 5 -16.97 6.27 -19.36
C ARG E 5 -17.10 5.08 -20.32
N THR E 6 -17.35 3.92 -19.74
CA THR E 6 -17.42 2.70 -20.53
C THR E 6 -18.74 2.62 -21.30
N ILE E 7 -18.76 1.75 -22.31
CA ILE E 7 -19.97 1.45 -23.05
C ILE E 7 -20.91 0.63 -22.19
N ARG E 8 -22.18 1.01 -22.15
CA ARG E 8 -23.17 0.35 -21.29
C ARG E 8 -24.15 -0.38 -22.18
N ILE E 9 -24.27 -1.69 -21.97
CA ILE E 9 -25.11 -2.54 -22.79
C ILE E 9 -26.10 -3.25 -21.87
N TYR E 10 -27.39 -3.18 -22.20
CA TYR E 10 -28.42 -3.92 -21.48
C TYR E 10 -28.42 -5.36 -21.91
N GLN E 11 -28.26 -6.28 -20.95
CA GLN E 11 -28.20 -7.72 -21.25
C GLN E 11 -28.92 -8.48 -20.14
N PRO E 12 -30.21 -8.76 -20.34
CA PRO E 12 -30.99 -9.42 -19.28
C PRO E 12 -30.51 -10.85 -19.05
N GLY E 13 -30.81 -11.32 -17.85
CA GLY E 13 -30.58 -12.71 -17.52
C GLY E 13 -29.72 -12.86 -16.29
N GLU E 14 -29.42 -14.11 -15.98
CA GLU E 14 -28.57 -14.48 -14.85
C GLU E 14 -27.25 -15.01 -15.41
N TYR E 15 -26.17 -14.27 -15.13
CA TYR E 15 -24.84 -14.67 -15.51
C TYR E 15 -23.91 -14.21 -14.40
N GLN E 16 -22.66 -14.64 -14.48
CA GLN E 16 -21.74 -14.46 -13.35
C GLN E 16 -20.32 -14.35 -13.86
N PRO E 17 -19.41 -13.72 -13.08
CA PRO E 17 -17.99 -13.74 -13.42
C PRO E 17 -17.53 -15.12 -13.87
N GLY E 18 -16.79 -15.17 -14.99
CA GLY E 18 -16.25 -16.40 -15.53
C GLY E 18 -16.99 -16.94 -16.75
N GLN E 19 -18.22 -16.50 -16.97
CA GLN E 19 -19.01 -17.08 -18.03
C GLN E 19 -18.74 -16.41 -19.38
N LEU E 20 -18.87 -17.21 -20.43
CA LEU E 20 -18.76 -16.76 -21.80
C LEU E 20 -20.17 -16.48 -22.31
N LEU E 21 -20.48 -15.20 -22.54
CA LEU E 21 -21.86 -14.77 -22.78
C LEU E 21 -21.98 -14.26 -24.21
N GLU E 22 -22.92 -14.83 -24.96
CA GLU E 22 -23.20 -14.33 -26.30
C GLU E 22 -24.16 -13.15 -26.21
N LEU E 23 -23.78 -12.01 -26.77
CA LEU E 23 -24.68 -10.87 -26.70
C LEU E 23 -25.92 -11.15 -27.54
N SER E 24 -27.06 -10.64 -27.05
CA SER E 24 -28.30 -10.65 -27.82
C SER E 24 -28.04 -10.07 -29.22
N PRO E 25 -28.68 -10.60 -30.26
CA PRO E 25 -28.42 -10.07 -31.61
C PRO E 25 -28.64 -8.57 -31.69
N GLU E 26 -29.71 -8.10 -31.04
CA GLU E 26 -29.91 -6.69 -30.73
C GLU E 26 -28.64 -6.08 -30.13
N ALA E 27 -28.29 -6.55 -28.92
CA ALA E 27 -27.05 -6.13 -28.25
C ALA E 27 -25.82 -6.36 -29.13
N GLY E 28 -25.74 -7.53 -29.77
CA GLY E 28 -24.56 -7.85 -30.58
C GLY E 28 -24.43 -6.96 -31.81
N GLN E 29 -25.53 -6.80 -32.56
CA GLN E 29 -25.55 -5.82 -33.64
C GLN E 29 -25.01 -4.49 -33.15
N HIS E 30 -25.64 -3.94 -32.10
CA HIS E 30 -25.23 -2.78 -31.34
C HIS E 30 -23.70 -2.72 -31.22
N VAL E 31 -23.10 -3.68 -30.51
CA VAL E 31 -21.67 -3.59 -30.22
C VAL E 31 -20.80 -4.06 -31.39
N GLY E 32 -21.32 -4.96 -32.25
CA GLY E 32 -20.59 -5.60 -33.34
C GLY E 32 -19.77 -4.76 -34.31
N VAL E 33 -20.44 -4.07 -35.23
CA VAL E 33 -19.76 -3.35 -36.31
C VAL E 33 -19.64 -1.86 -35.99
N VAL E 34 -20.77 -1.26 -35.58
CA VAL E 34 -20.95 0.16 -35.30
C VAL E 34 -19.75 0.73 -34.57
N LEU E 35 -19.51 0.24 -33.35
CA LEU E 35 -18.45 0.76 -32.52
C LEU E 35 -17.08 0.18 -32.87
N ARG E 36 -17.02 -0.78 -33.79
CA ARG E 36 -15.82 -1.60 -34.04
C ARG E 36 -15.18 -1.99 -32.73
N MET E 37 -16.02 -2.46 -31.82
CA MET E 37 -15.51 -3.04 -30.60
C MET E 37 -14.63 -4.22 -30.99
N GLU E 38 -13.38 -4.20 -30.53
CA GLU E 38 -12.38 -5.20 -30.87
C GLU E 38 -12.08 -6.09 -29.67
N GLN E 39 -11.65 -7.31 -29.96
CA GLN E 39 -11.40 -8.31 -28.95
C GLN E 39 -10.41 -7.79 -27.90
N GLY E 40 -10.83 -7.78 -26.64
CA GLY E 40 -10.03 -7.28 -25.54
C GLY E 40 -10.55 -5.99 -24.93
N GLU E 41 -11.33 -5.21 -25.66
CA GLU E 41 -11.95 -4.03 -25.07
C GLU E 41 -13.03 -4.45 -24.09
N GLN E 42 -13.30 -3.59 -23.12
CA GLN E 42 -14.22 -3.91 -22.05
C GLN E 42 -15.56 -3.22 -22.24
N LEU E 43 -16.61 -3.84 -21.70
CA LEU E 43 -17.96 -3.25 -21.67
C LEU E 43 -18.53 -3.32 -20.26
N THR E 44 -19.56 -2.53 -20.01
CA THR E 44 -20.40 -2.69 -18.81
C THR E 44 -21.74 -3.28 -19.25
N LEU E 45 -22.02 -4.52 -18.83
CA LEU E 45 -23.38 -5.01 -19.00
C LEU E 45 -24.16 -4.71 -17.73
N PHE E 46 -25.45 -4.51 -17.90
CA PHE E 46 -26.38 -4.56 -16.79
C PHE E 46 -27.55 -5.44 -17.21
N ASN E 47 -28.09 -6.17 -16.22
CA ASN E 47 -29.17 -7.11 -16.48
C ASN E 47 -30.53 -6.62 -15.98
N GLY E 48 -30.60 -5.40 -15.48
CA GLY E 48 -31.85 -4.89 -14.97
C GLY E 48 -32.04 -5.14 -13.49
N ASP E 49 -31.05 -5.73 -12.83
CA ASP E 49 -31.12 -6.09 -11.42
C ASP E 49 -30.26 -5.18 -10.54
N ASN E 50 -29.94 -3.97 -11.03
CA ASN E 50 -29.08 -3.00 -10.34
C ASN E 50 -27.66 -3.52 -10.16
N LYS E 51 -27.19 -4.26 -11.15
CA LYS E 51 -25.85 -4.78 -11.15
C LYS E 51 -25.15 -4.33 -12.43
N GLU E 52 -23.86 -4.08 -12.31
CA GLU E 52 -23.03 -3.79 -13.47
C GLU E 52 -21.98 -4.88 -13.60
N PHE E 53 -21.89 -5.47 -14.79
CA PHE E 53 -20.94 -6.53 -15.10
C PHE E 53 -19.86 -5.95 -15.99
N THR E 54 -18.63 -5.98 -15.52
CA THR E 54 -17.49 -5.64 -16.36
C THR E 54 -17.11 -6.87 -17.16
N ALA E 55 -17.07 -6.72 -18.49
CA ALA E 55 -16.84 -7.84 -19.39
C ALA E 55 -15.78 -7.48 -20.41
N SER E 56 -15.08 -8.49 -20.91
CA SER E 56 -14.09 -8.31 -21.96
C SER E 56 -14.61 -8.95 -23.23
N ILE E 57 -14.50 -8.24 -24.35
CA ILE E 57 -14.90 -8.83 -25.62
C ILE E 57 -13.89 -9.93 -25.96
N GLU E 58 -14.39 -11.14 -26.17
CA GLU E 58 -13.51 -12.26 -26.44
C GLU E 58 -13.51 -12.66 -27.90
N ARG E 59 -14.58 -12.37 -28.64
CA ARG E 59 -14.66 -12.76 -30.04
C ARG E 59 -15.72 -11.93 -30.74
N VAL E 60 -15.38 -11.37 -31.91
CA VAL E 60 -16.29 -10.54 -32.68
C VAL E 60 -16.35 -11.06 -34.11
N LYS E 61 -17.56 -11.20 -34.65
CA LYS E 61 -17.73 -11.47 -36.08
C LYS E 61 -19.09 -10.88 -36.46
N LYS E 62 -19.06 -9.62 -36.90
CA LYS E 62 -20.27 -8.88 -37.26
C LYS E 62 -21.19 -8.90 -36.04
N LYS E 63 -22.45 -9.32 -36.16
CA LYS E 63 -23.47 -9.19 -35.12
C LYS E 63 -23.28 -10.17 -33.97
N GLN E 64 -22.27 -11.02 -34.05
CA GLN E 64 -22.09 -12.10 -33.09
C GLN E 64 -20.90 -11.76 -32.19
N VAL E 65 -21.21 -11.35 -30.96
CA VAL E 65 -20.23 -10.92 -29.99
C VAL E 65 -20.31 -11.84 -28.78
N PHE E 66 -19.17 -12.44 -28.43
CA PHE E 66 -19.01 -13.23 -27.21
C PHE E 66 -18.24 -12.41 -26.20
N VAL E 67 -18.78 -12.27 -24.99
CA VAL E 67 -18.08 -11.53 -23.94
C VAL E 67 -17.81 -12.45 -22.76
N ARG E 68 -16.67 -12.21 -22.15
CA ARG E 68 -16.21 -12.91 -20.96
C ARG E 68 -16.46 -11.98 -19.77
N ILE E 69 -17.29 -12.41 -18.83
CA ILE E 69 -17.63 -11.63 -17.65
C ILE E 69 -16.44 -11.60 -16.69
N ALA E 70 -16.00 -10.41 -16.31
CA ALA E 70 -14.85 -10.29 -15.40
C ALA E 70 -15.24 -10.10 -13.94
N SER E 71 -16.20 -9.21 -13.64
CA SER E 71 -16.56 -8.93 -12.25
C SER E 71 -17.94 -8.31 -12.24
N VAL E 72 -18.51 -8.23 -11.04
CA VAL E 72 -19.89 -7.77 -10.86
C VAL E 72 -19.91 -6.81 -9.70
N LEU E 73 -20.64 -5.71 -9.86
CA LEU E 73 -20.74 -4.68 -8.84
C LEU E 73 -22.19 -4.23 -8.69
N GLU E 74 -22.62 -4.10 -7.44
N GLU E 74 -22.62 -4.09 -7.45
CA GLU E 74 -23.93 -3.56 -7.12
CA GLU E 74 -23.95 -3.58 -7.15
C GLU E 74 -23.93 -2.06 -7.36
C GLU E 74 -23.95 -2.07 -7.36
N VAL E 75 -24.78 -1.59 -8.29
CA VAL E 75 -24.79 -0.17 -8.67
C VAL E 75 -26.23 0.27 -8.92
N ASN E 76 -26.74 1.15 -8.07
CA ASN E 76 -28.14 1.54 -8.05
C ASN E 76 -28.25 3.03 -8.27
N ARG E 77 -28.74 3.43 -9.45
CA ARG E 77 -29.05 4.84 -9.73
C ARG E 77 -30.55 5.08 -9.78
N GLU E 78 -31.32 4.33 -9.01
CA GLU E 78 -32.76 4.56 -8.92
C GLU E 78 -33.06 5.67 -7.92
N SER E 79 -34.19 6.34 -8.14
CA SER E 79 -34.64 7.37 -7.21
C SER E 79 -35.36 6.74 -6.02
N PRO E 80 -35.24 7.33 -4.83
CA PRO E 80 -36.04 6.85 -3.69
C PRO E 80 -37.52 7.06 -3.87
N LEU E 81 -37.92 8.03 -4.68
CA LEU E 81 -39.31 8.30 -4.98
C LEU E 81 -39.71 7.48 -6.20
N LYS E 82 -40.65 6.56 -6.03
CA LYS E 82 -41.04 5.63 -7.10
C LYS E 82 -42.30 6.15 -7.78
N ILE E 83 -42.13 6.75 -8.95
CA ILE E 83 -43.24 7.39 -9.65
C ILE E 83 -43.83 6.42 -10.66
N HIS E 84 -45.15 6.30 -10.64
CA HIS E 84 -45.89 5.50 -11.61
C HIS E 84 -46.61 6.48 -12.51
N LEU E 85 -46.18 6.57 -13.76
CA LEU E 85 -46.71 7.54 -14.70
C LEU E 85 -47.79 6.88 -15.54
N ALA E 86 -48.99 7.46 -15.53
CA ALA E 86 -50.08 7.06 -16.42
C ALA E 86 -50.22 8.17 -17.46
N GLN E 87 -49.80 7.86 -18.69
CA GLN E 87 -49.74 8.83 -19.79
C GLN E 87 -50.77 8.48 -20.84
N ALA E 88 -51.78 9.34 -20.98
CA ALA E 88 -52.68 9.26 -22.12
C ALA E 88 -51.87 9.01 -23.38
N ILE E 89 -52.33 8.06 -24.19
CA ILE E 89 -51.68 7.77 -25.46
C ILE E 89 -51.92 8.91 -26.44
N SER E 90 -50.87 9.28 -27.17
CA SER E 90 -50.83 10.41 -28.09
C SER E 90 -50.32 9.95 -29.43
N LYS E 91 -51.00 10.36 -30.49
CA LYS E 91 -50.58 10.03 -31.85
C LYS E 91 -49.20 10.63 -32.15
N GLY E 92 -48.32 9.80 -32.73
CA GLY E 92 -47.06 10.31 -33.24
C GLY E 92 -45.83 10.03 -32.39
N GLU E 93 -44.85 10.93 -32.47
CA GLU E 93 -43.58 10.81 -31.77
C GLU E 93 -43.62 11.33 -30.34
N ARG E 94 -44.70 11.98 -29.93
CA ARG E 94 -44.74 12.55 -28.59
C ARG E 94 -44.60 11.47 -27.53
N MET E 95 -45.20 10.30 -27.77
CA MET E 95 -45.12 9.24 -26.79
C MET E 95 -43.71 8.70 -26.71
N GLU E 96 -43.04 8.60 -27.86
CA GLU E 96 -41.64 8.19 -27.87
C GLU E 96 -40.83 9.08 -26.96
N MET E 97 -41.08 10.39 -26.99
CA MET E 97 -40.36 11.31 -26.11
C MET E 97 -40.65 11.03 -24.65
N VAL E 98 -41.93 10.78 -24.31
CA VAL E 98 -42.28 10.47 -22.92
C VAL E 98 -41.54 9.24 -22.44
N MET E 99 -41.50 8.20 -23.26
CA MET E 99 -40.81 6.98 -22.86
C MET E 99 -39.34 7.24 -22.55
N GLN E 100 -38.65 7.96 -23.45
CA GLN E 100 -37.21 8.16 -23.23
C GLN E 100 -36.96 9.05 -22.01
N LYS E 101 -37.60 10.22 -21.97
CA LYS E 101 -37.28 11.19 -20.95
C LYS E 101 -37.77 10.75 -19.57
N SER E 102 -38.95 10.09 -19.51
CA SER E 102 -39.40 9.64 -18.20
C SER E 102 -38.40 8.63 -17.62
N ALA E 103 -37.77 7.84 -18.49
CA ALA E 103 -36.76 6.90 -18.01
C ALA E 103 -35.53 7.64 -17.49
N GLU E 104 -35.07 8.66 -18.24
CA GLU E 104 -33.95 9.47 -17.77
C GLU E 104 -34.26 10.11 -16.43
N LEU E 105 -35.50 10.54 -16.23
CA LEU E 105 -35.94 11.16 -14.98
C LEU E 105 -36.30 10.13 -13.93
N GLY E 106 -35.93 8.88 -14.15
CA GLY E 106 -36.01 7.88 -13.10
C GLY E 106 -37.39 7.30 -12.85
N VAL E 107 -38.27 7.30 -13.84
CA VAL E 107 -39.63 6.81 -13.62
C VAL E 107 -39.57 5.32 -13.26
N ALA E 108 -40.43 4.90 -12.34
CA ALA E 108 -40.39 3.49 -11.93
C ALA E 108 -41.35 2.61 -12.71
N CYS E 109 -42.51 3.14 -13.09
CA CYS E 109 -43.47 2.34 -13.84
C CYS E 109 -44.24 3.27 -14.78
N ILE E 110 -44.58 2.77 -15.97
CA ILE E 110 -45.29 3.55 -16.96
C ILE E 110 -46.51 2.78 -17.42
N THR E 111 -47.69 3.41 -17.36
CA THR E 111 -48.89 2.83 -17.94
C THR E 111 -49.47 3.76 -19.02
N PRO E 112 -49.41 3.36 -20.28
CA PRO E 112 -50.06 4.17 -21.32
C PRO E 112 -51.55 4.12 -21.10
N LEU E 113 -52.20 5.27 -21.28
CA LEU E 113 -53.58 5.44 -20.85
C LEU E 113 -54.50 5.69 -22.04
N ILE E 114 -55.62 4.99 -22.07
CA ILE E 114 -56.71 5.26 -23.00
C ILE E 114 -57.76 6.08 -22.26
N THR E 115 -57.83 7.37 -22.56
CA THR E 115 -58.80 8.28 -21.95
C THR E 115 -59.84 8.74 -22.98
N GLU E 116 -60.81 9.52 -22.50
CA GLU E 116 -61.96 9.90 -23.33
C GLU E 116 -61.53 10.69 -24.57
N ARG E 117 -60.76 11.76 -24.38
CA ARG E 117 -60.36 12.63 -25.49
C ARG E 117 -59.07 12.19 -26.18
N CYS E 118 -58.75 10.89 -26.13
CA CYS E 118 -57.68 10.32 -26.93
C CYS E 118 -58.21 9.98 -28.32
N GLN E 119 -57.68 10.64 -29.35
CA GLN E 119 -58.00 10.28 -30.72
C GLN E 119 -57.05 9.16 -31.16
N VAL E 120 -57.25 7.98 -30.57
CA VAL E 120 -56.43 6.80 -30.85
C VAL E 120 -57.35 5.66 -31.27
N LYS E 121 -57.10 5.11 -32.46
CA LYS E 121 -57.82 3.95 -32.95
C LYS E 121 -57.08 2.70 -32.47
N ILE E 122 -57.75 1.91 -31.62
CA ILE E 122 -57.11 0.71 -31.09
C ILE E 122 -56.92 -0.31 -32.19
N ASP E 123 -55.73 -0.89 -32.28
CA ASP E 123 -55.45 -2.00 -33.18
C ASP E 123 -54.46 -2.91 -32.48
N LYS E 124 -54.87 -4.17 -32.27
CA LYS E 124 -54.07 -5.10 -31.47
C LYS E 124 -52.67 -5.25 -32.02
N GLU E 125 -52.53 -5.26 -33.34
CA GLU E 125 -51.21 -5.41 -33.96
C GLU E 125 -50.38 -4.14 -33.84
N LYS E 126 -51.00 -2.97 -34.08
CA LYS E 126 -50.28 -1.71 -33.97
C LYS E 126 -49.82 -1.45 -32.54
N MET E 127 -50.68 -1.76 -31.57
CA MET E 127 -50.33 -1.55 -30.16
C MET E 127 -49.14 -2.41 -29.76
N ALA E 128 -49.19 -3.69 -30.11
CA ALA E 128 -48.05 -4.56 -29.82
C ALA E 128 -46.78 -4.02 -30.46
N LYS E 129 -46.87 -3.56 -31.72
CA LYS E 129 -45.73 -2.95 -32.38
C LYS E 129 -45.23 -1.73 -31.60
N LYS E 130 -46.15 -0.84 -31.22
CA LYS E 130 -45.76 0.35 -30.46
C LYS E 130 -45.12 -0.02 -29.13
N MET E 131 -45.71 -1.00 -28.41
CA MET E 131 -45.17 -1.38 -27.10
C MET E 131 -43.74 -1.86 -27.22
N HIS E 132 -43.42 -2.64 -28.26
CA HIS E 132 -42.06 -3.09 -28.50
C HIS E 132 -41.14 -1.91 -28.75
N GLN E 133 -41.59 -0.96 -29.57
CA GLN E 133 -40.80 0.25 -29.82
C GLN E 133 -40.55 1.00 -28.52
N TRP E 134 -41.60 1.19 -27.72
CA TRP E 134 -41.44 1.98 -26.50
C TRP E 134 -40.51 1.28 -25.52
N LEU E 135 -40.58 -0.04 -25.41
CA LEU E 135 -39.68 -0.73 -24.50
C LEU E 135 -38.23 -0.52 -24.92
N ASN E 136 -37.93 -0.67 -26.21
CA ASN E 136 -36.56 -0.47 -26.68
C ASN E 136 -36.06 0.95 -26.45
N ILE E 137 -36.94 1.95 -26.56
CA ILE E 137 -36.56 3.32 -26.24
C ILE E 137 -36.18 3.42 -24.77
N ILE E 138 -37.00 2.84 -23.89
CA ILE E 138 -36.71 2.87 -22.46
C ILE E 138 -35.37 2.19 -22.18
N ILE E 139 -35.14 1.03 -22.80
CA ILE E 139 -33.89 0.30 -22.59
C ILE E 139 -32.71 1.17 -23.00
N GLY E 140 -32.77 1.76 -24.21
CA GLY E 140 -31.75 2.69 -24.64
C GLY E 140 -31.54 3.83 -23.68
N ALA E 141 -32.64 4.44 -23.21
CA ALA E 141 -32.51 5.53 -22.24
C ALA E 141 -31.74 5.08 -21.00
N CYS E 142 -32.00 3.87 -20.53
CA CYS E 142 -31.30 3.36 -19.37
C CYS E 142 -29.83 3.12 -19.68
N GLU E 143 -29.52 2.59 -20.87
CA GLU E 143 -28.12 2.43 -21.24
C GLU E 143 -27.42 3.77 -21.19
N GLN E 144 -28.11 4.81 -21.64
CA GLN E 144 -27.52 6.12 -21.81
C GLN E 144 -27.40 6.86 -20.49
N CYS E 145 -28.37 6.71 -19.59
CA CYS E 145 -28.42 7.58 -18.43
C CYS E 145 -27.85 6.95 -17.17
N GLY E 146 -27.50 5.66 -17.17
CA GLY E 146 -26.89 5.04 -16.01
C GLY E 146 -27.80 4.15 -15.18
N ARG E 147 -29.10 4.15 -15.43
CA ARG E 147 -29.99 3.27 -14.67
C ARG E 147 -29.71 1.80 -14.93
N ASN E 148 -29.56 1.03 -13.87
CA ASN E 148 -29.26 -0.39 -13.99
C ASN E 148 -30.50 -1.24 -13.71
N GLN E 149 -31.67 -0.62 -13.73
CA GLN E 149 -32.96 -1.26 -13.60
C GLN E 149 -33.88 -0.65 -14.65
N ILE E 150 -34.73 -1.48 -15.28
CA ILE E 150 -35.59 -0.99 -16.36
C ILE E 150 -36.94 -0.57 -15.78
N PRO E 151 -37.50 0.58 -16.17
CA PRO E 151 -38.89 0.90 -15.83
C PRO E 151 -39.85 -0.18 -16.32
N GLU E 152 -40.83 -0.49 -15.49
CA GLU E 152 -41.88 -1.40 -15.91
C GLU E 152 -42.79 -0.67 -16.90
N LEU E 153 -42.94 -1.22 -18.11
CA LEU E 153 -43.87 -0.69 -19.11
C LEU E 153 -45.08 -1.61 -19.16
N ARG E 154 -46.20 -1.14 -18.66
CA ARG E 154 -47.40 -1.97 -18.54
C ARG E 154 -48.26 -1.84 -19.79
N GLN E 155 -49.07 -2.89 -20.03
CA GLN E 155 -49.99 -2.84 -21.14
C GLN E 155 -50.96 -1.67 -20.96
N PRO E 156 -51.44 -1.09 -22.06
CA PRO E 156 -52.39 0.03 -21.97
C PRO E 156 -53.71 -0.38 -21.32
N VAL E 157 -54.24 0.51 -20.49
CA VAL E 157 -55.56 0.32 -19.90
C VAL E 157 -56.36 1.61 -20.03
N TYR E 158 -57.68 1.46 -19.90
CA TYR E 158 -58.60 2.59 -19.85
C TYR E 158 -58.50 3.28 -18.49
N LEU E 159 -58.95 4.54 -18.46
CA LEU E 159 -58.77 5.38 -17.28
C LEU E 159 -59.43 4.76 -16.05
N ASP E 160 -60.64 4.21 -16.22
CA ASP E 160 -61.37 3.64 -15.09
C ASP E 160 -60.59 2.53 -14.42
N GLN E 161 -59.86 1.72 -15.19
CA GLN E 161 -59.13 0.59 -14.64
C GLN E 161 -57.86 1.05 -13.93
N PHE E 162 -57.21 2.10 -14.43
CA PHE E 162 -56.01 2.56 -13.75
C PHE E 162 -56.36 3.21 -12.42
N VAL E 163 -57.52 3.86 -12.33
CA VAL E 163 -57.91 4.55 -11.10
C VAL E 163 -58.51 3.61 -10.07
N ARG E 164 -58.95 2.42 -10.50
N ARG E 164 -58.92 2.40 -10.47
CA ARG E 164 -59.38 1.38 -9.56
CA ARG E 164 -59.37 1.42 -9.49
C ARG E 164 -58.19 0.69 -8.92
C ARG E 164 -58.22 0.60 -8.94
N GLU E 165 -57.17 0.37 -9.71
CA GLU E 165 -56.09 -0.49 -9.29
C GLU E 165 -54.95 0.24 -8.58
N ALA E 166 -54.99 1.57 -8.51
CA ALA E 166 -53.84 2.33 -8.02
C ALA E 166 -53.73 2.21 -6.51
N LYS E 167 -52.62 1.65 -6.03
CA LYS E 167 -52.36 1.49 -4.61
C LYS E 167 -51.22 2.37 -4.10
N GLU E 168 -50.72 3.28 -4.93
CA GLU E 168 -49.73 4.26 -4.50
C GLU E 168 -50.29 5.18 -3.42
N HIS E 169 -49.42 5.62 -2.51
CA HIS E 169 -49.87 6.36 -1.34
C HIS E 169 -50.01 7.85 -1.58
N LEU E 170 -49.47 8.38 -2.66
CA LEU E 170 -49.80 9.72 -3.12
C LEU E 170 -50.33 9.62 -4.54
N LYS E 171 -51.49 10.22 -4.79
CA LYS E 171 -52.14 10.14 -6.09
C LYS E 171 -52.42 11.55 -6.60
N LEU E 172 -51.90 11.85 -7.79
CA LEU E 172 -52.04 13.17 -8.38
C LEU E 172 -52.55 13.03 -9.81
N ILE E 173 -53.37 13.98 -10.22
CA ILE E 173 -53.78 14.10 -11.62
C ILE E 173 -53.60 15.55 -12.03
N LEU E 174 -52.99 15.76 -13.19
CA LEU E 174 -52.61 17.10 -13.64
C LEU E 174 -53.80 17.75 -14.35
N HIS E 175 -54.32 18.83 -13.77
CA HIS E 175 -55.46 19.54 -14.33
C HIS E 175 -55.52 20.89 -13.67
N PRO E 176 -55.84 21.96 -14.41
CA PRO E 176 -56.03 23.27 -13.77
C PRO E 176 -57.00 23.29 -12.59
N ALA E 177 -58.08 22.50 -12.65
CA ALA E 177 -59.16 22.63 -11.66
C ALA E 177 -58.69 22.35 -10.25
N PHE E 178 -59.19 23.17 -9.30
CA PHE E 178 -58.81 23.12 -7.87
C PHE E 178 -57.29 23.06 -7.70
N SER E 179 -56.60 23.91 -8.47
CA SER E 179 -55.16 23.81 -8.67
C SER E 179 -54.40 23.91 -7.35
N LYS E 180 -53.50 22.96 -7.13
CA LYS E 180 -52.64 22.99 -5.97
C LYS E 180 -51.21 22.69 -6.39
N THR E 181 -50.29 23.46 -5.84
CA THR E 181 -48.86 23.33 -6.09
C THR E 181 -48.34 22.05 -5.45
N TRP E 182 -47.15 21.62 -5.92
CA TRP E 182 -46.42 20.55 -5.25
C TRP E 182 -46.17 20.86 -3.78
N ARG E 183 -46.14 22.15 -3.41
CA ARG E 183 -45.90 22.52 -2.02
C ARG E 183 -47.03 22.08 -1.11
N ASP E 184 -48.23 21.91 -1.65
CA ASP E 184 -49.41 21.55 -0.88
C ASP E 184 -49.57 20.05 -0.69
N TYR E 185 -48.61 19.23 -1.11
CA TYR E 185 -48.75 17.79 -1.08
C TYR E 185 -47.53 17.12 -0.45
N PRO E 186 -47.73 15.96 0.18
CA PRO E 186 -46.59 15.23 0.76
C PRO E 186 -45.78 14.49 -0.30
N VAL E 187 -44.98 15.22 -1.06
CA VAL E 187 -44.20 14.64 -2.15
C VAL E 187 -42.94 14.03 -1.53
N GLN E 188 -42.98 12.73 -1.28
CA GLN E 188 -41.90 12.07 -0.55
C GLN E 188 -42.02 10.57 -0.77
N PRO E 189 -40.96 9.81 -0.51
CA PRO E 189 -41.03 8.34 -0.63
C PRO E 189 -42.17 7.78 0.22
N PRO E 190 -42.72 6.61 -0.14
CA PRO E 190 -42.23 5.65 -1.14
C PRO E 190 -42.62 5.87 -2.62
N ASP E 191 -43.90 6.11 -2.93
CA ASP E 191 -44.33 6.07 -4.30
C ASP E 191 -45.33 7.18 -4.61
N VAL E 192 -45.41 7.53 -5.89
CA VAL E 192 -46.38 8.48 -6.41
C VAL E 192 -46.99 7.88 -7.65
N ALA E 193 -48.30 8.07 -7.82
CA ALA E 193 -49.01 7.82 -9.06
C ALA E 193 -49.44 9.15 -9.66
N LEU E 194 -49.23 9.32 -10.95
CA LEU E 194 -49.41 10.61 -11.63
C LEU E 194 -50.11 10.36 -12.96
N ILE E 195 -51.29 10.99 -13.15
CA ILE E 195 -52.04 10.87 -14.40
C ILE E 195 -51.86 12.14 -15.21
N ILE E 196 -51.51 11.98 -16.49
CA ILE E 196 -51.35 13.08 -17.42
C ILE E 196 -52.22 12.78 -18.64
N GLY E 197 -53.11 13.71 -18.97
CA GLY E 197 -54.07 13.51 -20.03
C GLY E 197 -53.56 13.90 -21.41
N PRO E 198 -54.38 13.66 -22.45
CA PRO E 198 -53.93 13.94 -23.82
C PRO E 198 -54.15 15.40 -24.15
N GLU E 199 -53.89 15.80 -25.40
CA GLU E 199 -54.06 17.19 -25.82
C GLU E 199 -55.38 17.76 -25.32
N GLY E 200 -56.47 17.03 -25.54
CA GLY E 200 -57.78 17.58 -25.21
C GLY E 200 -57.99 17.87 -23.73
N GLY E 201 -57.26 17.18 -22.85
CA GLY E 201 -57.56 17.23 -21.43
C GLY E 201 -58.55 16.15 -21.06
N PHE E 202 -59.13 16.29 -19.87
CA PHE E 202 -60.09 15.33 -19.34
C PHE E 202 -61.50 15.87 -19.43
N SER E 203 -62.45 14.96 -19.66
CA SER E 203 -63.86 15.32 -19.60
C SER E 203 -64.29 15.46 -18.14
N ASP E 204 -65.33 16.26 -17.91
CA ASP E 204 -65.81 16.48 -16.56
C ASP E 204 -66.20 15.17 -15.88
N GLU E 205 -66.73 14.21 -16.65
CA GLU E 205 -67.02 12.90 -16.10
C GLU E 205 -65.73 12.23 -15.63
N GLU E 206 -64.65 12.35 -16.39
CA GLU E 206 -63.38 11.74 -15.99
C GLU E 206 -62.82 12.39 -14.74
N ILE E 207 -62.97 13.71 -14.61
CA ILE E 207 -62.47 14.38 -13.42
C ILE E 207 -63.23 13.91 -12.18
N ARG E 208 -64.56 13.83 -12.26
CA ARG E 208 -65.31 13.25 -11.15
C ARG E 208 -64.83 11.83 -10.85
N LEU E 209 -64.70 11.01 -11.89
CA LEU E 209 -64.31 9.60 -11.71
C LEU E 209 -62.95 9.49 -11.05
N THR E 210 -62.01 10.35 -11.44
CA THR E 210 -60.64 10.22 -10.93
C THR E 210 -60.56 10.62 -9.46
N SER E 211 -61.26 11.69 -9.07
CA SER E 211 -61.25 12.10 -7.67
C SER E 211 -62.04 11.14 -6.81
N GLY E 212 -63.05 10.47 -7.37
CA GLY E 212 -63.80 9.48 -6.62
C GLY E 212 -62.92 8.34 -6.12
N HIS E 213 -61.90 7.96 -6.88
CA HIS E 213 -60.94 6.96 -6.46
C HIS E 213 -59.68 7.59 -5.87
N GLY E 214 -59.79 8.82 -5.37
CA GLY E 214 -58.77 9.38 -4.52
C GLY E 214 -57.61 10.05 -5.20
N PHE E 215 -57.82 10.63 -6.37
CA PHE E 215 -56.76 11.34 -7.07
C PHE E 215 -56.92 12.83 -6.88
N LEU E 216 -55.83 13.48 -6.44
CA LEU E 216 -55.69 14.88 -6.08
C LEU E 216 -55.22 15.70 -7.28
N PRO E 217 -55.66 16.94 -7.42
CA PRO E 217 -55.28 17.72 -8.60
C PRO E 217 -54.00 18.52 -8.41
N LEU E 218 -53.08 18.41 -9.35
CA LEU E 218 -51.83 19.16 -9.32
C LEU E 218 -51.81 20.17 -10.46
N SER E 219 -51.05 21.26 -10.26
CA SER E 219 -50.82 22.26 -11.31
C SER E 219 -49.32 22.49 -11.47
N LEU E 220 -48.94 22.95 -12.67
CA LEU E 220 -47.55 23.17 -13.04
C LEU E 220 -47.40 24.54 -13.68
N GLY E 221 -47.78 25.58 -12.95
CA GLY E 221 -47.64 26.93 -13.41
C GLY E 221 -48.82 27.44 -14.21
N PRO E 222 -48.77 28.72 -14.59
CA PRO E 222 -49.92 29.33 -15.29
C PRO E 222 -49.96 29.00 -16.76
N ARG E 223 -48.86 28.59 -17.35
CA ARG E 223 -48.82 28.28 -18.78
C ARG E 223 -49.25 26.83 -19.02
N VAL E 224 -49.99 26.63 -20.11
CA VAL E 224 -50.47 25.30 -20.49
C VAL E 224 -49.36 24.53 -21.19
N LEU E 225 -49.00 23.39 -20.62
CA LEU E 225 -47.93 22.57 -21.12
C LEU E 225 -48.48 21.53 -22.10
N ARG E 226 -47.72 21.26 -23.16
CA ARG E 226 -48.07 20.17 -24.04
C ARG E 226 -47.98 18.82 -23.30
N THR E 227 -48.72 17.83 -23.83
CA THR E 227 -48.87 16.58 -23.12
C THR E 227 -47.53 15.91 -22.82
N GLU E 228 -46.56 16.02 -23.74
CA GLU E 228 -45.25 15.42 -23.48
C GLU E 228 -44.39 16.34 -22.61
N THR E 229 -44.56 17.65 -22.72
CA THR E 229 -43.87 18.56 -21.82
C THR E 229 -44.29 18.33 -20.40
N ALA E 230 -45.59 18.11 -20.20
CA ALA E 230 -46.10 17.90 -18.85
C ALA E 230 -45.44 16.70 -18.18
N ALA E 231 -45.20 15.62 -18.94
CA ALA E 231 -44.56 14.45 -18.37
C ALA E 231 -43.17 14.79 -17.88
N ILE E 232 -42.40 15.50 -18.70
CA ILE E 232 -41.03 15.87 -18.33
C ILE E 232 -41.04 16.79 -17.11
N THR E 233 -41.85 17.85 -17.16
CA THR E 233 -41.88 18.82 -16.07
C THR E 233 -42.37 18.18 -14.77
N ALA E 234 -43.45 17.41 -14.85
CA ALA E 234 -44.04 16.80 -13.67
C ALA E 234 -43.05 15.88 -12.96
N LEU E 235 -42.36 15.02 -13.71
CA LEU E 235 -41.36 14.16 -13.09
C LEU E 235 -40.19 14.98 -12.51
N SER E 236 -39.79 16.05 -13.21
CA SER E 236 -38.71 16.91 -12.72
C SER E 236 -39.11 17.60 -11.42
N VAL E 237 -40.34 18.09 -11.36
CA VAL E 237 -40.81 18.76 -10.16
C VAL E 237 -40.91 17.76 -9.01
N LEU E 238 -41.52 16.60 -9.26
CA LEU E 238 -41.73 15.64 -8.18
C LEU E 238 -40.41 15.06 -7.70
N GLN E 239 -39.50 14.73 -8.63
CA GLN E 239 -38.21 14.17 -8.22
C GLN E 239 -37.36 15.19 -7.49
N ALA E 240 -37.61 16.49 -7.71
CA ALA E 240 -36.86 17.49 -6.99
C ALA E 240 -37.39 17.66 -5.57
N ALA E 241 -38.69 17.47 -5.40
CA ALA E 241 -39.31 17.72 -4.11
C ALA E 241 -39.15 16.53 -3.17
N GLY E 242 -39.26 15.32 -3.70
CA GLY E 242 -39.25 14.15 -2.85
C GLY E 242 -38.36 13.03 -3.35
N GLY E 243 -37.52 13.32 -4.35
CA GLY E 243 -36.67 12.30 -4.93
C GLY E 243 -35.19 12.68 -4.90
N ASP E 244 -34.46 12.35 -5.96
CA ASP E 244 -33.02 12.48 -5.90
C ASP E 244 -32.50 13.60 -6.79
N LEU E 245 -33.33 14.58 -7.13
CA LEU E 245 -32.86 15.76 -7.83
C LEU E 245 -32.65 16.93 -6.86
N VAL F 4 -63.26 23.29 -24.37
CA VAL F 4 -62.86 24.69 -24.48
C VAL F 4 -62.50 25.01 -25.94
N ARG F 5 -61.23 24.76 -26.29
CA ARG F 5 -60.75 24.74 -27.68
C ARG F 5 -60.66 26.12 -28.32
N THR F 6 -59.89 27.04 -27.73
CA THR F 6 -59.73 28.38 -28.27
C THR F 6 -58.39 28.52 -28.98
N ILE F 7 -58.37 29.32 -30.06
CA ILE F 7 -57.21 29.48 -30.94
C ILE F 7 -56.51 30.80 -30.64
N ARG F 8 -55.20 30.75 -30.43
CA ARG F 8 -54.40 31.91 -30.08
C ARG F 8 -53.46 32.27 -31.22
N ILE F 9 -53.30 33.56 -31.48
CA ILE F 9 -52.54 34.05 -32.64
C ILE F 9 -51.66 35.22 -32.22
N TYR F 10 -50.36 35.11 -32.47
CA TYR F 10 -49.45 36.23 -32.24
C TYR F 10 -49.63 37.30 -33.32
N GLN F 11 -49.96 38.51 -32.90
CA GLN F 11 -50.10 39.65 -33.81
C GLN F 11 -49.67 40.90 -33.06
N PRO F 12 -48.44 41.36 -33.25
CA PRO F 12 -47.95 42.55 -32.53
C PRO F 12 -48.53 43.81 -33.15
N GLY F 13 -48.13 44.94 -32.59
CA GLY F 13 -48.70 46.22 -32.96
C GLY F 13 -49.74 46.68 -31.98
N GLU F 14 -50.06 47.98 -32.04
CA GLU F 14 -50.96 48.60 -31.08
C GLU F 14 -52.32 48.85 -31.74
N TYR F 15 -53.12 47.79 -31.78
CA TYR F 15 -54.52 47.90 -32.12
C TYR F 15 -55.35 47.99 -30.84
N GLN F 16 -56.63 48.33 -31.01
CA GLN F 16 -57.55 48.59 -29.90
C GLN F 16 -58.91 48.06 -30.27
N PRO F 17 -59.80 47.85 -29.29
CA PRO F 17 -61.12 47.31 -29.58
C PRO F 17 -61.89 48.18 -30.55
N GLY F 18 -62.80 47.55 -31.29
CA GLY F 18 -63.57 48.22 -32.31
C GLY F 18 -62.89 48.16 -33.66
N GLN F 19 -61.55 48.09 -33.65
CA GLN F 19 -60.78 48.13 -34.89
C GLN F 19 -61.05 46.91 -35.77
N LEU F 20 -61.12 47.15 -37.07
CA LEU F 20 -61.08 46.09 -38.08
C LEU F 20 -59.63 45.93 -38.50
N LEU F 21 -59.00 44.84 -38.07
CA LEU F 21 -57.56 44.66 -38.18
C LEU F 21 -57.23 43.62 -39.23
N GLU F 22 -56.35 43.99 -40.15
CA GLU F 22 -55.81 43.04 -41.12
C GLU F 22 -54.71 42.24 -40.46
N LEU F 23 -54.81 40.91 -40.53
CA LEU F 23 -53.80 40.08 -39.91
C LEU F 23 -52.51 40.11 -40.71
N SER F 24 -51.39 40.04 -39.99
CA SER F 24 -50.08 39.97 -40.62
C SER F 24 -50.02 38.81 -41.60
N PRO F 25 -49.17 38.90 -42.63
CA PRO F 25 -49.02 37.78 -43.57
C PRO F 25 -48.88 36.44 -42.89
N GLU F 26 -47.95 36.33 -41.92
CA GLU F 26 -47.75 35.07 -41.21
C GLU F 26 -49.02 34.64 -40.47
N ALA F 27 -49.59 35.55 -39.67
CA ALA F 27 -50.81 35.22 -38.94
C ALA F 27 -51.96 34.94 -39.90
N GLY F 28 -52.12 35.78 -40.92
CA GLY F 28 -53.21 35.55 -41.87
C GLY F 28 -53.03 34.23 -42.60
N GLN F 29 -51.80 33.95 -43.05
CA GLN F 29 -51.48 32.65 -43.62
C GLN F 29 -51.87 31.52 -42.67
N HIS F 30 -51.59 31.71 -41.39
CA HIS F 30 -51.91 30.68 -40.39
C HIS F 30 -53.42 30.50 -40.26
N VAL F 31 -54.15 31.60 -40.10
CA VAL F 31 -55.59 31.54 -39.83
C VAL F 31 -56.37 31.06 -41.06
N GLY F 32 -56.09 31.64 -42.22
CA GLY F 32 -56.90 31.38 -43.39
C GLY F 32 -56.50 30.14 -44.16
N VAL F 33 -55.21 29.87 -44.22
CA VAL F 33 -54.68 28.80 -45.06
C VAL F 33 -54.39 27.54 -44.25
N VAL F 34 -53.68 27.66 -43.13
CA VAL F 34 -53.33 26.49 -42.33
C VAL F 34 -54.57 25.93 -41.65
N LEU F 35 -55.29 26.78 -40.92
CA LEU F 35 -56.48 26.33 -40.18
C LEU F 35 -57.77 26.42 -40.99
N ARG F 36 -57.78 27.15 -42.11
CA ARG F 36 -58.94 27.27 -42.99
C ARG F 36 -60.17 27.76 -42.23
N MET F 37 -60.05 28.88 -41.54
CA MET F 37 -61.20 29.44 -40.83
C MET F 37 -62.04 30.31 -41.76
N GLU F 38 -63.26 30.62 -41.31
CA GLU F 38 -64.24 31.34 -42.14
C GLU F 38 -64.96 32.37 -41.28
N GLN F 39 -65.90 33.09 -41.91
CA GLN F 39 -66.54 34.22 -41.26
C GLN F 39 -67.37 33.75 -40.05
N GLY F 40 -67.37 34.57 -39.01
CA GLY F 40 -68.14 34.31 -37.81
C GLY F 40 -67.36 33.63 -36.70
N GLU F 41 -66.24 32.98 -37.02
CA GLU F 41 -65.49 32.28 -35.99
C GLU F 41 -64.73 33.26 -35.10
N GLN F 42 -64.25 32.76 -33.96
CA GLN F 42 -63.57 33.58 -32.97
C GLN F 42 -62.09 33.20 -32.86
N LEU F 43 -61.29 34.19 -32.47
CA LEU F 43 -59.85 34.07 -32.27
C LEU F 43 -59.46 34.86 -31.03
N THR F 44 -58.28 34.57 -30.49
CA THR F 44 -57.67 35.43 -29.49
C THR F 44 -56.30 35.87 -29.99
N LEU F 45 -56.09 37.17 -30.13
CA LEU F 45 -54.81 37.73 -30.52
C LEU F 45 -54.05 38.21 -29.30
N PHE F 46 -52.71 38.12 -29.38
CA PHE F 46 -51.83 38.76 -28.41
C PHE F 46 -50.68 39.44 -29.16
N ASN F 47 -50.20 40.54 -28.59
CA ASN F 47 -49.27 41.42 -29.29
C ASN F 47 -47.91 41.48 -28.62
N GLY F 48 -47.55 40.48 -27.83
CA GLY F 48 -46.27 40.49 -27.14
C GLY F 48 -46.21 41.41 -25.94
N ASP F 49 -47.29 42.15 -25.66
CA ASP F 49 -47.31 43.15 -24.61
C ASP F 49 -48.17 42.73 -23.43
N ASN F 50 -48.43 41.43 -23.30
CA ASN F 50 -49.26 40.87 -22.22
C ASN F 50 -50.67 41.46 -22.25
N LYS F 51 -51.19 41.63 -23.46
CA LYS F 51 -52.58 41.97 -23.72
C LYS F 51 -53.19 40.87 -24.57
N GLU F 52 -54.40 40.43 -24.23
CA GLU F 52 -55.16 39.52 -25.07
C GLU F 52 -56.35 40.25 -25.68
N PHE F 53 -56.67 39.90 -26.92
CA PHE F 53 -57.77 40.53 -27.66
C PHE F 53 -58.70 39.44 -28.18
N THR F 54 -59.96 39.48 -27.76
CA THR F 54 -60.98 38.65 -28.37
C THR F 54 -61.35 39.26 -29.72
N ALA F 55 -61.56 38.41 -30.72
CA ALA F 55 -61.85 38.91 -32.06
C ALA F 55 -62.64 37.88 -32.86
N SER F 56 -63.20 38.33 -33.98
CA SER F 56 -63.92 37.48 -34.91
C SER F 56 -63.53 37.85 -36.33
N ILE F 57 -63.85 36.96 -37.26
CA ILE F 57 -63.39 37.07 -38.64
C ILE F 57 -64.47 37.73 -39.49
N GLU F 58 -64.18 38.93 -39.99
CA GLU F 58 -65.13 39.60 -40.88
C GLU F 58 -64.98 39.15 -42.33
N ARG F 59 -63.75 38.98 -42.81
CA ARG F 59 -63.55 38.75 -44.24
C ARG F 59 -62.26 37.98 -44.48
N VAL F 60 -62.36 36.90 -45.25
CA VAL F 60 -61.22 36.08 -45.64
C VAL F 60 -61.09 36.10 -47.15
N LYS F 61 -59.85 36.26 -47.64
CA LYS F 61 -59.56 36.26 -49.07
C LYS F 61 -58.12 35.75 -49.23
N LYS F 62 -57.96 34.42 -49.22
CA LYS F 62 -56.68 33.73 -49.37
C LYS F 62 -55.82 34.03 -48.15
N LYS F 63 -54.63 34.60 -48.30
CA LYS F 63 -53.75 34.94 -47.19
C LYS F 63 -54.22 36.16 -46.43
N GLN F 64 -55.14 36.94 -47.01
CA GLN F 64 -55.58 38.20 -46.44
C GLN F 64 -56.85 37.96 -45.62
N VAL F 65 -56.73 38.09 -44.30
CA VAL F 65 -57.84 37.88 -43.37
C VAL F 65 -58.04 39.15 -42.57
N PHE F 66 -59.30 39.58 -42.45
CA PHE F 66 -59.66 40.76 -41.66
C PHE F 66 -60.44 40.32 -40.43
N VAL F 67 -60.02 40.80 -39.25
CA VAL F 67 -60.68 40.48 -37.99
C VAL F 67 -61.08 41.76 -37.28
N ARG F 68 -62.06 41.63 -36.39
CA ARG F 68 -62.61 42.76 -35.68
C ARG F 68 -62.41 42.57 -34.18
N ILE F 69 -61.86 43.58 -33.51
CA ILE F 69 -61.44 43.47 -32.12
C ILE F 69 -62.61 43.85 -31.21
N ALA F 70 -63.12 42.88 -30.46
CA ALA F 70 -64.20 43.15 -29.52
C ALA F 70 -63.69 43.81 -28.24
N SER F 71 -62.77 43.14 -27.53
CA SER F 71 -62.30 43.66 -26.25
C SER F 71 -60.84 43.28 -26.06
N VAL F 72 -60.19 44.00 -25.13
CA VAL F 72 -58.83 43.70 -24.70
C VAL F 72 -58.81 43.61 -23.19
N LEU F 73 -58.29 42.51 -22.66
CA LEU F 73 -58.05 42.40 -21.23
C LEU F 73 -56.60 42.01 -20.98
N GLU F 74 -56.09 42.41 -19.82
CA GLU F 74 -54.66 42.31 -19.51
C GLU F 74 -54.36 40.92 -18.96
N VAL F 75 -53.55 40.15 -19.67
CA VAL F 75 -53.22 38.78 -19.26
C VAL F 75 -51.72 38.60 -19.41
N ASN F 76 -51.04 38.39 -18.28
CA ASN F 76 -49.61 38.11 -18.22
C ASN F 76 -49.47 36.73 -17.63
N ARG F 77 -48.79 35.83 -18.35
CA ARG F 77 -48.46 34.50 -17.82
C ARG F 77 -46.95 34.30 -17.69
N GLU F 78 -46.21 35.38 -17.51
CA GLU F 78 -44.77 35.29 -17.28
C GLU F 78 -44.49 34.84 -15.86
N SER F 79 -43.30 34.27 -15.67
CA SER F 79 -42.82 33.88 -14.35
C SER F 79 -41.97 34.99 -13.73
N PRO F 80 -42.02 35.19 -12.42
CA PRO F 80 -41.13 36.19 -11.81
C PRO F 80 -39.66 35.79 -11.91
N LEU F 81 -39.36 34.49 -11.93
CA LEU F 81 -37.98 34.04 -12.10
C LEU F 81 -37.62 34.11 -13.58
N LYS F 82 -36.86 35.15 -13.94
CA LYS F 82 -36.46 35.41 -15.32
C LYS F 82 -35.21 34.59 -15.63
N ILE F 83 -35.35 33.50 -16.37
CA ILE F 83 -34.24 32.59 -16.63
C ILE F 83 -33.63 32.87 -17.98
N HIS F 84 -32.30 32.98 -18.02
CA HIS F 84 -31.54 33.21 -19.24
C HIS F 84 -30.82 31.92 -19.56
N LEU F 85 -31.31 31.19 -20.57
CA LEU F 85 -30.79 29.88 -20.88
C LEU F 85 -29.70 30.01 -21.94
N ALA F 86 -28.52 29.47 -21.65
CA ALA F 86 -27.42 29.38 -22.61
C ALA F 86 -27.30 27.92 -23.00
N GLN F 87 -27.95 27.54 -24.09
CA GLN F 87 -28.00 26.15 -24.50
C GLN F 87 -26.97 25.93 -25.60
N ALA F 88 -26.01 25.04 -25.33
CA ALA F 88 -25.14 24.56 -26.40
C ALA F 88 -25.97 24.13 -27.61
N ILE F 89 -25.43 24.33 -28.79
CA ILE F 89 -26.16 24.06 -30.01
C ILE F 89 -25.99 22.60 -30.40
N SER F 90 -27.11 21.91 -30.60
CA SER F 90 -27.20 20.57 -31.13
C SER F 90 -27.80 20.62 -32.53
N LYS F 91 -27.47 19.60 -33.33
CA LYS F 91 -28.01 19.52 -34.68
C LYS F 91 -29.51 19.31 -34.66
N GLY F 92 -30.22 20.03 -35.51
CA GLY F 92 -31.60 19.73 -35.84
C GLY F 92 -32.64 19.72 -34.73
N GLU F 93 -33.27 18.56 -34.55
CA GLU F 93 -34.55 18.48 -33.84
C GLU F 93 -34.39 18.69 -32.34
N ARG F 94 -33.27 18.24 -31.77
CA ARG F 94 -33.03 18.44 -30.33
C ARG F 94 -33.07 19.92 -29.96
N MET F 95 -32.54 20.79 -30.82
CA MET F 95 -32.51 22.21 -30.50
C MET F 95 -33.87 22.86 -30.69
N GLU F 96 -34.61 22.42 -31.72
CA GLU F 96 -35.96 22.95 -31.89
C GLU F 96 -36.80 22.58 -30.69
N MET F 97 -36.64 21.35 -30.20
CA MET F 97 -37.32 20.92 -29.00
C MET F 97 -37.00 21.83 -27.82
N VAL F 98 -35.71 22.18 -27.64
CA VAL F 98 -35.37 23.05 -26.53
C VAL F 98 -36.03 24.40 -26.70
N MET F 99 -36.09 24.90 -27.94
CA MET F 99 -36.73 26.20 -28.17
C MET F 99 -38.20 26.15 -27.78
N GLN F 100 -38.92 25.12 -28.24
CA GLN F 100 -40.34 25.07 -27.95
C GLN F 100 -40.60 24.88 -26.47
N LYS F 101 -39.95 23.87 -25.87
CA LYS F 101 -40.24 23.53 -24.49
C LYS F 101 -39.59 24.50 -23.48
N SER F 102 -38.52 25.20 -23.86
CA SER F 102 -38.07 26.25 -22.95
C SER F 102 -39.05 27.42 -22.93
N ALA F 103 -39.70 27.69 -24.08
CA ALA F 103 -40.73 28.73 -24.11
C ALA F 103 -41.92 28.34 -23.25
N GLU F 104 -42.41 27.10 -23.39
CA GLU F 104 -43.47 26.61 -22.52
C GLU F 104 -43.12 26.78 -21.06
N LEU F 105 -41.87 26.57 -20.69
CA LEU F 105 -41.51 26.62 -19.28
C LEU F 105 -41.13 28.03 -18.83
N GLY F 106 -41.57 29.05 -19.55
CA GLY F 106 -41.46 30.43 -19.10
C GLY F 106 -40.09 31.06 -19.20
N VAL F 107 -39.22 30.56 -20.09
CA VAL F 107 -37.87 31.10 -20.19
C VAL F 107 -37.94 32.57 -20.60
N ALA F 108 -37.12 33.40 -19.93
CA ALA F 108 -37.07 34.80 -20.32
C ALA F 108 -36.29 34.99 -21.61
N CYS F 109 -35.18 34.27 -21.78
CA CYS F 109 -34.16 34.68 -22.73
C CYS F 109 -33.27 33.50 -23.06
N ILE F 110 -32.99 33.30 -24.35
CA ILE F 110 -32.26 32.13 -24.84
C ILE F 110 -31.04 32.61 -25.63
N THR F 111 -29.87 32.09 -25.26
CA THR F 111 -28.63 32.35 -26.00
C THR F 111 -28.09 31.04 -26.52
N PRO F 112 -28.07 30.80 -27.83
CA PRO F 112 -27.41 29.58 -28.33
C PRO F 112 -25.90 29.66 -28.09
N LEU F 113 -25.33 28.58 -27.57
CA LEU F 113 -23.97 28.59 -27.06
C LEU F 113 -23.09 27.70 -27.92
N ILE F 114 -21.96 28.23 -28.38
CA ILE F 114 -20.95 27.44 -29.09
C ILE F 114 -19.89 27.06 -28.07
N THR F 115 -19.82 25.77 -27.74
CA THR F 115 -18.83 25.24 -26.79
C THR F 115 -17.83 24.39 -27.54
N GLU F 116 -16.81 23.95 -26.82
CA GLU F 116 -15.69 23.27 -27.47
C GLU F 116 -16.16 21.99 -28.17
N ARG F 117 -16.97 21.19 -27.48
CA ARG F 117 -17.35 19.88 -27.98
C ARG F 117 -18.68 19.89 -28.72
N CYS F 118 -19.21 21.07 -29.05
CA CYS F 118 -20.31 21.18 -30.00
C CYS F 118 -19.88 20.68 -31.37
N GLN F 119 -20.61 19.72 -31.92
CA GLN F 119 -20.27 19.16 -33.22
C GLN F 119 -21.15 19.78 -34.30
N VAL F 120 -20.89 21.05 -34.59
CA VAL F 120 -21.73 21.83 -35.49
C VAL F 120 -20.85 22.72 -36.36
N LYS F 121 -20.90 22.50 -37.67
CA LYS F 121 -20.17 23.36 -38.61
C LYS F 121 -20.83 24.73 -38.67
N ILE F 122 -20.08 25.78 -38.37
CA ILE F 122 -20.63 27.12 -38.25
C ILE F 122 -20.59 27.81 -39.60
N ASP F 123 -21.78 28.19 -40.10
CA ASP F 123 -21.95 28.83 -41.39
C ASP F 123 -22.88 30.01 -41.21
N LYS F 124 -22.48 31.19 -41.68
CA LYS F 124 -23.22 32.41 -41.35
C LYS F 124 -24.62 32.36 -41.95
N GLU F 125 -24.75 31.85 -43.17
CA GLU F 125 -26.07 31.72 -43.79
C GLU F 125 -26.91 30.70 -43.04
N LYS F 126 -26.36 29.51 -42.80
CA LYS F 126 -27.12 28.48 -42.11
C LYS F 126 -27.48 28.90 -40.69
N MET F 127 -26.64 29.73 -40.06
CA MET F 127 -26.98 30.23 -38.73
C MET F 127 -28.15 31.21 -38.80
N ALA F 128 -28.16 32.08 -39.79
CA ALA F 128 -29.27 33.02 -39.95
C ALA F 128 -30.59 32.27 -40.10
N LYS F 129 -30.59 31.19 -40.88
CA LYS F 129 -31.80 30.43 -41.13
C LYS F 129 -32.27 29.74 -39.86
N LYS F 130 -31.35 29.11 -39.12
CA LYS F 130 -31.68 28.48 -37.86
C LYS F 130 -32.30 29.48 -36.90
N MET F 131 -31.68 30.66 -36.78
CA MET F 131 -32.17 31.68 -35.87
C MET F 131 -33.57 32.13 -36.25
N HIS F 132 -33.84 32.26 -37.54
CA HIS F 132 -35.18 32.60 -38.00
C HIS F 132 -36.17 31.50 -37.65
N GLN F 133 -35.77 30.23 -37.81
CA GLN F 133 -36.67 29.12 -37.56
C GLN F 133 -36.91 28.90 -36.07
N TRP F 134 -35.87 29.12 -35.24
CA TRP F 134 -36.04 28.94 -33.81
C TRP F 134 -37.04 29.95 -33.26
N LEU F 135 -36.97 31.20 -33.73
CA LEU F 135 -37.89 32.21 -33.22
C LEU F 135 -39.33 31.84 -33.56
N ASN F 136 -39.58 31.40 -34.80
CA ASN F 136 -40.94 30.98 -35.15
C ASN F 136 -41.41 29.80 -34.29
N ILE F 137 -40.50 28.89 -33.95
CA ILE F 137 -40.86 27.80 -33.05
C ILE F 137 -41.19 28.34 -31.66
N ILE F 138 -40.49 29.39 -31.24
CA ILE F 138 -40.77 30.02 -29.95
C ILE F 138 -42.14 30.66 -29.96
N ILE F 139 -42.49 31.33 -31.04
CA ILE F 139 -43.77 32.04 -31.13
C ILE F 139 -44.93 31.06 -31.04
N GLY F 140 -44.89 30.00 -31.83
CA GLY F 140 -45.97 29.01 -31.78
C GLY F 140 -46.09 28.40 -30.39
N ALA F 141 -44.96 28.20 -29.71
CA ALA F 141 -45.00 27.69 -28.36
C ALA F 141 -45.75 28.66 -27.45
N CYS F 142 -45.48 29.96 -27.59
CA CYS F 142 -46.24 30.94 -26.82
C CYS F 142 -47.71 30.91 -27.19
N GLU F 143 -48.01 30.73 -28.49
CA GLU F 143 -49.39 30.60 -28.93
C GLU F 143 -50.06 29.40 -28.27
N GLN F 144 -49.31 28.34 -28.06
CA GLN F 144 -49.89 27.11 -27.56
C GLN F 144 -50.06 27.16 -26.04
N CYS F 145 -49.10 27.77 -25.34
CA CYS F 145 -48.99 27.66 -23.89
C CYS F 145 -49.59 28.85 -23.15
N GLY F 146 -49.81 29.98 -23.83
CA GLY F 146 -50.52 31.10 -23.26
C GLY F 146 -49.66 32.29 -22.88
N ARG F 147 -48.36 32.26 -23.16
CA ARG F 147 -47.56 33.45 -22.89
C ARG F 147 -47.95 34.54 -23.87
N ASN F 148 -48.17 35.74 -23.36
CA ASN F 148 -48.50 36.88 -24.19
C ASN F 148 -47.31 37.81 -24.40
N GLN F 149 -46.11 37.37 -23.99
CA GLN F 149 -44.86 38.04 -24.28
C GLN F 149 -43.87 36.99 -24.76
N ILE F 150 -43.03 37.36 -25.71
CA ILE F 150 -42.16 36.41 -26.41
C ILE F 150 -40.77 36.49 -25.78
N PRO F 151 -40.19 35.36 -25.38
CA PRO F 151 -38.79 35.37 -24.91
C PRO F 151 -37.88 35.97 -25.98
N GLU F 152 -36.80 36.59 -25.52
CA GLU F 152 -35.80 37.12 -26.43
C GLU F 152 -34.84 36.01 -26.82
N LEU F 153 -34.53 35.91 -28.11
CA LEU F 153 -33.64 34.89 -28.65
C LEU F 153 -32.41 35.60 -29.20
N ARG F 154 -31.32 35.55 -28.46
CA ARG F 154 -30.15 36.36 -28.78
C ARG F 154 -29.22 35.58 -29.71
N GLN F 155 -28.26 36.31 -30.28
CA GLN F 155 -27.39 35.76 -31.29
C GLN F 155 -26.42 34.76 -30.67
N PRO F 156 -26.08 33.70 -31.40
CA PRO F 156 -25.14 32.71 -30.88
C PRO F 156 -23.83 33.36 -30.47
N VAL F 157 -23.24 32.85 -29.39
CA VAL F 157 -21.94 33.34 -28.92
C VAL F 157 -21.12 32.16 -28.43
N TYR F 158 -19.82 32.41 -28.29
CA TYR F 158 -18.93 31.41 -27.71
C TYR F 158 -18.97 31.50 -26.20
N LEU F 159 -18.68 30.36 -25.55
CA LEU F 159 -18.69 30.27 -24.10
C LEU F 159 -17.93 31.42 -23.44
N ASP F 160 -16.77 31.77 -23.99
CA ASP F 160 -15.93 32.82 -23.38
C ASP F 160 -16.67 34.15 -23.33
N GLN F 161 -17.30 34.54 -24.45
CA GLN F 161 -18.03 35.80 -24.46
C GLN F 161 -19.23 35.76 -23.52
N PHE F 162 -20.00 34.67 -23.54
CA PHE F 162 -21.22 34.62 -22.75
C PHE F 162 -20.91 34.74 -21.26
N VAL F 163 -19.85 34.07 -20.81
CA VAL F 163 -19.54 33.99 -19.39
C VAL F 163 -19.04 35.33 -18.85
N ARG F 164 -18.44 36.17 -19.70
CA ARG F 164 -18.02 37.50 -19.27
C ARG F 164 -19.22 38.44 -19.19
N GLU F 165 -20.02 38.49 -20.26
CA GLU F 165 -21.14 39.41 -20.32
C GLU F 165 -22.27 39.04 -19.37
N ALA F 166 -22.25 37.84 -18.79
CA ALA F 166 -23.34 37.41 -17.93
C ALA F 166 -23.49 38.36 -16.76
N LYS F 167 -24.65 39.00 -16.68
CA LYS F 167 -24.96 39.96 -15.63
C LYS F 167 -26.08 39.47 -14.72
N GLU F 168 -26.47 38.21 -14.85
CA GLU F 168 -27.55 37.67 -14.04
C GLU F 168 -27.09 37.51 -12.59
N HIS F 169 -28.07 37.48 -11.68
CA HIS F 169 -27.79 37.46 -10.24
C HIS F 169 -27.31 36.09 -9.77
N LEU F 170 -27.75 35.02 -10.42
CA LEU F 170 -27.34 33.67 -10.06
C LEU F 170 -26.82 32.99 -11.32
N LYS F 171 -25.60 32.46 -11.24
CA LYS F 171 -24.88 31.92 -12.40
C LYS F 171 -24.67 30.44 -12.18
N LEU F 172 -25.38 29.63 -12.98
CA LEU F 172 -25.41 28.19 -12.82
C LEU F 172 -25.01 27.50 -14.12
N ILE F 173 -24.14 26.51 -14.00
CA ILE F 173 -23.77 25.66 -15.11
C ILE F 173 -23.97 24.22 -14.66
N LEU F 174 -24.44 23.37 -15.57
CA LEU F 174 -24.74 21.98 -15.26
C LEU F 174 -23.48 21.12 -15.38
N HIS F 175 -23.06 20.55 -14.26
CA HIS F 175 -21.84 19.76 -14.21
C HIS F 175 -21.75 19.06 -12.87
N PRO F 176 -21.59 17.72 -12.86
CA PRO F 176 -21.60 16.97 -11.60
C PRO F 176 -20.36 17.16 -10.72
N ALA F 177 -19.34 17.90 -11.14
CA ALA F 177 -18.11 18.03 -10.38
C ALA F 177 -18.21 19.19 -9.39
N PHE F 178 -18.03 18.87 -8.10
CA PHE F 178 -18.25 19.81 -7.00
C PHE F 178 -19.70 20.30 -6.99
N SER F 179 -20.61 19.40 -7.36
CA SER F 179 -21.98 19.76 -7.71
C SER F 179 -22.88 19.78 -6.48
N LYS F 180 -23.40 20.95 -6.16
CA LYS F 180 -24.49 21.13 -5.22
C LYS F 180 -25.82 21.13 -5.97
N THR F 181 -26.90 20.95 -5.24
CA THR F 181 -28.20 20.82 -5.86
C THR F 181 -28.93 22.16 -5.83
N TRP F 182 -30.22 22.15 -6.17
CA TRP F 182 -30.99 23.40 -6.12
C TRP F 182 -31.20 23.89 -4.70
N ARG F 183 -31.12 23.00 -3.72
N ARG F 183 -31.10 22.99 -3.71
CA ARG F 183 -31.34 23.38 -2.33
CA ARG F 183 -31.33 23.38 -2.33
C ARG F 183 -30.18 24.20 -1.76
C ARG F 183 -30.19 24.23 -1.78
N ASP F 184 -29.03 24.22 -2.43
CA ASP F 184 -27.86 24.94 -1.94
C ASP F 184 -27.67 26.28 -2.63
N TYR F 185 -28.69 26.78 -3.33
CA TYR F 185 -28.55 28.02 -4.09
C TYR F 185 -29.76 28.91 -3.86
N PRO F 186 -29.58 30.23 -3.91
CA PRO F 186 -30.73 31.15 -3.77
C PRO F 186 -31.50 31.29 -5.09
N VAL F 187 -32.42 30.37 -5.33
CA VAL F 187 -33.22 30.37 -6.56
C VAL F 187 -34.48 31.20 -6.28
N GLN F 188 -34.45 32.44 -6.75
CA GLN F 188 -35.50 33.41 -6.48
C GLN F 188 -35.31 34.58 -7.43
N PRO F 189 -36.36 35.36 -7.67
CA PRO F 189 -36.24 36.57 -8.52
C PRO F 189 -35.05 37.42 -8.09
N PRO F 190 -34.46 38.20 -9.03
CA PRO F 190 -34.94 38.45 -10.39
C PRO F 190 -34.61 37.36 -11.43
N ASP F 191 -33.32 37.12 -11.68
CA ASP F 191 -32.92 36.37 -12.86
C ASP F 191 -31.87 35.31 -12.52
N VAL F 192 -31.80 34.30 -13.39
CA VAL F 192 -30.83 33.22 -13.30
C VAL F 192 -30.23 32.99 -14.67
N ALA F 193 -28.91 32.92 -14.74
CA ALA F 193 -28.22 32.40 -15.92
C ALA F 193 -27.96 30.91 -15.73
N LEU F 194 -28.27 30.13 -16.77
CA LEU F 194 -28.15 28.68 -16.75
C LEU F 194 -27.40 28.25 -18.01
N ILE F 195 -26.35 27.44 -17.83
CA ILE F 195 -25.54 26.95 -18.93
C ILE F 195 -25.73 25.44 -19.00
N ILE F 196 -26.14 24.95 -20.18
CA ILE F 196 -26.24 23.53 -20.44
C ILE F 196 -25.29 23.20 -21.58
N GLY F 197 -24.54 22.10 -21.41
CA GLY F 197 -23.55 21.73 -22.38
C GLY F 197 -24.08 20.81 -23.46
N PRO F 198 -23.30 20.57 -24.48
CA PRO F 198 -23.70 19.66 -25.54
C PRO F 198 -23.56 18.22 -25.06
N GLU F 199 -23.93 17.28 -25.94
CA GLU F 199 -23.79 15.86 -25.62
C GLU F 199 -22.38 15.52 -25.14
N GLY F 200 -21.35 16.13 -25.73
CA GLY F 200 -20.01 15.79 -25.37
C GLY F 200 -19.50 16.32 -24.04
N GLY F 201 -20.27 17.14 -23.35
CA GLY F 201 -19.80 17.72 -22.09
C GLY F 201 -18.90 18.93 -22.28
N PHE F 202 -18.33 19.37 -21.16
CA PHE F 202 -17.38 20.48 -21.14
C PHE F 202 -15.97 19.97 -20.94
N SER F 203 -15.02 20.72 -21.50
CA SER F 203 -13.61 20.44 -21.28
C SER F 203 -13.14 21.17 -20.03
N ASP F 204 -11.89 20.93 -19.64
CA ASP F 204 -11.45 21.37 -18.32
C ASP F 204 -11.27 22.88 -18.26
N GLU F 205 -10.70 23.50 -19.30
CA GLU F 205 -10.61 24.96 -19.28
C GLU F 205 -11.99 25.59 -19.37
N GLU F 206 -12.94 24.89 -19.99
CA GLU F 206 -14.32 25.38 -20.03
C GLU F 206 -14.92 25.40 -18.62
N ILE F 207 -14.71 24.33 -17.85
CA ILE F 207 -15.15 24.32 -16.47
C ILE F 207 -14.38 25.35 -15.67
N ARG F 208 -13.11 25.58 -16.01
CA ARG F 208 -12.32 26.57 -15.30
C ARG F 208 -12.72 27.98 -15.69
N LEU F 209 -13.05 28.19 -16.96
CA LEU F 209 -13.48 29.52 -17.39
C LEU F 209 -14.76 29.93 -16.69
N THR F 210 -15.72 29.02 -16.56
CA THR F 210 -17.02 29.38 -15.98
C THR F 210 -16.92 29.52 -14.46
N SER F 211 -16.11 28.69 -13.81
CA SER F 211 -15.93 28.84 -12.37
C SER F 211 -15.21 30.14 -12.04
N GLY F 212 -14.27 30.56 -12.90
CA GLY F 212 -13.60 31.82 -12.67
C GLY F 212 -14.53 33.01 -12.82
N HIS F 213 -15.45 32.95 -13.78
CA HIS F 213 -16.44 34.00 -13.94
C HIS F 213 -17.64 33.81 -13.03
N GLY F 214 -17.57 32.84 -12.12
CA GLY F 214 -18.53 32.72 -11.05
C GLY F 214 -19.65 31.74 -11.27
N PHE F 215 -19.70 31.07 -12.41
CA PHE F 215 -20.77 30.13 -12.66
C PHE F 215 -20.60 28.92 -11.74
N LEU F 216 -21.56 28.71 -10.84
CA LEU F 216 -21.63 27.71 -9.79
C LEU F 216 -22.21 26.39 -10.30
N PRO F 217 -21.64 25.28 -9.86
CA PRO F 217 -22.04 23.97 -10.40
C PRO F 217 -23.35 23.47 -9.81
N LEU F 218 -24.24 23.04 -10.69
CA LEU F 218 -25.52 22.47 -10.34
C LEU F 218 -25.58 21.03 -10.82
N SER F 219 -26.10 20.15 -9.95
CA SER F 219 -26.41 18.77 -10.29
C SER F 219 -27.93 18.60 -10.44
N LEU F 220 -28.32 17.60 -11.23
CA LEU F 220 -29.73 17.27 -11.37
C LEU F 220 -29.95 15.76 -11.20
N GLY F 221 -29.33 15.20 -10.16
CA GLY F 221 -29.54 13.81 -9.83
C GLY F 221 -28.39 12.95 -10.30
N PRO F 222 -28.48 11.64 -10.05
CA PRO F 222 -27.37 10.73 -10.37
C PRO F 222 -27.43 10.11 -11.76
N ARG F 223 -28.49 10.36 -12.53
CA ARG F 223 -28.58 9.86 -13.89
C ARG F 223 -28.16 10.97 -14.86
N VAL F 224 -27.42 10.58 -15.90
CA VAL F 224 -26.98 11.53 -16.91
C VAL F 224 -28.16 11.84 -17.83
N LEU F 225 -28.53 13.12 -17.91
CA LEU F 225 -29.60 13.57 -18.79
C LEU F 225 -29.03 13.95 -20.16
N ARG F 226 -29.83 13.69 -21.19
CA ARG F 226 -29.54 14.25 -22.51
C ARG F 226 -29.60 15.78 -22.44
N THR F 227 -28.89 16.41 -23.39
CA THR F 227 -28.73 17.87 -23.36
C THR F 227 -30.08 18.58 -23.50
N GLU F 228 -30.99 18.04 -24.32
CA GLU F 228 -32.32 18.61 -24.44
C GLU F 228 -33.17 18.29 -23.22
N THR F 229 -33.01 17.08 -22.66
CA THR F 229 -33.71 16.78 -21.41
C THR F 229 -33.26 17.72 -20.33
N ALA F 230 -31.94 17.94 -20.24
CA ALA F 230 -31.39 18.70 -19.13
C ALA F 230 -31.93 20.12 -19.14
N ALA F 231 -32.13 20.69 -20.34
CA ALA F 231 -32.63 22.05 -20.42
C ALA F 231 -33.98 22.16 -19.74
N ILE F 232 -34.87 21.21 -20.01
CA ILE F 232 -36.24 21.32 -19.54
C ILE F 232 -36.35 20.98 -18.08
N THR F 233 -35.66 19.92 -17.65
CA THR F 233 -35.62 19.58 -16.24
C THR F 233 -35.09 20.75 -15.41
N ALA F 234 -34.00 21.37 -15.87
CA ALA F 234 -33.42 22.49 -15.16
C ALA F 234 -34.41 23.64 -15.06
N LEU F 235 -35.05 23.99 -16.18
CA LEU F 235 -36.09 25.01 -16.14
C LEU F 235 -37.21 24.62 -15.18
N SER F 236 -37.60 23.35 -15.21
CA SER F 236 -38.66 22.88 -14.32
C SER F 236 -38.25 22.97 -12.85
N VAL F 237 -37.06 22.47 -12.51
CA VAL F 237 -36.63 22.54 -11.13
C VAL F 237 -36.48 23.99 -10.68
N LEU F 238 -35.85 24.81 -11.50
CA LEU F 238 -35.65 26.21 -11.10
C LEU F 238 -36.98 26.93 -10.96
N GLN F 239 -37.94 26.68 -11.86
CA GLN F 239 -39.25 27.32 -11.73
C GLN F 239 -40.01 26.80 -10.51
N ALA F 240 -39.81 25.54 -10.16
CA ALA F 240 -40.45 25.01 -8.95
C ALA F 240 -39.86 25.66 -7.70
N ALA F 241 -38.54 25.89 -7.67
CA ALA F 241 -37.87 26.31 -6.45
C ALA F 241 -38.02 27.80 -6.19
N GLY F 242 -38.09 28.62 -7.24
CA GLY F 242 -38.22 30.06 -7.10
C GLY F 242 -38.93 30.80 -8.23
N GLY F 243 -39.71 30.08 -9.03
CA GLY F 243 -40.59 30.72 -9.99
C GLY F 243 -42.04 30.41 -9.69
N ASP F 244 -42.86 30.26 -10.74
CA ASP F 244 -44.31 30.12 -10.56
C ASP F 244 -44.81 28.69 -10.80
N LEU F 245 -43.94 27.68 -10.69
CA LEU F 245 -44.39 26.29 -10.76
C LEU F 245 -44.73 25.76 -9.36
N VAL G 4 11.77 -4.61 22.96
CA VAL G 4 11.31 -3.79 21.83
C VAL G 4 10.38 -2.70 22.32
N ARG G 5 10.09 -1.73 21.44
CA ARG G 5 9.22 -0.61 21.76
C ARG G 5 7.83 -0.87 21.19
N THR G 6 6.82 -0.85 22.04
CA THR G 6 5.45 -0.82 21.53
C THR G 6 5.19 0.53 20.87
N ILE G 7 4.45 0.50 19.77
CA ILE G 7 4.25 1.71 18.97
C ILE G 7 3.33 2.66 19.72
N ARG G 8 3.76 3.91 19.85
CA ARG G 8 3.01 4.94 20.55
C ARG G 8 2.40 5.90 19.54
N ILE G 9 1.11 6.17 19.69
CA ILE G 9 0.35 7.05 18.81
C ILE G 9 -0.40 8.04 19.69
N TYR G 10 -0.29 9.33 19.37
CA TYR G 10 -1.03 10.33 20.11
C TYR G 10 -2.45 10.44 19.56
N GLN G 11 -3.43 10.34 20.46
CA GLN G 11 -4.82 10.41 20.04
C GLN G 11 -5.58 11.26 21.05
N PRO G 12 -5.97 12.48 20.68
CA PRO G 12 -6.74 13.32 21.60
C PRO G 12 -8.12 12.71 21.86
N GLY G 13 -8.75 13.20 22.91
CA GLY G 13 -10.09 12.79 23.25
C GLY G 13 -10.12 11.90 24.47
N GLU G 14 -11.33 11.61 24.92
CA GLU G 14 -11.61 10.82 26.10
C GLU G 14 -12.29 9.52 25.68
N TYR G 15 -11.52 8.43 25.67
CA TYR G 15 -12.05 7.11 25.38
C TYR G 15 -11.83 6.21 26.59
N GLN G 16 -12.53 5.09 26.60
CA GLN G 16 -12.55 4.17 27.72
C GLN G 16 -12.24 2.76 27.22
N PRO G 17 -11.72 1.89 28.09
CA PRO G 17 -11.47 0.50 27.67
C PRO G 17 -12.72 -0.18 27.13
N GLY G 18 -12.55 -0.90 26.02
CA GLY G 18 -13.64 -1.55 25.33
C GLY G 18 -14.16 -0.76 24.14
N GLN G 19 -14.06 0.56 24.19
CA GLN G 19 -14.59 1.41 23.12
C GLN G 19 -13.89 1.13 21.81
N LEU G 20 -14.65 1.08 20.72
CA LEU G 20 -14.07 1.01 19.39
C LEU G 20 -13.88 2.44 18.89
N LEU G 21 -12.63 2.78 18.55
CA LEU G 21 -12.25 4.16 18.25
C LEU G 21 -11.64 4.23 16.86
N GLU G 22 -12.11 5.20 16.07
CA GLU G 22 -11.47 5.53 14.80
C GLU G 22 -10.28 6.44 15.04
N LEU G 23 -9.19 6.20 14.32
CA LEU G 23 -8.02 7.03 14.48
C LEU G 23 -8.21 8.34 13.72
N SER G 24 -7.66 9.41 14.29
CA SER G 24 -7.63 10.69 13.62
C SER G 24 -6.93 10.54 12.26
N PRO G 25 -7.29 11.36 11.28
CA PRO G 25 -6.69 11.20 9.94
C PRO G 25 -5.17 11.15 9.98
N GLU G 26 -4.54 12.06 10.73
CA GLU G 26 -3.09 12.07 10.84
C GLU G 26 -2.58 10.79 11.49
N ALA G 27 -3.23 10.35 12.58
CA ALA G 27 -2.78 9.16 13.29
C ALA G 27 -3.05 7.90 12.46
N GLY G 28 -4.25 7.78 11.89
CA GLY G 28 -4.55 6.63 11.05
C GLY G 28 -3.65 6.56 9.82
N GLN G 29 -3.43 7.71 9.16
CA GLN G 29 -2.48 7.77 8.06
C GLN G 29 -1.10 7.29 8.51
N HIS G 30 -0.66 7.75 9.68
CA HIS G 30 0.63 7.36 10.24
C HIS G 30 0.69 5.85 10.47
N VAL G 31 -0.35 5.27 11.06
CA VAL G 31 -0.32 3.86 11.47
C VAL G 31 -0.42 2.93 10.26
N GLY G 32 -1.32 3.24 9.32
CA GLY G 32 -1.63 2.30 8.26
C GLY G 32 -0.62 2.34 7.12
N VAL G 33 -0.26 3.56 6.67
CA VAL G 33 0.59 3.77 5.50
C VAL G 33 2.08 3.73 5.85
N VAL G 34 2.50 4.58 6.79
CA VAL G 34 3.92 4.73 7.07
C VAL G 34 4.47 3.47 7.74
N LEU G 35 3.73 2.88 8.69
CA LEU G 35 4.22 1.73 9.44
C LEU G 35 3.73 0.40 8.89
N ARG G 36 2.81 0.42 7.91
CA ARG G 36 2.28 -0.80 7.29
C ARG G 36 1.73 -1.75 8.35
N MET G 37 1.06 -1.19 9.35
CA MET G 37 0.49 -1.98 10.44
C MET G 37 -0.79 -2.68 10.00
N GLU G 38 -0.89 -3.95 10.36
CA GLU G 38 -2.00 -4.81 9.94
C GLU G 38 -2.92 -5.10 11.12
N GLN G 39 -4.02 -5.77 10.81
CA GLN G 39 -5.02 -6.13 11.80
C GLN G 39 -4.42 -6.95 12.94
N GLY G 40 -4.86 -6.64 14.17
CA GLY G 40 -4.47 -7.40 15.34
C GLY G 40 -3.20 -6.96 16.03
N GLU G 41 -2.45 -6.02 15.45
CA GLU G 41 -1.21 -5.58 16.06
C GLU G 41 -1.47 -4.60 17.22
N GLN G 42 -0.44 -4.40 18.02
CA GLN G 42 -0.54 -3.65 19.26
C GLN G 42 -0.24 -2.17 19.06
N LEU G 43 -0.83 -1.35 19.93
CA LEU G 43 -0.64 0.09 19.92
C LEU G 43 -0.83 0.62 21.32
N THR G 44 -0.01 1.60 21.70
CA THR G 44 -0.23 2.40 22.91
C THR G 44 -0.72 3.77 22.47
N LEU G 45 -1.99 4.06 22.72
CA LEU G 45 -2.52 5.40 22.56
C LEU G 45 -2.25 6.20 23.83
N PHE G 46 -2.13 7.52 23.66
CA PHE G 46 -2.10 8.41 24.81
C PHE G 46 -2.80 9.71 24.41
N ASN G 47 -3.57 10.29 25.34
CA ASN G 47 -4.50 11.36 25.00
C ASN G 47 -4.02 12.75 25.41
N GLY G 48 -2.82 12.87 25.94
CA GLY G 48 -2.34 14.15 26.42
C GLY G 48 -2.57 14.38 27.90
N ASP G 49 -3.33 13.51 28.57
CA ASP G 49 -3.71 13.64 29.97
C ASP G 49 -2.94 12.66 30.86
N ASN G 50 -1.70 12.34 30.47
CA ASN G 50 -0.81 11.48 31.24
C ASN G 50 -1.39 10.08 31.46
N LYS G 51 -2.18 9.62 30.49
CA LYS G 51 -2.79 8.28 30.50
C LYS G 51 -2.32 7.51 29.27
N GLU G 52 -2.02 6.23 29.46
CA GLU G 52 -1.55 5.36 28.38
C GLU G 52 -2.59 4.27 28.11
N PHE G 53 -3.10 4.24 26.88
CA PHE G 53 -4.16 3.32 26.47
C PHE G 53 -3.59 2.24 25.58
N THR G 54 -3.79 0.98 25.96
CA THR G 54 -3.39 -0.14 25.13
C THR G 54 -4.54 -0.50 24.19
N ALA G 55 -4.20 -0.79 22.93
CA ALA G 55 -5.22 -0.98 21.90
C ALA G 55 -4.74 -1.97 20.85
N SER G 56 -5.70 -2.57 20.16
CA SER G 56 -5.44 -3.44 19.03
C SER G 56 -6.16 -2.91 17.80
N ILE G 57 -5.58 -3.14 16.63
CA ILE G 57 -6.15 -2.63 15.38
C ILE G 57 -7.31 -3.54 14.98
N GLU G 58 -8.52 -2.98 14.98
CA GLU G 58 -9.75 -3.72 14.69
C GLU G 58 -9.97 -3.89 13.18
N ARG G 59 -9.87 -2.79 12.43
CA ARG G 59 -9.99 -2.81 10.98
C ARG G 59 -8.91 -1.90 10.41
N VAL G 60 -8.67 -2.04 9.10
CA VAL G 60 -7.86 -1.12 8.32
C VAL G 60 -8.46 -1.01 6.93
N LYS G 61 -8.78 0.22 6.51
CA LYS G 61 -9.18 0.44 5.13
C LYS G 61 -8.08 1.22 4.41
N LYS G 62 -8.41 1.79 3.25
CA LYS G 62 -7.40 2.44 2.44
C LYS G 62 -6.71 3.57 3.19
N LYS G 63 -7.43 4.26 4.08
CA LYS G 63 -6.83 5.20 5.02
C LYS G 63 -7.46 5.16 6.40
N GLN G 64 -8.71 4.72 6.53
CA GLN G 64 -9.36 4.61 7.83
C GLN G 64 -8.75 3.46 8.63
N VAL G 65 -8.38 3.75 9.87
CA VAL G 65 -7.88 2.77 10.81
C VAL G 65 -8.75 2.83 12.06
N PHE G 66 -9.30 1.69 12.46
CA PHE G 66 -10.10 1.56 13.68
C PHE G 66 -9.30 0.76 14.71
N VAL G 67 -9.33 1.18 15.97
CA VAL G 67 -8.65 0.46 17.04
C VAL G 67 -9.62 0.21 18.19
N ARG G 68 -9.29 -0.82 18.98
CA ARG G 68 -10.11 -1.27 20.12
C ARG G 68 -9.33 -1.04 21.41
N ILE G 69 -9.78 -0.06 22.21
CA ILE G 69 -9.10 0.25 23.47
C ILE G 69 -9.29 -0.91 24.43
N ALA G 70 -8.17 -1.47 24.91
CA ALA G 70 -8.17 -2.60 25.84
C ALA G 70 -8.11 -2.15 27.30
N SER G 71 -7.02 -1.50 27.71
CA SER G 71 -6.85 -1.07 29.08
C SER G 71 -6.27 0.34 29.10
N VAL G 72 -6.25 0.94 30.30
CA VAL G 72 -5.65 2.25 30.50
C VAL G 72 -4.63 2.15 31.64
N LEU G 73 -3.70 3.11 31.64
CA LEU G 73 -2.66 3.18 32.66
C LEU G 73 -2.26 4.64 32.87
N GLU G 74 -2.01 5.01 34.12
CA GLU G 74 -1.55 6.35 34.47
C GLU G 74 -0.04 6.36 34.47
N VAL G 75 0.55 6.87 33.40
CA VAL G 75 2.00 7.00 33.25
C VAL G 75 2.31 8.49 33.05
N ASN G 76 2.98 9.09 34.01
CA ASN G 76 3.41 10.48 33.90
C ASN G 76 4.94 10.53 33.83
N ARG G 77 5.47 11.04 32.71
CA ARG G 77 6.90 11.21 32.52
C ARG G 77 7.29 12.69 32.44
N GLU G 78 6.48 13.55 33.05
CA GLU G 78 6.78 14.97 33.11
C GLU G 78 7.83 15.25 34.18
N SER G 79 8.51 16.38 34.04
CA SER G 79 9.48 16.88 35.01
C SER G 79 8.79 17.87 35.95
N PRO G 80 9.11 17.84 37.25
CA PRO G 80 8.54 18.85 38.17
C PRO G 80 9.01 20.26 37.87
N LEU G 81 10.13 20.41 37.14
CA LEU G 81 10.64 21.72 36.74
C LEU G 81 9.90 22.15 35.48
N LYS G 82 8.87 22.97 35.65
CA LYS G 82 8.08 23.47 34.53
C LYS G 82 8.83 24.63 33.89
N ILE G 83 9.32 24.42 32.68
CA ILE G 83 10.13 25.41 31.97
C ILE G 83 9.32 25.96 30.81
N HIS G 84 9.22 27.29 30.73
CA HIS G 84 8.55 27.98 29.64
C HIS G 84 9.63 28.53 28.71
N LEU G 85 9.77 27.92 27.55
CA LEU G 85 10.79 28.33 26.58
C LEU G 85 10.17 29.36 25.63
N ALA G 86 10.74 30.56 25.62
CA ALA G 86 10.45 31.58 24.61
C ALA G 86 11.60 31.52 23.61
N GLN G 87 11.36 30.87 22.47
CA GLN G 87 12.40 30.63 21.48
C GLN G 87 12.24 31.62 20.31
N ALA G 88 13.24 32.48 20.12
CA ALA G 88 13.21 33.39 18.98
C ALA G 88 13.07 32.58 17.69
N ILE G 89 12.26 33.10 16.77
CA ILE G 89 11.87 32.33 15.59
C ILE G 89 13.02 32.32 14.58
N SER G 90 13.54 31.13 14.31
CA SER G 90 14.44 30.88 13.20
C SER G 90 13.64 30.19 12.09
N LYS G 91 14.03 30.44 10.85
CA LYS G 91 13.30 29.83 9.74
C LYS G 91 13.80 28.40 9.51
N GLY G 92 12.92 27.57 8.97
CA GLY G 92 13.28 26.24 8.52
C GLY G 92 13.59 25.22 9.61
N GLU G 93 14.61 24.40 9.37
CA GLU G 93 14.79 23.19 10.18
C GLU G 93 15.23 23.50 11.61
N ARG G 94 15.90 24.63 11.85
CA ARG G 94 16.37 24.94 13.19
C ARG G 94 15.21 25.03 14.18
N MET G 95 14.13 25.71 13.78
CA MET G 95 13.00 25.87 14.68
C MET G 95 12.30 24.54 14.91
N GLU G 96 12.24 23.71 13.87
CA GLU G 96 11.63 22.39 14.00
C GLU G 96 12.41 21.51 14.95
N MET G 97 13.74 21.64 14.95
CA MET G 97 14.53 20.83 15.86
C MET G 97 14.43 21.37 17.29
N VAL G 98 14.17 22.66 17.47
CA VAL G 98 13.91 23.16 18.82
C VAL G 98 12.60 22.59 19.35
N MET G 99 11.57 22.56 18.49
CA MET G 99 10.29 21.99 18.92
C MET G 99 10.47 20.53 19.35
N GLN G 100 11.15 19.74 18.52
CA GLN G 100 11.28 18.30 18.80
C GLN G 100 12.09 18.06 20.06
N LYS G 101 13.28 18.66 20.15
CA LYS G 101 14.21 18.33 21.23
C LYS G 101 13.84 19.00 22.54
N SER G 102 13.23 20.19 22.50
CA SER G 102 12.76 20.77 23.75
C SER G 102 11.66 19.90 24.35
N ALA G 103 10.88 19.22 23.50
CA ALA G 103 9.86 18.30 23.98
C ALA G 103 10.51 17.07 24.59
N GLU G 104 11.50 16.51 23.90
CA GLU G 104 12.30 15.44 24.48
C GLU G 104 12.86 15.84 25.84
N LEU G 105 13.25 17.11 25.99
CA LEU G 105 13.80 17.57 27.25
C LEU G 105 12.74 17.94 28.26
N GLY G 106 11.49 17.62 27.97
CA GLY G 106 10.41 17.81 28.92
C GLY G 106 9.97 19.23 29.09
N VAL G 107 10.11 20.07 28.05
CA VAL G 107 9.70 21.47 28.15
C VAL G 107 8.20 21.53 28.43
N ALA G 108 7.81 22.47 29.30
CA ALA G 108 6.42 22.54 29.72
C ALA G 108 5.57 23.38 28.77
N CYS G 109 6.13 24.47 28.25
CA CYS G 109 5.39 25.46 27.47
C CYS G 109 6.36 26.13 26.50
N ILE G 110 5.89 26.43 25.29
CA ILE G 110 6.74 27.03 24.27
C ILE G 110 6.04 28.25 23.68
N THR G 111 6.76 29.37 23.64
CA THR G 111 6.28 30.58 22.98
C THR G 111 7.28 31.00 21.91
N PRO G 112 6.94 30.89 20.63
CA PRO G 112 7.80 31.49 19.59
C PRO G 112 7.93 32.99 19.82
N LEU G 113 9.14 33.51 19.64
CA LEU G 113 9.45 34.89 20.00
C LEU G 113 9.85 35.68 18.75
N ILE G 114 9.26 36.86 18.58
CA ILE G 114 9.65 37.77 17.53
C ILE G 114 10.53 38.86 18.14
N THR G 115 11.82 38.79 17.89
CA THR G 115 12.76 39.78 18.42
C THR G 115 13.25 40.67 17.30
N GLU G 116 14.00 41.72 17.68
CA GLU G 116 14.46 42.69 16.70
C GLU G 116 15.24 42.03 15.56
N ARG G 117 16.03 41.00 15.86
CA ARG G 117 16.95 40.42 14.89
C ARG G 117 16.45 39.13 14.27
N CYS G 118 15.17 38.81 14.39
CA CYS G 118 14.62 37.64 13.72
C CYS G 118 14.57 37.87 12.22
N GLN G 119 14.97 36.86 11.45
CA GLN G 119 15.00 36.94 9.99
C GLN G 119 13.85 36.19 9.33
N VAL G 120 12.77 35.94 10.05
CA VAL G 120 11.61 35.25 9.50
C VAL G 120 10.57 36.27 9.10
N LYS G 121 9.92 36.05 7.97
CA LYS G 121 8.85 36.90 7.51
C LYS G 121 7.59 36.58 8.32
N ILE G 122 7.06 37.59 9.00
CA ILE G 122 5.86 37.42 9.80
C ILE G 122 4.64 37.65 8.89
N ASP G 123 3.80 36.63 8.79
CA ASP G 123 2.70 36.60 7.82
C ASP G 123 1.65 35.67 8.41
N LYS G 124 0.40 36.13 8.45
CA LYS G 124 -0.63 35.42 9.19
C LYS G 124 -0.82 34.00 8.66
N GLU G 125 -0.80 33.81 7.34
CA GLU G 125 -1.12 32.50 6.78
C GLU G 125 0.05 31.53 6.92
N LYS G 126 1.28 32.01 6.74
CA LYS G 126 2.45 31.16 6.94
C LYS G 126 2.63 30.82 8.42
N MET G 127 2.28 31.75 9.31
CA MET G 127 2.41 31.49 10.74
C MET G 127 1.38 30.47 11.21
N ALA G 128 0.15 30.56 10.70
CA ALA G 128 -0.81 29.49 10.95
C ALA G 128 -0.26 28.16 10.48
N LYS G 129 0.39 28.14 9.30
CA LYS G 129 0.99 26.92 8.79
C LYS G 129 2.10 26.42 9.72
N LYS G 130 3.00 27.32 10.13
CA LYS G 130 4.13 26.92 10.95
C LYS G 130 3.67 26.43 12.33
N MET G 131 2.73 27.14 12.94
CA MET G 131 2.18 26.67 14.21
C MET G 131 1.59 25.28 14.08
N HIS G 132 0.98 24.97 12.93
CA HIS G 132 0.48 23.62 12.70
C HIS G 132 1.63 22.62 12.56
N GLN G 133 2.71 22.99 11.86
CA GLN G 133 3.84 22.08 11.66
C GLN G 133 4.62 21.87 12.95
N TRP G 134 4.79 22.93 13.73
CA TRP G 134 5.50 22.83 15.00
C TRP G 134 4.75 21.94 15.99
N LEU G 135 3.41 21.99 15.97
CA LEU G 135 2.66 21.18 16.93
C LEU G 135 2.74 19.70 16.56
N ASN G 136 2.77 19.39 15.26
CA ASN G 136 2.93 18.01 14.84
C ASN G 136 4.31 17.47 15.21
N ILE G 137 5.34 18.33 15.12
CA ILE G 137 6.67 17.91 15.53
C ILE G 137 6.70 17.60 17.01
N ILE G 138 6.07 18.45 17.83
CA ILE G 138 6.00 18.25 19.26
C ILE G 138 5.27 16.95 19.59
N ILE G 139 4.12 16.72 18.94
CA ILE G 139 3.35 15.49 19.15
C ILE G 139 4.21 14.27 18.79
N GLY G 140 4.93 14.36 17.68
CA GLY G 140 5.81 13.27 17.30
C GLY G 140 6.93 13.04 18.30
N ALA G 141 7.43 14.12 18.91
CA ALA G 141 8.47 13.95 19.91
C ALA G 141 7.92 13.29 21.16
N CYS G 142 6.73 13.69 21.58
CA CYS G 142 6.07 13.04 22.71
C CYS G 142 5.78 11.56 22.44
N GLU G 143 5.47 11.20 21.19
CA GLU G 143 5.29 9.79 20.87
C GLU G 143 6.61 9.01 20.98
N GLN G 144 7.72 9.65 20.63
CA GLN G 144 9.03 9.00 20.66
C GLN G 144 9.57 8.86 22.09
N CYS G 145 9.48 9.91 22.90
CA CYS G 145 10.28 9.99 24.13
C CYS G 145 9.54 9.50 25.35
N GLY G 146 8.26 9.16 25.22
CA GLY G 146 7.48 8.63 26.33
C GLY G 146 6.63 9.65 27.05
N ARG G 147 6.76 10.95 26.74
CA ARG G 147 5.87 11.93 27.35
C ARG G 147 4.42 11.58 27.03
N ASN G 148 3.56 11.68 28.04
CA ASN G 148 2.14 11.48 27.82
C ASN G 148 1.37 12.78 27.99
N GLN G 149 2.08 13.91 28.04
CA GLN G 149 1.49 15.24 28.05
C GLN G 149 2.14 16.06 26.94
N ILE G 150 1.33 16.82 26.21
CA ILE G 150 1.80 17.63 25.10
C ILE G 150 2.13 19.02 25.67
N PRO G 151 3.37 19.48 25.57
CA PRO G 151 3.66 20.87 25.94
C PRO G 151 2.70 21.83 25.24
N GLU G 152 2.42 22.94 25.90
CA GLU G 152 1.59 23.98 25.33
C GLU G 152 2.40 24.77 24.31
N LEU G 153 1.93 24.82 23.07
CA LEU G 153 2.49 25.71 22.06
C LEU G 153 1.62 26.96 22.01
N ARG G 154 2.18 28.10 22.41
CA ARG G 154 1.48 29.37 22.46
C ARG G 154 1.68 30.16 21.17
N GLN G 155 0.76 31.08 20.92
CA GLN G 155 0.87 31.97 19.77
C GLN G 155 2.10 32.85 19.91
N PRO G 156 2.83 33.09 18.82
CA PRO G 156 4.03 33.91 18.91
C PRO G 156 3.70 35.30 19.42
N VAL G 157 4.70 35.92 20.08
CA VAL G 157 4.58 37.27 20.61
C VAL G 157 5.90 37.98 20.41
N TYR G 158 5.85 39.30 20.47
CA TYR G 158 7.05 40.12 20.50
C TYR G 158 7.67 40.05 21.89
N LEU G 159 8.98 40.27 21.93
CA LEU G 159 9.73 40.11 23.19
C LEU G 159 9.15 40.98 24.29
N ASP G 160 8.82 42.24 23.97
CA ASP G 160 8.30 43.14 25.00
C ASP G 160 7.03 42.59 25.64
N GLN G 161 6.09 42.09 24.84
CA GLN G 161 4.86 41.54 25.41
C GLN G 161 5.15 40.33 26.29
N PHE G 162 6.16 39.53 25.91
CA PHE G 162 6.47 38.32 26.67
C PHE G 162 7.07 38.67 28.03
N VAL G 163 8.04 39.59 28.05
CA VAL G 163 8.67 39.94 29.32
C VAL G 163 7.67 40.70 30.21
N ARG G 164 6.71 41.39 29.60
CA ARG G 164 5.67 42.09 30.36
C ARG G 164 4.75 41.10 31.07
N GLU G 165 4.37 40.01 30.40
CA GLU G 165 3.36 39.11 30.92
C GLU G 165 3.93 37.92 31.68
N ALA G 166 5.24 37.64 31.56
CA ALA G 166 5.81 36.44 32.15
C ALA G 166 5.66 36.45 33.66
N LYS G 167 5.06 35.40 34.21
CA LYS G 167 4.80 35.27 35.63
C LYS G 167 5.72 34.26 36.32
N GLU G 168 6.66 33.67 35.60
CA GLU G 168 7.48 32.58 36.16
C GLU G 168 8.35 33.08 37.30
N HIS G 169 8.63 32.17 38.25
CA HIS G 169 9.39 32.55 39.44
C HIS G 169 10.85 32.83 39.11
N LEU G 170 11.44 32.02 38.25
CA LEU G 170 12.82 32.20 37.80
C LEU G 170 12.78 32.64 36.35
N LYS G 171 13.36 33.81 36.08
CA LYS G 171 13.33 34.39 34.74
C LYS G 171 14.76 34.56 34.25
N LEU G 172 15.09 33.88 33.16
CA LEU G 172 16.45 33.85 32.63
C LEU G 172 16.44 34.21 31.17
N ILE G 173 17.55 34.79 30.72
CA ILE G 173 17.76 35.10 29.31
C ILE G 173 19.21 34.74 28.98
N LEU G 174 19.39 33.93 27.93
CA LEU G 174 20.71 33.51 27.49
C LEU G 174 21.46 34.68 26.90
N HIS G 175 22.55 35.05 27.53
CA HIS G 175 23.33 36.21 27.14
C HIS G 175 24.68 36.13 27.84
N PRO G 176 25.79 36.38 27.13
CA PRO G 176 27.10 36.37 27.79
C PRO G 176 27.29 37.49 28.81
N ALA G 177 26.35 38.43 28.94
CA ALA G 177 26.51 39.54 29.87
C ALA G 177 26.61 39.04 31.31
N PHE G 178 27.73 39.38 31.96
CA PHE G 178 28.02 39.19 33.39
C PHE G 178 28.28 37.73 33.77
N SER G 179 28.21 36.79 32.82
CA SER G 179 28.83 35.46 32.95
C SER G 179 28.32 34.69 34.17
N LYS G 180 27.07 34.92 34.57
CA LYS G 180 26.48 34.09 35.61
C LYS G 180 26.13 32.73 35.03
N THR G 181 26.28 31.69 35.84
CA THR G 181 25.99 30.34 35.40
C THR G 181 24.82 29.78 36.20
N TRP G 182 24.50 28.51 35.93
CA TRP G 182 23.41 27.84 36.65
C TRP G 182 23.69 27.76 38.15
N ARG G 183 24.97 27.83 38.58
CA ARG G 183 25.29 27.80 40.00
C ARG G 183 24.84 29.05 40.74
N ASP G 184 24.67 30.17 40.02
CA ASP G 184 24.31 31.44 40.63
C ASP G 184 22.80 31.63 40.81
N TYR G 185 21.97 30.66 40.41
CA TYR G 185 20.53 30.86 40.44
C TYR G 185 19.81 29.72 41.15
N PRO G 186 18.64 30.02 41.73
CA PRO G 186 17.79 28.97 42.34
C PRO G 186 16.99 28.20 41.28
N VAL G 187 17.68 27.28 40.60
CA VAL G 187 17.04 26.46 39.57
C VAL G 187 16.27 25.37 40.29
N GLN G 188 14.97 25.58 40.47
CA GLN G 188 14.16 24.70 41.29
C GLN G 188 12.69 24.94 40.96
N PRO G 189 11.81 23.97 41.20
CA PRO G 189 10.38 24.17 41.04
C PRO G 189 9.90 25.43 41.74
N PRO G 190 8.73 25.99 41.35
CA PRO G 190 7.78 25.41 40.39
C PRO G 190 8.07 25.65 38.91
N ASP G 191 8.51 26.85 38.52
CA ASP G 191 8.59 27.18 37.10
C ASP G 191 9.85 27.99 36.79
N VAL G 192 10.18 27.99 35.49
CA VAL G 192 11.27 28.78 34.91
C VAL G 192 10.77 29.37 33.59
N ALA G 193 11.06 30.65 33.36
CA ALA G 193 10.97 31.26 32.05
C ALA G 193 12.37 31.44 31.47
N LEU G 194 12.56 31.00 30.23
CA LEU G 194 13.87 31.01 29.59
C LEU G 194 13.75 31.61 28.19
N ILE G 195 14.45 32.71 27.97
CA ILE G 195 14.46 33.41 26.68
C ILE G 195 15.75 33.08 25.96
N ILE G 196 15.63 32.73 24.67
CA ILE G 196 16.78 32.37 23.85
C ILE G 196 16.69 33.14 22.54
N GLY G 197 17.72 33.93 22.24
CA GLY G 197 17.70 34.86 21.15
C GLY G 197 18.02 34.21 19.82
N PRO G 198 17.77 34.96 18.75
CA PRO G 198 18.01 34.43 17.39
C PRO G 198 19.49 34.42 17.05
N GLU G 199 19.79 34.03 15.80
CA GLU G 199 21.18 33.96 15.35
C GLU G 199 21.90 35.29 15.56
N GLY G 200 21.25 36.40 15.25
CA GLY G 200 21.88 37.68 15.49
C GLY G 200 21.87 38.14 16.92
N GLY G 201 21.32 37.33 17.84
CA GLY G 201 21.23 37.72 19.23
C GLY G 201 20.34 38.93 19.47
N PHE G 202 20.41 39.44 20.71
CA PHE G 202 19.63 40.59 21.10
C PHE G 202 20.41 41.88 20.89
N SER G 203 19.67 42.98 20.81
CA SER G 203 20.23 44.31 20.61
C SER G 203 20.48 44.99 21.95
N ASP G 204 20.98 46.22 21.89
CA ASP G 204 21.07 47.06 23.08
C ASP G 204 19.72 47.18 23.77
N GLU G 205 18.73 47.75 23.08
CA GLU G 205 17.44 48.05 23.73
C GLU G 205 16.78 46.80 24.27
N GLU G 206 16.92 45.67 23.59
CA GLU G 206 16.26 44.46 24.05
C GLU G 206 16.80 43.98 25.39
N ILE G 207 18.12 44.11 25.60
CA ILE G 207 18.70 43.66 26.87
C ILE G 207 18.27 44.59 28.00
N ARG G 208 18.03 45.87 27.69
CA ARG G 208 17.45 46.76 28.69
C ARG G 208 16.02 46.35 29.01
N LEU G 209 15.22 46.13 27.97
CA LEU G 209 13.83 45.74 28.16
C LEU G 209 13.72 44.49 29.03
N THR G 210 14.59 43.50 28.82
CA THR G 210 14.43 42.21 29.47
C THR G 210 14.93 42.23 30.91
N SER G 211 16.09 42.85 31.17
CA SER G 211 16.56 42.96 32.56
C SER G 211 15.65 43.87 33.38
N GLY G 212 15.03 44.88 32.76
CA GLY G 212 14.07 45.72 33.45
C GLY G 212 12.79 45.03 33.87
N HIS G 213 12.52 43.84 33.31
CA HIS G 213 11.35 43.05 33.71
C HIS G 213 11.73 41.77 34.45
N GLY G 214 12.92 41.74 35.06
CA GLY G 214 13.29 40.67 35.97
C GLY G 214 14.10 39.54 35.37
N PHE G 215 14.33 39.52 34.06
CA PHE G 215 15.05 38.43 33.43
C PHE G 215 16.55 38.60 33.63
N LEU G 216 17.19 37.63 34.29
CA LEU G 216 18.56 37.58 34.75
C LEU G 216 19.46 36.85 33.74
N PRO G 217 20.68 37.36 33.50
CA PRO G 217 21.51 36.81 32.42
C PRO G 217 22.10 35.46 32.78
N LEU G 218 21.99 34.52 31.85
CA LEU G 218 22.60 33.21 31.99
C LEU G 218 23.66 33.05 30.91
N SER G 219 24.78 32.39 31.25
CA SER G 219 25.76 31.99 30.26
C SER G 219 25.87 30.47 30.23
N LEU G 220 26.39 29.98 29.11
CA LEU G 220 26.56 28.56 28.85
C LEU G 220 27.93 28.34 28.20
N GLY G 221 28.97 28.86 28.84
CA GLY G 221 30.33 28.61 28.43
C GLY G 221 30.91 29.64 27.48
N PRO G 222 32.19 29.49 27.14
CA PRO G 222 32.85 30.49 26.27
C PRO G 222 32.54 30.34 24.78
N ARG G 223 31.90 29.26 24.36
CA ARG G 223 31.65 29.00 22.95
C ARG G 223 30.26 29.50 22.54
N VAL G 224 30.20 30.10 21.36
CA VAL G 224 28.96 30.70 20.84
C VAL G 224 28.07 29.58 20.30
N LEU G 225 26.96 29.30 20.97
CA LEU G 225 26.09 28.23 20.53
C LEU G 225 25.09 28.69 19.48
N ARG G 226 24.71 27.76 18.61
CA ARG G 226 23.64 28.05 17.68
C ARG G 226 22.33 28.21 18.42
N THR G 227 21.41 28.95 17.80
CA THR G 227 20.09 29.20 18.41
C THR G 227 19.47 27.91 18.91
N GLU G 228 19.50 26.87 18.07
CA GLU G 228 18.81 25.64 18.38
C GLU G 228 19.61 24.79 19.35
N THR G 229 20.95 24.93 19.34
CA THR G 229 21.78 24.25 20.32
C THR G 229 21.59 24.86 21.70
N ALA G 230 21.37 26.17 21.75
CA ALA G 230 21.26 26.89 23.02
C ALA G 230 20.00 26.50 23.76
N ALA G 231 18.90 26.29 23.02
CA ALA G 231 17.67 25.81 23.66
C ALA G 231 17.90 24.45 24.32
N ILE G 232 18.41 23.48 23.56
CA ILE G 232 18.58 22.14 24.11
C ILE G 232 19.60 22.16 25.23
N THR G 233 20.75 22.84 25.01
CA THR G 233 21.78 22.90 26.04
C THR G 233 21.22 23.46 27.34
N ALA G 234 20.48 24.58 27.27
CA ALA G 234 19.98 25.21 28.48
C ALA G 234 18.90 24.36 29.17
N LEU G 235 17.98 23.76 28.40
CA LEU G 235 17.01 22.85 28.99
C LEU G 235 17.68 21.64 29.65
N SER G 236 18.78 21.16 29.07
CA SER G 236 19.54 20.06 29.68
C SER G 236 20.22 20.50 30.98
N VAL G 237 20.81 21.68 30.99
CA VAL G 237 21.50 22.14 32.19
C VAL G 237 20.50 22.51 33.27
N LEU G 238 19.37 23.11 32.89
CA LEU G 238 18.37 23.50 33.90
C LEU G 238 17.66 22.26 34.46
N GLN G 239 17.31 21.30 33.60
CA GLN G 239 16.75 20.04 34.08
C GLN G 239 17.75 19.29 34.97
N ALA G 240 19.04 19.36 34.64
CA ALA G 240 20.03 18.68 35.47
C ALA G 240 20.13 19.31 36.85
N ALA G 241 20.08 20.64 36.93
CA ALA G 241 20.27 21.29 38.22
C ALA G 241 19.02 21.27 39.07
N GLY G 242 17.83 21.41 38.47
CA GLY G 242 16.60 21.51 39.24
C GLY G 242 15.47 20.60 38.83
N GLY G 243 15.64 19.85 37.74
CA GLY G 243 14.60 18.92 37.29
C GLY G 243 14.97 17.46 37.49
N ASP G 244 14.56 16.60 36.56
CA ASP G 244 14.66 15.15 36.73
C ASP G 244 15.84 14.53 35.96
N LEU G 245 16.80 15.33 35.55
CA LEU G 245 18.04 14.78 34.98
C LEU G 245 19.12 14.66 36.06
N VAL H 4 28.75 43.21 14.94
CA VAL H 4 30.10 43.00 14.41
C VAL H 4 30.13 41.71 13.59
N ARG H 5 30.50 40.61 14.24
CA ARG H 5 30.54 39.26 13.65
C ARG H 5 31.52 39.19 12.48
N THR H 6 32.81 39.36 12.80
CA THR H 6 33.85 39.08 11.83
C THR H 6 33.84 37.61 11.50
N ILE H 7 33.72 37.28 10.22
CA ILE H 7 33.57 35.88 9.84
C ILE H 7 34.87 35.14 10.11
N ARG H 8 34.76 33.94 10.67
CA ARG H 8 35.90 33.12 11.04
C ARG H 8 36.15 32.06 9.98
N ILE H 9 37.43 31.84 9.66
CA ILE H 9 37.84 30.97 8.56
C ILE H 9 38.97 30.08 9.05
N TYR H 10 38.73 28.77 9.10
CA TYR H 10 39.77 27.80 9.41
C TYR H 10 40.74 27.69 8.24
N GLN H 11 42.03 27.95 8.52
CA GLN H 11 43.08 27.96 7.51
C GLN H 11 44.32 27.39 8.18
N PRO H 12 44.62 26.11 7.97
CA PRO H 12 45.82 25.52 8.57
C PRO H 12 47.08 26.11 7.96
N GLY H 13 48.18 26.02 8.72
CA GLY H 13 49.47 26.56 8.32
C GLY H 13 50.17 27.38 9.37
N GLU H 14 51.48 27.59 9.25
CA GLU H 14 52.28 28.29 10.25
C GLU H 14 52.62 29.71 9.82
N TYR H 15 51.67 30.41 9.21
CA TYR H 15 51.95 31.73 8.66
C TYR H 15 52.14 32.76 9.76
N GLN H 16 52.93 33.80 9.46
CA GLN H 16 53.31 34.77 10.48
C GLN H 16 52.80 36.17 10.12
N PRO H 17 52.76 37.12 11.08
CA PRO H 17 52.18 38.43 10.77
C PRO H 17 53.07 39.25 9.85
N GLY H 18 52.42 39.92 8.89
CA GLY H 18 53.12 40.58 7.80
C GLY H 18 53.23 39.75 6.54
N GLN H 19 52.81 38.48 6.58
CA GLN H 19 52.88 37.58 5.44
C GLN H 19 51.72 37.82 4.48
N LEU H 20 51.98 37.51 3.22
CA LEU H 20 50.93 37.36 2.21
C LEU H 20 50.58 35.88 2.13
N LEU H 21 49.37 35.53 2.48
CA LEU H 21 48.94 34.14 2.51
C LEU H 21 47.98 33.88 1.35
N GLU H 22 48.29 32.90 0.52
CA GLU H 22 47.30 32.39 -0.41
C GLU H 22 46.34 31.50 0.37
N LEU H 23 45.06 31.86 0.37
CA LEU H 23 44.07 31.05 1.05
C LEU H 23 43.93 29.70 0.34
N SER H 24 43.64 28.67 1.14
CA SER H 24 43.45 27.32 0.60
C SER H 24 42.28 27.30 -0.37
N PRO H 25 42.21 26.29 -1.24
CA PRO H 25 41.06 26.23 -2.18
C PRO H 25 39.71 26.27 -1.48
N GLU H 26 39.58 25.56 -0.36
CA GLU H 26 38.31 25.55 0.35
C GLU H 26 38.01 26.92 0.97
N ALA H 27 38.98 27.48 1.71
CA ALA H 27 38.79 28.82 2.26
C ALA H 27 38.65 29.86 1.16
N GLY H 28 39.42 29.71 0.08
CA GLY H 28 39.28 30.62 -1.04
C GLY H 28 37.88 30.62 -1.63
N GLN H 29 37.35 29.43 -1.94
CA GLN H 29 36.01 29.32 -2.48
C GLN H 29 34.99 29.91 -1.53
N HIS H 30 35.07 29.56 -0.24
CA HIS H 30 34.16 30.08 0.76
C HIS H 30 34.16 31.61 0.80
N VAL H 31 35.33 32.23 0.69
CA VAL H 31 35.42 33.68 0.89
C VAL H 31 35.11 34.43 -0.40
N GLY H 32 35.72 34.03 -1.52
CA GLY H 32 35.64 34.82 -2.74
C GLY H 32 34.44 34.53 -3.60
N VAL H 33 33.85 33.33 -3.48
CA VAL H 33 32.71 32.92 -4.29
C VAL H 33 31.44 32.95 -3.45
N VAL H 34 31.42 32.17 -2.38
CA VAL H 34 30.20 32.02 -1.57
C VAL H 34 29.81 33.34 -0.94
N LEU H 35 30.75 34.00 -0.28
CA LEU H 35 30.45 35.26 0.40
C LEU H 35 30.72 36.48 -0.46
N ARG H 36 31.33 36.31 -1.62
CA ARG H 36 31.57 37.40 -2.59
C ARG H 36 32.36 38.55 -1.98
N MET H 37 33.24 38.23 -1.02
CA MET H 37 34.07 39.26 -0.40
C MET H 37 35.16 39.73 -1.38
N GLU H 38 35.57 40.97 -1.21
CA GLU H 38 36.45 41.64 -2.16
C GLU H 38 37.67 42.20 -1.43
N GLN H 39 38.54 42.86 -2.20
CA GLN H 39 39.79 43.36 -1.64
C GLN H 39 39.51 44.32 -0.49
N GLY H 40 40.31 44.21 0.57
CA GLY H 40 40.24 45.11 1.69
C GLY H 40 39.27 44.72 2.78
N GLU H 41 38.57 43.61 2.66
CA GLU H 41 37.66 43.18 3.71
C GLU H 41 38.41 42.37 4.76
N GLN H 42 37.80 42.26 5.95
CA GLN H 42 38.45 41.73 7.13
C GLN H 42 38.05 40.28 7.38
N LEU H 43 39.05 39.42 7.59
CA LEU H 43 38.85 38.02 7.95
C LEU H 43 39.48 37.75 9.31
N THR H 44 38.92 36.77 10.03
CA THR H 44 39.60 36.20 11.19
C THR H 44 39.98 34.77 10.82
N LEU H 45 41.25 34.56 10.50
CA LEU H 45 41.75 33.21 10.27
C LEU H 45 42.12 32.57 11.61
N PHE H 46 41.91 31.26 11.70
CA PHE H 46 42.45 30.49 12.82
C PHE H 46 43.03 29.19 12.27
N ASN H 47 44.17 28.76 12.82
CA ASN H 47 44.95 27.65 12.25
C ASN H 47 44.84 26.36 13.05
N GLY H 48 43.99 26.33 14.10
CA GLY H 48 43.80 25.12 14.86
C GLY H 48 44.73 24.93 16.04
N ASP H 49 45.63 25.88 16.27
CA ASP H 49 46.57 25.86 17.39
C ASP H 49 46.21 26.94 18.43
N ASN H 50 44.92 27.28 18.52
CA ASN H 50 44.40 28.30 19.45
C ASN H 50 44.96 29.69 19.17
N LYS H 51 45.11 30.02 17.89
CA LYS H 51 45.51 31.36 17.49
C LYS H 51 44.46 31.96 16.55
N GLU H 52 44.26 33.26 16.68
CA GLU H 52 43.40 34.02 15.78
C GLU H 52 44.24 35.07 15.04
N PHE H 53 44.12 35.08 13.71
CA PHE H 53 44.87 36.00 12.86
C PHE H 53 43.89 36.98 12.22
N THR H 54 44.08 38.28 12.45
CA THR H 54 43.31 39.29 11.74
C THR H 54 43.98 39.61 10.42
N ALA H 55 43.21 39.55 9.34
CA ALA H 55 43.77 39.63 8.01
C ALA H 55 42.89 40.49 7.12
N SER H 56 43.47 40.90 5.99
CA SER H 56 42.77 41.62 4.93
C SER H 56 43.09 40.99 3.59
N ILE H 57 42.09 41.03 2.69
CA ILE H 57 42.24 40.53 1.32
C ILE H 57 42.94 41.58 0.47
N GLU H 58 43.98 41.17 -0.27
CA GLU H 58 44.68 42.06 -1.17
C GLU H 58 44.54 41.68 -2.64
N ARG H 59 44.14 40.45 -2.95
CA ARG H 59 44.02 40.01 -4.33
C ARG H 59 42.95 38.93 -4.42
N VAL H 60 42.16 38.98 -5.49
CA VAL H 60 41.24 37.90 -5.85
C VAL H 60 41.48 37.55 -7.32
N LYS H 61 42.53 36.77 -7.59
CA LYS H 61 42.80 36.25 -8.92
C LYS H 61 42.01 34.96 -9.09
N LYS H 62 40.82 35.07 -9.68
CA LYS H 62 39.93 33.94 -9.96
C LYS H 62 39.59 33.27 -8.62
N LYS H 63 39.76 31.95 -8.49
CA LYS H 63 39.38 31.25 -7.26
C LYS H 63 40.41 31.48 -6.14
N GLN H 64 41.68 31.63 -6.49
CA GLN H 64 42.71 31.93 -5.51
C GLN H 64 42.43 33.26 -4.80
N VAL H 65 42.38 33.22 -3.48
CA VAL H 65 42.26 34.42 -2.67
C VAL H 65 43.57 34.63 -1.90
N PHE H 66 44.02 35.87 -1.83
CA PHE H 66 45.26 36.23 -1.17
C PHE H 66 44.96 37.21 -0.05
N VAL H 67 45.55 36.97 1.13
CA VAL H 67 45.26 37.77 2.30
C VAL H 67 46.56 38.19 2.98
N ARG H 68 46.56 39.39 3.56
CA ARG H 68 47.71 39.93 4.28
C ARG H 68 47.50 39.74 5.78
N ILE H 69 48.41 39.01 6.42
CA ILE H 69 48.32 38.76 7.86
C ILE H 69 48.75 40.01 8.60
N ALA H 70 47.83 40.58 9.40
CA ALA H 70 48.07 41.81 10.14
C ALA H 70 48.63 41.53 11.54
N SER H 71 47.91 40.70 12.31
CA SER H 71 48.19 40.50 13.73
C SER H 71 47.82 39.08 14.11
N VAL H 72 48.50 38.56 15.15
CA VAL H 72 48.25 37.24 15.72
C VAL H 72 47.78 37.43 17.16
N LEU H 73 46.92 36.52 17.61
CA LEU H 73 46.35 36.61 18.94
C LEU H 73 46.20 35.21 19.52
N GLU H 74 46.53 35.07 20.80
CA GLU H 74 46.32 33.80 21.50
C GLU H 74 44.91 33.81 22.09
N VAL H 75 44.05 32.89 21.63
CA VAL H 75 42.64 32.85 22.00
C VAL H 75 42.21 31.39 22.09
N ASN H 76 41.94 30.92 23.30
CA ASN H 76 41.55 29.53 23.54
C ASN H 76 40.15 29.48 24.12
N ARG H 77 39.25 28.73 23.47
CA ARG H 77 37.91 28.51 24.00
C ARG H 77 37.65 27.04 24.30
N GLU H 78 38.70 26.26 24.52
CA GLU H 78 38.52 24.86 24.82
C GLU H 78 38.04 24.68 26.26
N SER H 79 37.38 23.55 26.49
CA SER H 79 36.93 23.20 27.82
C SER H 79 38.03 22.45 28.56
N PRO H 80 38.23 22.75 29.85
CA PRO H 80 39.20 21.95 30.64
C PRO H 80 38.79 20.50 30.74
N LEU H 81 37.48 20.23 30.74
CA LEU H 81 36.98 18.86 30.72
C LEU H 81 37.06 18.34 29.29
N LYS H 82 37.98 17.41 29.04
CA LYS H 82 38.22 16.86 27.70
C LYS H 82 37.33 15.65 27.49
N ILE H 83 36.24 15.83 26.76
CA ILE H 83 35.27 14.74 26.56
C ILE H 83 35.58 14.00 25.26
N HIS H 84 35.77 12.69 25.37
CA HIS H 84 35.91 11.81 24.22
C HIS H 84 34.55 11.13 24.00
N LEU H 85 33.84 11.54 22.94
CA LEU H 85 32.51 11.04 22.66
C LEU H 85 32.58 9.81 21.76
N ALA H 86 32.06 8.68 22.23
CA ALA H 86 32.01 7.46 21.43
C ALA H 86 30.56 7.28 20.99
N GLN H 87 30.25 7.70 19.77
CA GLN H 87 28.88 7.80 19.30
C GLN H 87 28.58 6.64 18.37
N ALA H 88 27.55 5.87 18.69
CA ALA H 88 27.07 4.84 17.79
C ALA H 88 26.58 5.47 16.48
N ILE H 89 26.97 4.86 15.38
CA ILE H 89 26.64 5.43 14.08
C ILE H 89 25.15 5.29 13.84
N SER H 90 24.51 6.40 13.50
CA SER H 90 23.09 6.51 13.22
C SER H 90 22.91 7.02 11.79
N LYS H 91 21.66 6.97 11.32
CA LYS H 91 21.35 7.27 9.92
C LYS H 91 21.46 8.77 9.63
N GLY H 92 22.26 9.11 8.61
CA GLY H 92 22.18 10.37 7.92
C GLY H 92 22.27 11.64 8.74
N GLU H 93 21.19 12.42 8.74
CA GLU H 93 21.23 13.72 9.39
C GLU H 93 21.39 13.61 10.90
N ARG H 94 21.13 12.43 11.48
CA ARG H 94 21.29 12.25 12.91
C ARG H 94 22.75 12.35 13.32
N MET H 95 23.65 11.66 12.60
CA MET H 95 25.08 11.69 12.92
C MET H 95 25.69 13.05 12.56
N GLU H 96 25.26 13.66 11.47
CA GLU H 96 25.75 14.99 11.14
C GLU H 96 25.43 15.98 12.24
N MET H 97 24.21 15.92 12.80
CA MET H 97 23.89 16.80 13.91
C MET H 97 24.77 16.51 15.12
N VAL H 98 25.07 15.24 15.38
CA VAL H 98 25.96 14.93 16.50
C VAL H 98 27.29 15.61 16.28
N MET H 99 27.79 15.58 15.04
CA MET H 99 29.08 16.21 14.74
C MET H 99 29.06 17.71 15.01
N GLN H 100 28.06 18.42 14.48
CA GLN H 100 28.03 19.86 14.67
C GLN H 100 27.87 20.22 16.15
N LYS H 101 26.94 19.56 16.85
CA LYS H 101 26.62 20.01 18.20
C LYS H 101 27.68 19.58 19.22
N SER H 102 28.25 18.38 19.05
CA SER H 102 29.32 17.98 19.95
C SER H 102 30.50 18.93 19.86
N ALA H 103 30.76 19.46 18.65
CA ALA H 103 31.82 20.46 18.48
C ALA H 103 31.48 21.75 19.22
N GLU H 104 30.26 22.29 19.00
CA GLU H 104 29.81 23.46 19.76
C GLU H 104 29.86 23.25 21.26
N LEU H 105 29.63 22.03 21.72
CA LEU H 105 29.66 21.76 23.15
C LEU H 105 31.06 21.36 23.63
N GLY H 106 32.07 21.59 22.81
CA GLY H 106 33.45 21.49 23.25
C GLY H 106 34.06 20.10 23.26
N VAL H 107 33.45 19.10 22.61
CA VAL H 107 33.99 17.76 22.63
C VAL H 107 35.46 17.78 22.19
N ALA H 108 36.27 16.91 22.81
CA ALA H 108 37.70 16.87 22.46
C ALA H 108 38.01 15.88 21.36
N CYS H 109 37.37 14.71 21.42
CA CYS H 109 37.64 13.62 20.51
C CYS H 109 36.33 12.88 20.24
N ILE H 110 36.16 12.40 19.01
CA ILE H 110 34.93 11.71 18.59
C ILE H 110 35.33 10.39 17.97
N THR H 111 34.84 9.28 18.53
CA THR H 111 35.02 8.00 17.88
C THR H 111 33.64 7.48 17.46
N PRO H 112 33.34 7.39 16.17
CA PRO H 112 32.10 6.71 15.73
C PRO H 112 32.17 5.21 15.99
N LEU H 113 31.09 4.67 16.58
CA LEU H 113 31.07 3.27 17.01
C LEU H 113 30.11 2.44 16.16
N ILE H 114 30.55 1.25 15.76
CA ILE H 114 29.67 0.24 15.18
C ILE H 114 29.20 -0.66 16.33
N THR H 115 27.93 -0.51 16.72
CA THR H 115 27.35 -1.35 17.76
C THR H 115 26.38 -2.37 17.15
N GLU H 116 25.88 -3.24 18.04
CA GLU H 116 25.09 -4.39 17.63
C GLU H 116 23.81 -3.98 16.90
N ARG H 117 23.09 -3.00 17.43
CA ARG H 117 21.82 -2.56 16.86
C ARG H 117 21.98 -1.36 15.93
N CYS H 118 23.15 -1.20 15.32
N CYS H 118 23.15 -1.23 15.29
CA CYS H 118 23.33 -0.10 14.37
CA CYS H 118 23.39 -0.18 14.31
C CYS H 118 22.57 -0.38 13.08
C CYS H 118 22.53 -0.41 13.07
N GLN H 119 21.94 0.67 12.55
CA GLN H 119 21.01 0.58 11.43
C GLN H 119 21.63 0.91 10.07
N VAL H 120 22.94 1.03 9.98
CA VAL H 120 23.54 1.49 8.73
C VAL H 120 24.38 0.35 8.15
N LYS H 121 24.70 0.45 6.87
CA LYS H 121 25.56 -0.53 6.23
C LYS H 121 27.02 -0.20 6.55
N ILE H 122 27.76 -1.19 7.01
CA ILE H 122 29.19 -1.03 7.23
C ILE H 122 29.88 -1.42 5.94
N ASP H 123 30.58 -0.45 5.37
CA ASP H 123 31.07 -0.45 4.01
C ASP H 123 32.28 0.45 4.06
N LYS H 124 33.43 -0.01 3.54
CA LYS H 124 34.60 0.86 3.53
C LYS H 124 34.32 2.15 2.76
N GLU H 125 33.57 2.04 1.65
CA GLU H 125 33.27 3.21 0.85
C GLU H 125 32.37 4.18 1.60
N LYS H 126 31.35 3.66 2.28
CA LYS H 126 30.44 4.52 3.02
C LYS H 126 31.15 5.18 4.20
N MET H 127 31.91 4.40 4.97
CA MET H 127 32.66 4.99 6.08
C MET H 127 33.61 6.07 5.58
N ALA H 128 34.37 5.76 4.53
CA ALA H 128 35.24 6.77 3.91
C ALA H 128 34.46 8.04 3.58
N LYS H 129 33.32 7.88 2.89
CA LYS H 129 32.55 9.04 2.45
C LYS H 129 31.99 9.84 3.63
N LYS H 130 31.47 9.14 4.65
CA LYS H 130 30.90 9.84 5.80
C LYS H 130 31.97 10.63 6.57
N MET H 131 33.13 10.02 6.80
CA MET H 131 34.21 10.69 7.54
C MET H 131 34.53 12.05 6.94
N HIS H 132 34.57 12.10 5.61
CA HIS H 132 34.78 13.36 4.89
C HIS H 132 33.72 14.39 5.29
N GLN H 133 32.44 14.01 5.23
N GLN H 133 32.45 13.99 5.20
CA GLN H 133 31.39 14.96 5.60
CA GLN H 133 31.33 14.85 5.59
C GLN H 133 31.41 15.29 7.08
C GLN H 133 31.43 15.27 7.06
N TRP H 134 31.70 14.31 7.94
CA TRP H 134 31.72 14.59 9.38
C TRP H 134 32.77 15.64 9.74
N LEU H 135 34.02 15.44 9.29
CA LEU H 135 35.05 16.44 9.57
C LEU H 135 34.66 17.81 9.04
N ASN H 136 34.19 17.83 7.78
CA ASN H 136 33.69 19.07 7.18
C ASN H 136 32.74 19.79 8.13
N ILE H 137 31.85 19.04 8.79
CA ILE H 137 30.86 19.64 9.65
C ILE H 137 31.49 20.13 10.94
N ILE H 138 32.41 19.36 11.50
CA ILE H 138 33.17 19.77 12.69
C ILE H 138 33.90 21.08 12.43
N ILE H 139 34.54 21.22 11.26
CA ILE H 139 35.28 22.45 10.96
C ILE H 139 34.31 23.62 10.84
N GLY H 140 33.18 23.43 10.15
CA GLY H 140 32.16 24.45 10.09
C GLY H 140 31.69 24.93 11.46
N ALA H 141 31.52 24.01 12.41
CA ALA H 141 31.03 24.40 13.73
C ALA H 141 32.10 25.14 14.53
N CYS H 142 33.37 24.73 14.42
CA CYS H 142 34.44 25.50 15.05
C CYS H 142 34.51 26.92 14.52
N GLU H 143 34.35 27.09 13.20
CA GLU H 143 34.23 28.42 12.62
C GLU H 143 33.05 29.17 13.23
N GLN H 144 31.95 28.45 13.49
CA GLN H 144 30.72 29.08 13.95
C GLN H 144 30.82 29.50 15.41
N CYS H 145 31.29 28.60 16.27
CA CYS H 145 31.17 28.78 17.71
C CYS H 145 32.41 29.41 18.32
N GLY H 146 33.46 29.65 17.53
CA GLY H 146 34.62 30.34 18.03
C GLY H 146 35.70 29.45 18.60
N ARG H 147 35.64 28.15 18.34
CA ARG H 147 36.71 27.25 18.77
C ARG H 147 37.89 27.38 17.82
N ASN H 148 39.08 27.53 18.41
CA ASN H 148 40.29 27.76 17.63
C ASN H 148 41.16 26.51 17.58
N GLN H 149 40.53 25.36 17.84
CA GLN H 149 41.13 24.04 17.80
C GLN H 149 40.05 23.06 17.34
N ILE H 150 40.44 22.13 16.48
CA ILE H 150 39.53 21.18 15.88
C ILE H 150 39.55 19.91 16.71
N PRO H 151 38.39 19.37 17.13
CA PRO H 151 38.41 18.09 17.83
C PRO H 151 38.92 16.98 16.93
N GLU H 152 39.54 15.98 17.54
CA GLU H 152 39.97 14.81 16.79
C GLU H 152 38.75 13.96 16.42
N LEU H 153 38.69 13.56 15.15
CA LEU H 153 37.69 12.62 14.65
C LEU H 153 38.41 11.32 14.30
N ARG H 154 37.94 10.21 14.85
CA ARG H 154 38.68 8.96 14.67
C ARG H 154 37.98 8.03 13.70
N GLN H 155 38.75 7.11 13.13
CA GLN H 155 38.20 6.03 12.31
C GLN H 155 37.16 5.26 13.11
N PRO H 156 36.02 4.93 12.53
CA PRO H 156 35.02 4.15 13.28
C PRO H 156 35.55 2.77 13.67
N VAL H 157 35.30 2.37 14.91
CA VAL H 157 35.65 1.03 15.38
C VAL H 157 34.41 0.36 15.96
N TYR H 158 34.53 -0.95 16.19
CA TYR H 158 33.49 -1.68 16.90
C TYR H 158 33.61 -1.45 18.40
N LEU H 159 32.48 -1.60 19.09
CA LEU H 159 32.40 -1.32 20.52
C LEU H 159 33.48 -2.08 21.31
N ASP H 160 33.72 -3.36 20.99
CA ASP H 160 34.72 -4.12 21.74
C ASP H 160 36.10 -3.46 21.66
N GLN H 161 36.48 -2.93 20.49
CA GLN H 161 37.78 -2.29 20.39
C GLN H 161 37.82 -0.98 21.17
N PHE H 162 36.75 -0.17 21.10
CA PHE H 162 36.78 1.09 21.82
C PHE H 162 36.84 0.90 23.34
N VAL H 163 36.06 -0.05 23.85
CA VAL H 163 36.02 -0.32 25.29
C VAL H 163 37.37 -0.87 25.76
N ARG H 164 38.06 -1.60 24.88
CA ARG H 164 39.35 -2.21 25.17
C ARG H 164 40.45 -1.18 25.35
N GLU H 165 40.42 -0.12 24.56
CA GLU H 165 41.56 0.77 24.38
C GLU H 165 41.31 2.14 24.97
N ALA H 166 40.11 2.39 25.50
CA ALA H 166 39.84 3.65 26.17
C ALA H 166 40.71 3.77 27.42
N LYS H 167 41.32 4.94 27.60
CA LYS H 167 42.18 5.14 28.75
C LYS H 167 41.75 6.35 29.57
N GLU H 168 40.62 6.97 29.23
CA GLU H 168 40.17 8.14 29.97
C GLU H 168 39.92 7.80 31.44
N HIS H 169 40.05 8.82 32.29
CA HIS H 169 40.03 8.60 33.74
C HIS H 169 38.62 8.27 34.26
N LEU H 170 37.58 8.81 33.62
CA LEU H 170 36.20 8.52 33.95
C LEU H 170 35.52 7.97 32.71
N LYS H 171 34.80 6.86 32.86
CA LYS H 171 34.23 6.14 31.75
C LYS H 171 32.75 5.91 32.01
N LEU H 172 31.90 6.54 31.20
CA LEU H 172 30.46 6.46 31.36
C LEU H 172 29.82 5.84 30.12
N ILE H 173 28.66 5.23 30.33
CA ILE H 173 27.84 4.71 29.24
C ILE H 173 26.38 5.08 29.53
N LEU H 174 25.71 5.64 28.53
CA LEU H 174 24.33 6.08 28.68
C LEU H 174 23.38 4.93 28.40
N HIS H 175 22.49 4.65 29.35
CA HIS H 175 21.43 3.67 29.15
C HIS H 175 20.17 4.10 29.89
N PRO H 176 19.04 4.26 29.21
CA PRO H 176 17.82 4.73 29.90
C PRO H 176 17.41 3.89 31.10
N ALA H 177 17.81 2.61 31.17
CA ALA H 177 17.42 1.75 32.28
C ALA H 177 18.18 2.06 33.57
N PHE H 178 19.30 2.76 33.48
CA PHE H 178 20.13 3.04 34.64
C PHE H 178 19.45 4.03 35.59
N SER H 179 19.97 4.08 36.82
CA SER H 179 19.47 4.98 37.86
C SER H 179 20.44 6.07 38.25
N LYS H 180 21.75 5.81 38.15
CA LYS H 180 22.74 6.79 38.61
C LYS H 180 22.79 7.98 37.66
N THR H 181 22.85 9.18 38.23
CA THR H 181 22.86 10.41 37.47
C THR H 181 24.27 10.99 37.46
N TRP H 182 24.40 12.26 37.06
CA TRP H 182 25.70 12.89 37.04
C TRP H 182 26.20 13.21 38.46
N ARG H 183 25.31 13.30 39.45
CA ARG H 183 25.73 13.58 40.81
C ARG H 183 26.58 12.48 41.40
N ASP H 184 26.45 11.26 40.88
CA ASP H 184 27.15 10.11 41.43
C ASP H 184 28.61 10.01 40.99
N TYR H 185 29.05 10.84 40.05
CA TYR H 185 30.39 10.59 39.56
C TYR H 185 31.29 11.79 39.77
N PRO H 186 32.61 11.58 39.84
CA PRO H 186 33.53 12.72 39.90
C PRO H 186 33.76 13.30 38.51
N VAL H 187 32.75 14.00 38.00
CA VAL H 187 32.84 14.65 36.69
C VAL H 187 33.74 15.86 36.82
N GLN H 188 34.97 15.75 36.31
CA GLN H 188 35.98 16.80 36.47
C GLN H 188 37.16 16.47 35.57
N PRO H 189 38.01 17.45 35.26
CA PRO H 189 39.21 17.17 34.44
C PRO H 189 40.02 16.03 35.03
N PRO H 190 40.86 15.38 34.22
CA PRO H 190 41.14 15.77 32.83
C PRO H 190 40.10 15.36 31.77
N ASP H 191 39.70 14.09 31.72
CA ASP H 191 38.98 13.61 30.56
C ASP H 191 37.87 12.63 30.94
N VAL H 192 36.93 12.47 30.00
CA VAL H 192 35.80 11.56 30.13
C VAL H 192 35.63 10.79 28.83
N ALA H 193 35.33 9.50 28.94
CA ALA H 193 34.84 8.68 27.83
C ALA H 193 33.34 8.49 28.01
N LEU H 194 32.60 8.67 26.92
CA LEU H 194 31.14 8.73 26.97
C LEU H 194 30.58 7.94 25.81
N ILE H 195 29.83 6.88 26.12
CA ILE H 195 29.32 5.94 25.11
C ILE H 195 27.81 6.14 24.99
N ILE H 196 27.38 6.41 23.77
CA ILE H 196 25.98 6.67 23.45
C ILE H 196 25.54 5.67 22.38
N GLY H 197 24.38 5.04 22.60
CA GLY H 197 23.96 3.95 21.75
C GLY H 197 23.14 4.42 20.56
N PRO H 198 22.86 3.51 19.60
CA PRO H 198 22.09 3.91 18.40
C PRO H 198 20.61 4.00 18.68
N GLU H 199 19.82 4.23 17.62
CA GLU H 199 18.36 4.32 17.74
C GLU H 199 17.78 3.13 18.49
N GLY H 200 18.37 1.94 18.29
CA GLY H 200 17.91 0.71 18.93
C GLY H 200 18.44 0.44 20.32
N GLY H 201 19.30 1.32 20.85
CA GLY H 201 19.83 1.13 22.19
C GLY H 201 20.95 0.10 22.24
N PHE H 202 21.37 -0.20 23.47
CA PHE H 202 22.40 -1.19 23.70
C PHE H 202 21.78 -2.53 24.04
N SER H 203 22.49 -3.58 23.65
CA SER H 203 22.17 -4.95 24.01
C SER H 203 22.66 -5.26 25.41
N ASP H 204 21.97 -6.17 26.09
CA ASP H 204 22.37 -6.60 27.42
C ASP H 204 23.81 -7.06 27.46
N GLU H 205 24.25 -7.80 26.45
CA GLU H 205 25.62 -8.28 26.39
C GLU H 205 26.59 -7.12 26.14
N GLU H 206 26.14 -6.08 25.44
CA GLU H 206 26.97 -4.91 25.20
C GLU H 206 27.15 -4.09 26.48
N ILE H 207 26.12 -4.02 27.32
CA ILE H 207 26.22 -3.39 28.63
C ILE H 207 27.15 -4.21 29.54
N ARG H 208 27.10 -5.54 29.40
CA ARG H 208 27.99 -6.42 30.12
C ARG H 208 29.43 -6.26 29.65
N LEU H 209 29.62 -6.14 28.33
CA LEU H 209 30.96 -5.92 27.78
C LEU H 209 31.55 -4.61 28.30
N THR H 210 30.76 -3.52 28.26
CA THR H 210 31.29 -2.24 28.67
C THR H 210 31.58 -2.21 30.17
N SER H 211 30.70 -2.80 30.99
CA SER H 211 30.90 -2.77 32.44
C SER H 211 32.20 -3.46 32.83
N GLY H 212 32.55 -4.54 32.12
CA GLY H 212 33.83 -5.20 32.34
C GLY H 212 35.06 -4.32 32.13
N HIS H 213 34.94 -3.24 31.37
CA HIS H 213 36.07 -2.34 31.16
C HIS H 213 35.93 -1.03 31.92
N GLY H 214 35.14 -1.00 32.98
CA GLY H 214 35.05 0.15 33.85
C GLY H 214 34.05 1.21 33.45
N PHE H 215 33.27 0.98 32.39
CA PHE H 215 32.29 1.96 31.98
C PHE H 215 31.10 1.88 32.93
N LEU H 216 30.86 2.99 33.65
CA LEU H 216 29.96 3.36 34.72
C LEU H 216 28.60 3.82 34.17
N PRO H 217 27.52 3.35 34.79
CA PRO H 217 26.18 3.62 34.28
C PRO H 217 25.75 5.08 34.47
N LEU H 218 25.10 5.64 33.45
CA LEU H 218 24.61 7.02 33.48
C LEU H 218 23.21 7.10 32.88
N SER H 219 22.31 7.76 33.61
CA SER H 219 20.97 8.09 33.13
C SER H 219 20.89 9.57 32.80
N LEU H 220 19.87 9.92 32.00
CA LEU H 220 19.60 11.32 31.66
C LEU H 220 18.08 11.58 31.66
N GLY H 221 17.43 11.30 32.80
CA GLY H 221 16.02 11.58 32.97
C GLY H 221 15.10 10.43 32.61
N PRO H 222 13.78 10.64 32.74
CA PRO H 222 12.82 9.54 32.53
C PRO H 222 12.37 9.36 31.09
N ARG H 223 12.61 10.35 30.25
CA ARG H 223 12.19 10.32 28.86
C ARG H 223 13.32 9.78 27.99
N VAL H 224 12.92 9.08 26.93
CA VAL H 224 13.87 8.46 26.01
C VAL H 224 14.26 9.50 24.98
N LEU H 225 15.52 9.91 25.02
CA LEU H 225 16.04 10.87 24.06
C LEU H 225 16.45 10.15 22.78
N ARG H 226 16.22 10.82 21.65
CA ARG H 226 16.81 10.35 20.41
C ARG H 226 18.33 10.28 20.55
N THR H 227 18.94 9.45 19.68
CA THR H 227 20.39 9.24 19.70
C THR H 227 21.14 10.56 19.63
N GLU H 228 20.75 11.45 18.72
CA GLU H 228 21.47 12.71 18.59
C GLU H 228 21.17 13.67 19.73
N THR H 229 20.00 13.53 20.38
CA THR H 229 19.67 14.34 21.55
C THR H 229 20.51 13.95 22.76
N ALA H 230 20.66 12.66 23.01
CA ALA H 230 21.43 12.22 24.17
C ALA H 230 22.86 12.75 24.12
N ALA H 231 23.44 12.86 22.93
CA ALA H 231 24.77 13.45 22.78
C ALA H 231 24.78 14.91 23.22
N ILE H 232 23.89 15.72 22.63
CA ILE H 232 23.76 17.13 23.03
C ILE H 232 23.57 17.24 24.53
N THR H 233 22.60 16.47 25.06
CA THR H 233 22.21 16.57 26.46
C THR H 233 23.31 16.09 27.39
N ALA H 234 23.97 14.97 27.07
CA ALA H 234 25.01 14.46 27.94
C ALA H 234 26.24 15.37 27.95
N LEU H 235 26.67 15.84 26.78
CA LEU H 235 27.78 16.78 26.78
C LEU H 235 27.46 18.03 27.59
N SER H 236 26.23 18.55 27.48
CA SER H 236 25.86 19.76 28.19
C SER H 236 25.90 19.53 29.70
N VAL H 237 25.36 18.40 30.15
CA VAL H 237 25.29 18.12 31.58
C VAL H 237 26.70 17.91 32.16
N LEU H 238 27.55 17.18 31.44
CA LEU H 238 28.89 16.93 31.95
C LEU H 238 29.74 18.19 31.94
N GLN H 239 29.60 19.02 30.88
CA GLN H 239 30.30 20.30 30.85
C GLN H 239 29.82 21.22 31.96
N ALA H 240 28.53 21.19 32.29
CA ALA H 240 28.02 21.99 33.40
C ALA H 240 28.40 21.42 34.77
N ALA H 241 28.70 20.13 34.86
CA ALA H 241 29.06 19.54 36.13
C ALA H 241 30.54 19.79 36.47
N GLY H 242 31.44 19.41 35.56
CA GLY H 242 32.85 19.58 35.80
C GLY H 242 33.64 20.18 34.65
N GLY H 243 32.96 20.94 33.78
CA GLY H 243 33.62 21.65 32.69
C GLY H 243 33.49 23.16 32.79
N ASP H 244 33.16 23.82 31.68
CA ASP H 244 33.08 25.29 31.69
C ASP H 244 31.69 25.82 31.39
N LEU H 245 30.64 25.02 31.57
CA LEU H 245 29.30 25.56 31.35
C LEU H 245 28.79 26.21 32.64
#